data_2COP
#
_entry.id   2COP
#
_entity_poly.entity_id   1
_entity_poly.type   'polypeptide(L)'
_entity_poly.pdbx_seq_one_letter_code
;GSSGSSGLAELFEKAAAHLQGLIQVASREQLLYLYARYKQVKVGNCNTPKPSFFDFEGKQKWEAWKALGDSSPSQAMQEY
IAVVKKLDPGWNPQIPEKKGKEASGPSSG
;
_entity_poly.pdbx_strand_id   A
#
# COMPACT_ATOMS: atom_id res chain seq x y z
N GLY A 1 -10.07 16.80 -16.31
CA GLY A 1 -10.93 16.24 -17.34
C GLY A 1 -10.91 14.72 -17.35
N SER A 2 -9.73 14.14 -17.59
CA SER A 2 -9.57 12.70 -17.64
C SER A 2 -8.67 12.22 -16.51
N SER A 3 -8.52 10.90 -16.40
CA SER A 3 -7.69 10.31 -15.36
C SER A 3 -6.35 11.05 -15.25
N GLY A 4 -5.68 10.88 -14.12
CA GLY A 4 -4.41 11.54 -13.90
C GLY A 4 -3.23 10.67 -14.29
N SER A 5 -2.12 11.29 -14.68
CA SER A 5 -0.93 10.57 -15.08
C SER A 5 0.19 10.75 -14.06
N SER A 6 -0.19 10.80 -12.78
CA SER A 6 0.78 10.97 -11.70
C SER A 6 1.51 9.66 -11.42
N GLY A 7 2.66 9.76 -10.77
CA GLY A 7 3.44 8.58 -10.44
C GLY A 7 2.65 7.57 -9.65
N LEU A 8 3.09 6.31 -9.68
CA LEU A 8 2.41 5.24 -8.96
C LEU A 8 3.02 5.05 -7.58
N ALA A 9 4.33 4.80 -7.54
CA ALA A 9 5.03 4.59 -6.28
C ALA A 9 4.70 5.69 -5.28
N GLU A 10 4.92 6.95 -5.68
CA GLU A 10 4.63 8.09 -4.82
C GLU A 10 3.40 7.82 -3.96
N LEU A 11 2.35 7.30 -4.59
CA LEU A 11 1.12 7.01 -3.87
C LEU A 11 1.32 5.88 -2.86
N PHE A 12 1.90 4.78 -3.32
CA PHE A 12 2.16 3.63 -2.45
C PHE A 12 2.80 4.07 -1.14
N GLU A 13 3.58 5.15 -1.21
CA GLU A 13 4.25 5.67 -0.03
C GLU A 13 3.26 6.33 0.93
N LYS A 14 2.42 7.20 0.39
CA LYS A 14 1.42 7.90 1.19
C LYS A 14 0.43 6.91 1.79
N ALA A 15 -0.25 6.15 0.93
CA ALA A 15 -1.22 5.17 1.38
C ALA A 15 -0.69 4.37 2.58
N ALA A 16 0.52 3.85 2.44
CA ALA A 16 1.15 3.07 3.50
C ALA A 16 0.97 3.76 4.85
N ALA A 17 1.24 5.05 4.90
CA ALA A 17 1.12 5.82 6.13
C ALA A 17 -0.34 5.88 6.60
N HIS A 18 -1.26 5.85 5.64
CA HIS A 18 -2.68 5.89 5.95
C HIS A 18 -3.15 4.56 6.55
N LEU A 19 -2.54 3.47 6.11
CA LEU A 19 -2.88 2.15 6.60
C LEU A 19 -3.03 2.14 8.12
N GLN A 20 -2.00 2.61 8.80
CA GLN A 20 -2.01 2.66 10.26
C GLN A 20 -3.23 3.44 10.77
N GLY A 21 -3.72 4.37 9.93
CA GLY A 21 -4.87 5.16 10.32
C GLY A 21 -6.18 4.53 9.87
N LEU A 22 -6.09 3.54 9.00
CA LEU A 22 -7.28 2.86 8.50
C LEU A 22 -7.36 1.43 9.03
N ILE A 23 -6.62 1.18 10.12
CA ILE A 23 -6.62 -0.14 10.74
C ILE A 23 -7.98 -0.48 11.34
N GLN A 24 -8.62 0.53 11.95
CA GLN A 24 -9.93 0.33 12.57
C GLN A 24 -10.99 0.06 11.50
N VAL A 25 -10.76 0.57 10.29
CA VAL A 25 -11.69 0.38 9.19
C VAL A 25 -11.29 -0.79 8.31
N ALA A 26 -10.07 -1.29 8.52
CA ALA A 26 -9.56 -2.42 7.75
C ALA A 26 -9.76 -3.74 8.50
N SER A 27 -10.36 -4.71 7.82
CA SER A 27 -10.62 -6.01 8.43
C SER A 27 -9.35 -6.87 8.42
N ARG A 28 -9.31 -7.86 9.31
CA ARG A 28 -8.16 -8.75 9.41
C ARG A 28 -7.62 -9.09 8.02
N GLU A 29 -8.50 -9.57 7.15
CA GLU A 29 -8.10 -9.95 5.79
C GLU A 29 -7.53 -8.74 5.05
N GLN A 30 -8.17 -7.58 5.22
CA GLN A 30 -7.72 -6.36 4.56
C GLN A 30 -6.28 -6.03 4.94
N LEU A 31 -5.93 -6.27 6.21
CA LEU A 31 -4.58 -6.00 6.69
C LEU A 31 -3.55 -6.82 5.92
N LEU A 32 -3.87 -8.08 5.68
CA LEU A 32 -2.98 -8.97 4.94
C LEU A 32 -2.93 -8.61 3.47
N TYR A 33 -4.10 -8.48 2.85
CA TYR A 33 -4.19 -8.12 1.45
C TYR A 33 -3.13 -7.09 1.06
N LEU A 34 -2.91 -6.12 1.96
CA LEU A 34 -1.93 -5.08 1.72
C LEU A 34 -0.53 -5.57 2.01
N TYR A 35 -0.41 -6.45 3.00
CA TYR A 35 0.89 -7.01 3.38
C TYR A 35 1.51 -7.79 2.22
N ALA A 36 0.80 -8.82 1.78
CA ALA A 36 1.28 -9.64 0.67
C ALA A 36 1.86 -8.79 -0.45
N ARG A 37 1.00 -7.97 -1.05
CA ARG A 37 1.42 -7.09 -2.15
C ARG A 37 2.58 -6.21 -1.71
N TYR A 38 2.47 -5.66 -0.51
CA TYR A 38 3.51 -4.78 0.02
C TYR A 38 4.85 -5.50 0.10
N LYS A 39 4.80 -6.83 0.23
CA LYS A 39 6.00 -7.64 0.30
C LYS A 39 6.51 -7.99 -1.09
N GLN A 40 5.61 -8.03 -2.05
CA GLN A 40 5.98 -8.36 -3.43
C GLN A 40 6.60 -7.15 -4.12
N VAL A 41 6.28 -5.96 -3.62
CA VAL A 41 6.81 -4.72 -4.20
C VAL A 41 8.14 -4.35 -3.56
N LYS A 42 8.31 -4.72 -2.29
CA LYS A 42 9.54 -4.42 -1.56
C LYS A 42 10.57 -5.52 -1.79
N VAL A 43 10.17 -6.77 -1.61
CA VAL A 43 11.06 -7.90 -1.80
C VAL A 43 10.90 -8.50 -3.19
N GLY A 44 9.73 -9.06 -3.45
CA GLY A 44 9.47 -9.66 -4.75
C GLY A 44 9.05 -11.11 -4.63
N ASN A 45 9.81 -11.99 -5.30
CA ASN A 45 9.53 -13.42 -5.27
C ASN A 45 9.62 -13.97 -3.85
N CYS A 46 8.58 -14.67 -3.43
CA CYS A 46 8.54 -15.25 -2.08
C CYS A 46 9.92 -15.76 -1.67
N ASN A 47 10.54 -16.54 -2.54
CA ASN A 47 11.86 -17.09 -2.27
C ASN A 47 12.02 -17.42 -0.79
N THR A 48 10.94 -17.86 -0.17
CA THR A 48 10.95 -18.20 1.25
C THR A 48 10.24 -19.52 1.50
N PRO A 49 10.71 -20.28 2.51
CA PRO A 49 10.13 -21.57 2.88
C PRO A 49 8.74 -21.43 3.50
N LYS A 50 7.87 -22.37 3.19
CA LYS A 50 6.50 -22.35 3.71
C LYS A 50 6.51 -22.48 5.23
N PRO A 51 5.64 -21.70 5.89
CA PRO A 51 5.52 -21.70 7.36
C PRO A 51 4.92 -23.00 7.89
N SER A 52 5.01 -23.20 9.20
CA SER A 52 4.48 -24.39 9.84
C SER A 52 2.96 -24.43 9.72
N PHE A 53 2.41 -25.65 9.72
CA PHE A 53 0.96 -25.83 9.62
C PHE A 53 0.25 -25.20 10.81
N PHE A 54 0.73 -25.51 12.02
CA PHE A 54 0.14 -24.97 13.23
C PHE A 54 0.17 -23.44 13.22
N ASP A 55 1.28 -22.89 12.77
CA ASP A 55 1.44 -21.43 12.71
C ASP A 55 0.52 -20.83 11.65
N PHE A 56 -0.76 -20.68 11.99
CA PHE A 56 -1.74 -20.12 11.07
C PHE A 56 -1.42 -18.66 10.77
N GLU A 57 -1.44 -17.84 11.81
CA GLU A 57 -1.16 -16.41 11.65
C GLU A 57 -0.11 -16.18 10.58
N GLY A 58 1.05 -16.83 10.73
CA GLY A 58 2.12 -16.69 9.77
C GLY A 58 1.82 -17.38 8.46
N LYS A 59 1.03 -18.44 8.52
CA LYS A 59 0.66 -19.19 7.32
C LYS A 59 0.00 -18.29 6.29
N GLN A 60 -1.13 -17.70 6.67
CA GLN A 60 -1.85 -16.80 5.76
C GLN A 60 -0.91 -15.82 5.10
N LYS A 61 -0.07 -15.17 5.90
CA LYS A 61 0.88 -14.20 5.39
C LYS A 61 1.67 -14.78 4.21
N TRP A 62 2.45 -15.82 4.48
CA TRP A 62 3.25 -16.47 3.44
C TRP A 62 2.40 -16.80 2.23
N GLU A 63 1.19 -17.31 2.48
CA GLU A 63 0.28 -17.66 1.40
C GLU A 63 -0.01 -16.47 0.50
N ALA A 64 -0.68 -15.46 1.06
CA ALA A 64 -1.02 -14.26 0.32
C ALA A 64 0.18 -13.73 -0.44
N TRP A 65 1.32 -13.67 0.23
CA TRP A 65 2.55 -13.18 -0.39
C TRP A 65 3.14 -14.22 -1.34
N LYS A 66 2.80 -15.48 -1.11
CA LYS A 66 3.29 -16.58 -1.94
C LYS A 66 2.57 -16.59 -3.29
N ALA A 67 1.27 -16.36 -3.27
CA ALA A 67 0.48 -16.34 -4.50
C ALA A 67 1.08 -15.40 -5.53
N LEU A 68 1.81 -14.39 -5.04
CA LEU A 68 2.43 -13.41 -5.92
C LEU A 68 3.78 -13.93 -6.43
N GLY A 69 3.77 -15.10 -7.04
CA GLY A 69 4.99 -15.68 -7.57
C GLY A 69 5.91 -14.65 -8.16
N ASP A 70 5.61 -14.21 -9.38
CA ASP A 70 6.43 -13.21 -10.06
C ASP A 70 5.58 -12.01 -10.48
N SER A 71 4.82 -11.47 -9.53
CA SER A 71 3.97 -10.32 -9.81
C SER A 71 4.77 -9.02 -9.80
N SER A 72 4.33 -8.06 -10.61
CA SER A 72 5.01 -6.78 -10.69
C SER A 72 4.75 -5.93 -9.46
N PRO A 73 5.65 -4.98 -9.19
CA PRO A 73 5.54 -4.08 -8.03
C PRO A 73 4.39 -3.10 -8.18
N SER A 74 4.35 -2.41 -9.31
CA SER A 74 3.29 -1.42 -9.58
C SER A 74 1.92 -2.07 -9.48
N GLN A 75 1.78 -3.24 -10.09
CA GLN A 75 0.51 -3.97 -10.08
C GLN A 75 0.08 -4.28 -8.65
N ALA A 76 1.05 -4.35 -7.75
CA ALA A 76 0.77 -4.64 -6.35
C ALA A 76 0.42 -3.37 -5.58
N MET A 77 0.94 -2.25 -6.05
CA MET A 77 0.68 -0.96 -5.41
C MET A 77 -0.69 -0.42 -5.79
N GLN A 78 -1.13 -0.73 -7.01
CA GLN A 78 -2.43 -0.28 -7.49
C GLN A 78 -3.55 -0.77 -6.57
N GLU A 79 -3.57 -2.07 -6.31
CA GLU A 79 -4.59 -2.66 -5.45
C GLU A 79 -4.35 -2.28 -3.99
N TYR A 80 -3.08 -2.14 -3.62
CA TYR A 80 -2.72 -1.79 -2.26
C TYR A 80 -3.22 -0.40 -1.90
N ILE A 81 -3.41 0.44 -2.90
CA ILE A 81 -3.89 1.80 -2.69
C ILE A 81 -5.41 1.86 -2.76
N ALA A 82 -5.96 1.58 -3.93
CA ALA A 82 -7.40 1.60 -4.14
C ALA A 82 -8.13 1.17 -2.86
N VAL A 83 -7.84 -0.03 -2.39
CA VAL A 83 -8.45 -0.56 -1.19
C VAL A 83 -8.60 0.52 -0.12
N VAL A 84 -7.47 1.08 0.29
CA VAL A 84 -7.46 2.14 1.31
C VAL A 84 -8.48 3.23 0.97
N LYS A 85 -8.72 3.42 -0.32
CA LYS A 85 -9.68 4.43 -0.78
C LYS A 85 -11.10 4.03 -0.43
N LYS A 86 -11.38 2.73 -0.47
CA LYS A 86 -12.70 2.22 -0.15
C LYS A 86 -13.00 2.35 1.34
N LEU A 87 -11.96 2.18 2.15
CA LEU A 87 -12.11 2.28 3.60
C LEU A 87 -12.27 3.73 4.04
N ASP A 88 -11.54 4.62 3.39
CA ASP A 88 -11.60 6.04 3.71
C ASP A 88 -11.71 6.88 2.43
N PRO A 89 -12.95 7.21 2.04
CA PRO A 89 -13.22 8.01 0.84
C PRO A 89 -12.79 9.46 1.01
N GLY A 90 -12.48 9.86 2.24
CA GLY A 90 -12.05 11.21 2.51
C GLY A 90 -10.55 11.35 2.49
N TRP A 91 -9.89 10.63 1.59
CA TRP A 91 -8.44 10.68 1.47
C TRP A 91 -8.02 11.37 0.19
N ASN A 92 -7.16 12.37 0.31
CA ASN A 92 -6.68 13.12 -0.84
C ASN A 92 -5.16 13.22 -0.84
N PRO A 93 -4.50 12.20 -1.41
CA PRO A 93 -3.03 12.15 -1.48
C PRO A 93 -2.46 13.19 -2.44
N GLN A 94 -3.13 13.37 -3.57
CA GLN A 94 -2.69 14.33 -4.58
C GLN A 94 -3.27 15.71 -4.29
N ILE A 95 -2.56 16.48 -3.46
CA ILE A 95 -3.00 17.82 -3.11
C ILE A 95 -2.08 18.88 -3.71
N PRO A 96 -2.67 19.85 -4.42
CA PRO A 96 -1.92 20.94 -5.06
C PRO A 96 -1.33 21.90 -4.05
N GLU A 97 -2.08 22.16 -2.98
CA GLU A 97 -1.62 23.08 -1.92
C GLU A 97 -0.19 22.76 -1.51
N LYS A 98 0.42 23.67 -0.77
CA LYS A 98 1.79 23.49 -0.30
C LYS A 98 1.96 24.01 1.12
N LYS A 99 2.14 23.09 2.06
CA LYS A 99 2.32 23.44 3.46
C LYS A 99 3.54 22.76 4.05
N GLY A 100 4.67 23.48 4.08
CA GLY A 100 5.90 22.92 4.62
C GLY A 100 7.06 23.88 4.50
N LYS A 101 7.85 23.97 5.57
CA LYS A 101 9.01 24.85 5.59
C LYS A 101 10.30 24.06 5.79
N GLU A 102 11.27 24.28 4.89
CA GLU A 102 12.54 23.58 4.98
C GLU A 102 13.71 24.56 4.93
N ALA A 103 14.30 24.82 6.09
CA ALA A 103 15.42 25.75 6.20
C ALA A 103 16.61 25.25 5.38
N SER A 104 16.91 23.97 5.50
CA SER A 104 18.03 23.38 4.78
C SER A 104 17.94 23.70 3.29
N GLY A 105 18.73 24.68 2.85
CA GLY A 105 18.72 25.07 1.46
C GLY A 105 20.02 25.74 1.04
N PRO A 106 20.23 26.98 1.51
CA PRO A 106 21.43 27.76 1.19
C PRO A 106 22.68 27.19 1.86
N SER A 107 23.80 27.89 1.71
CA SER A 107 25.06 27.46 2.30
C SER A 107 24.85 27.00 3.73
N SER A 108 25.38 25.81 4.04
CA SER A 108 25.26 25.26 5.39
C SER A 108 26.40 24.30 5.69
N GLY A 109 26.42 23.77 6.91
CA GLY A 109 27.47 22.85 7.30
C GLY A 109 27.04 21.93 8.43
N GLY A 1 -10.22 17.64 -13.99
CA GLY A 1 -10.02 17.16 -15.34
C GLY A 1 -8.74 16.35 -15.49
N SER A 2 -8.54 15.41 -14.58
CA SER A 2 -7.34 14.57 -14.62
C SER A 2 -7.70 13.10 -14.41
N SER A 3 -6.75 12.21 -14.71
CA SER A 3 -6.96 10.78 -14.55
C SER A 3 -5.66 10.07 -14.21
N GLY A 4 -5.77 9.01 -13.41
CA GLY A 4 -4.59 8.26 -13.02
C GLY A 4 -3.59 9.10 -12.25
N SER A 5 -3.44 8.80 -10.96
CA SER A 5 -2.52 9.55 -10.10
C SER A 5 -1.07 9.21 -10.44
N SER A 6 -0.30 10.23 -10.82
CA SER A 6 1.10 10.04 -11.17
C SER A 6 1.91 9.58 -9.96
N GLY A 7 3.13 9.09 -10.22
CA GLY A 7 3.97 8.62 -9.14
C GLY A 7 3.41 7.41 -8.44
N LEU A 8 3.09 6.38 -9.21
CA LEU A 8 2.53 5.15 -8.64
C LEU A 8 3.23 4.78 -7.34
N ALA A 9 4.55 4.94 -7.32
CA ALA A 9 5.34 4.61 -6.14
C ALA A 9 5.12 5.65 -5.04
N GLU A 10 5.38 6.90 -5.35
CA GLU A 10 5.21 7.98 -4.38
C GLU A 10 4.01 7.72 -3.48
N LEU A 11 2.89 7.35 -4.08
CA LEU A 11 1.67 7.07 -3.34
C LEU A 11 1.85 5.84 -2.45
N PHE A 12 2.33 4.76 -3.04
CA PHE A 12 2.56 3.51 -2.31
C PHE A 12 3.22 3.79 -0.96
N GLU A 13 3.93 4.91 -0.88
CA GLU A 13 4.61 5.29 0.35
C GLU A 13 3.66 6.01 1.30
N LYS A 14 2.95 7.01 0.78
CA LYS A 14 2.00 7.77 1.59
C LYS A 14 0.87 6.89 2.08
N ALA A 15 0.26 6.14 1.17
CA ALA A 15 -0.83 5.25 1.51
C ALA A 15 -0.47 4.37 2.71
N ALA A 16 0.73 3.80 2.68
CA ALA A 16 1.19 2.95 3.77
C ALA A 16 1.00 3.63 5.12
N ALA A 17 1.37 4.90 5.19
CA ALA A 17 1.25 5.66 6.42
C ALA A 17 -0.22 5.82 6.83
N HIS A 18 -1.10 5.77 5.84
CA HIS A 18 -2.54 5.91 6.09
C HIS A 18 -3.13 4.59 6.60
N LEU A 19 -2.51 3.49 6.22
CA LEU A 19 -2.98 2.17 6.64
C LEU A 19 -3.19 2.13 8.15
N GLN A 20 -2.23 2.64 8.89
CA GLN A 20 -2.32 2.66 10.36
C GLN A 20 -3.52 3.48 10.82
N GLY A 21 -3.99 4.38 9.95
CA GLY A 21 -5.13 5.21 10.29
C GLY A 21 -6.45 4.60 9.83
N LEU A 22 -6.36 3.55 9.01
CA LEU A 22 -7.54 2.89 8.50
C LEU A 22 -7.67 1.47 9.08
N ILE A 23 -6.95 1.23 10.18
CA ILE A 23 -6.98 -0.08 10.82
C ILE A 23 -8.35 -0.35 11.44
N GLN A 24 -8.98 0.70 11.97
CA GLN A 24 -10.29 0.57 12.58
C GLN A 24 -11.36 0.30 11.53
N VAL A 25 -11.08 0.69 10.30
CA VAL A 25 -12.03 0.48 9.20
C VAL A 25 -11.61 -0.70 8.34
N ALA A 26 -10.38 -1.15 8.52
CA ALA A 26 -9.86 -2.29 7.75
C ALA A 26 -10.12 -3.61 8.49
N SER A 27 -10.52 -4.63 7.73
CA SER A 27 -10.81 -5.94 8.31
C SER A 27 -9.55 -6.80 8.34
N ARG A 28 -9.48 -7.68 9.32
CA ARG A 28 -8.33 -8.58 9.47
C ARG A 28 -7.86 -9.07 8.11
N GLU A 29 -8.80 -9.23 7.18
CA GLU A 29 -8.48 -9.71 5.84
C GLU A 29 -7.80 -8.62 5.03
N GLN A 30 -8.40 -7.43 5.00
CA GLN A 30 -7.85 -6.31 4.26
C GLN A 30 -6.40 -6.06 4.66
N LEU A 31 -6.13 -6.08 5.96
CA LEU A 31 -4.79 -5.85 6.48
C LEU A 31 -3.78 -6.72 5.76
N LEU A 32 -4.17 -7.97 5.49
CA LEU A 32 -3.29 -8.91 4.81
C LEU A 32 -3.20 -8.60 3.33
N TYR A 33 -4.35 -8.39 2.70
CA TYR A 33 -4.40 -8.09 1.27
C TYR A 33 -3.33 -7.07 0.89
N LEU A 34 -3.06 -6.14 1.80
CA LEU A 34 -2.05 -5.12 1.56
C LEU A 34 -0.66 -5.64 1.90
N TYR A 35 -0.58 -6.54 2.87
CA TYR A 35 0.69 -7.12 3.27
C TYR A 35 1.33 -7.90 2.13
N ALA A 36 0.60 -8.87 1.60
CA ALA A 36 1.10 -9.69 0.50
C ALA A 36 1.66 -8.81 -0.62
N ARG A 37 0.79 -8.00 -1.22
CA ARG A 37 1.20 -7.12 -2.30
C ARG A 37 2.39 -6.26 -1.89
N TYR A 38 2.30 -5.67 -0.71
CA TYR A 38 3.37 -4.82 -0.19
C TYR A 38 4.67 -5.61 -0.03
N LYS A 39 4.53 -6.90 0.26
CA LYS A 39 5.68 -7.77 0.44
C LYS A 39 6.26 -8.18 -0.92
N GLN A 40 5.44 -8.15 -1.94
CA GLN A 40 5.87 -8.52 -3.29
C GLN A 40 6.64 -7.39 -3.95
N VAL A 41 6.12 -6.17 -3.82
CA VAL A 41 6.77 -5.00 -4.40
C VAL A 41 8.10 -4.70 -3.70
N LYS A 42 8.22 -5.15 -2.46
CA LYS A 42 9.44 -4.94 -1.69
C LYS A 42 10.42 -6.09 -1.89
N VAL A 43 9.94 -7.31 -1.68
CA VAL A 43 10.78 -8.50 -1.84
C VAL A 43 10.67 -9.06 -3.25
N GLY A 44 9.48 -9.51 -3.61
CA GLY A 44 9.26 -10.06 -4.94
C GLY A 44 8.98 -11.55 -4.90
N ASN A 45 9.49 -12.26 -5.90
CA ASN A 45 9.29 -13.71 -5.98
C ASN A 45 9.52 -14.37 -4.63
N CYS A 46 8.44 -14.79 -3.98
CA CYS A 46 8.53 -15.44 -2.67
C CYS A 46 9.75 -16.36 -2.60
N ASN A 47 10.56 -16.19 -1.56
CA ASN A 47 11.74 -17.00 -1.39
C ASN A 47 11.78 -17.63 0.01
N THR A 48 11.23 -16.91 0.99
CA THR A 48 11.20 -17.39 2.36
C THR A 48 10.61 -18.80 2.43
N PRO A 49 11.03 -19.57 3.45
CA PRO A 49 10.56 -20.94 3.65
C PRO A 49 9.10 -20.99 4.09
N LYS A 50 8.37 -22.00 3.60
CA LYS A 50 6.96 -22.16 3.94
C LYS A 50 6.79 -22.32 5.45
N PRO A 51 5.90 -21.51 6.03
CA PRO A 51 5.61 -21.55 7.47
C PRO A 51 4.88 -22.82 7.89
N SER A 52 5.39 -23.46 8.95
CA SER A 52 4.79 -24.69 9.44
C SER A 52 3.27 -24.55 9.59
N PHE A 53 2.58 -25.66 9.47
CA PHE A 53 1.12 -25.66 9.58
C PHE A 53 0.67 -25.01 10.90
N PHE A 54 1.34 -25.38 11.98
CA PHE A 54 1.01 -24.84 13.30
C PHE A 54 0.93 -23.31 13.25
N ASP A 55 1.94 -22.70 12.64
CA ASP A 55 2.00 -21.24 12.53
C ASP A 55 0.99 -20.74 11.50
N PHE A 56 -0.27 -20.69 11.89
CA PHE A 56 -1.33 -20.24 10.99
C PHE A 56 -1.17 -18.75 10.67
N GLU A 57 -1.17 -17.92 11.71
CA GLU A 57 -1.03 -16.49 11.54
C GLU A 57 -0.01 -16.17 10.44
N GLY A 58 1.19 -16.70 10.59
CA GLY A 58 2.24 -16.45 9.61
C GLY A 58 1.97 -17.18 8.30
N LYS A 59 1.14 -18.21 8.35
CA LYS A 59 0.80 -18.98 7.16
C LYS A 59 0.04 -18.13 6.15
N GLN A 60 -1.06 -17.53 6.59
CA GLN A 60 -1.86 -16.68 5.72
C GLN A 60 -1.01 -15.61 5.05
N LYS A 61 -0.13 -14.99 5.83
CA LYS A 61 0.75 -13.95 5.31
C LYS A 61 1.68 -14.51 4.23
N TRP A 62 2.28 -15.65 4.51
CA TRP A 62 3.19 -16.29 3.56
C TRP A 62 2.45 -16.68 2.28
N GLU A 63 1.25 -17.25 2.44
CA GLU A 63 0.45 -17.67 1.30
C GLU A 63 0.14 -16.48 0.39
N ALA A 64 -0.63 -15.53 0.91
CA ALA A 64 -0.99 -14.33 0.14
C ALA A 64 0.19 -13.84 -0.70
N TRP A 65 1.32 -13.62 -0.05
CA TRP A 65 2.51 -13.15 -0.74
C TRP A 65 3.05 -14.21 -1.70
N LYS A 66 2.96 -15.47 -1.28
CA LYS A 66 3.43 -16.58 -2.10
C LYS A 66 2.75 -16.58 -3.47
N ALA A 67 1.41 -16.52 -3.45
CA ALA A 67 0.63 -16.51 -4.67
C ALA A 67 1.23 -15.54 -5.70
N LEU A 68 1.74 -14.42 -5.20
CA LEU A 68 2.34 -13.41 -6.07
C LEU A 68 3.72 -13.84 -6.55
N GLY A 69 3.82 -15.07 -7.06
CA GLY A 69 5.09 -15.58 -7.54
C GLY A 69 5.83 -14.57 -8.38
N ASP A 70 5.37 -14.39 -9.62
CA ASP A 70 5.99 -13.44 -10.54
C ASP A 70 5.06 -12.27 -10.84
N SER A 71 4.53 -11.66 -9.78
CA SER A 71 3.62 -10.53 -9.91
C SER A 71 4.39 -9.22 -9.92
N SER A 72 4.02 -8.31 -10.81
CA SER A 72 4.68 -7.02 -10.92
C SER A 72 4.47 -6.20 -9.65
N PRO A 73 5.45 -5.33 -9.35
CA PRO A 73 5.39 -4.47 -8.16
C PRO A 73 4.34 -3.39 -8.27
N SER A 74 4.33 -2.67 -9.38
CA SER A 74 3.38 -1.60 -9.61
C SER A 74 1.95 -2.12 -9.48
N GLN A 75 1.68 -3.27 -10.10
CA GLN A 75 0.35 -3.87 -10.04
C GLN A 75 -0.07 -4.14 -8.61
N ALA A 76 0.91 -4.34 -7.73
CA ALA A 76 0.65 -4.60 -6.32
C ALA A 76 0.41 -3.30 -5.55
N MET A 77 0.99 -2.22 -6.06
CA MET A 77 0.85 -0.91 -5.42
C MET A 77 -0.52 -0.29 -5.75
N GLN A 78 -1.02 -0.58 -6.95
CA GLN A 78 -2.31 -0.05 -7.38
C GLN A 78 -3.42 -0.50 -6.43
N GLU A 79 -3.53 -1.81 -6.23
CA GLU A 79 -4.55 -2.36 -5.36
C GLU A 79 -4.31 -1.95 -3.90
N TYR A 80 -3.05 -2.04 -3.47
CA TYR A 80 -2.69 -1.67 -2.11
C TYR A 80 -3.18 -0.27 -1.76
N ILE A 81 -3.13 0.63 -2.74
CA ILE A 81 -3.58 2.00 -2.54
C ILE A 81 -5.09 2.11 -2.68
N ALA A 82 -5.59 1.86 -3.89
CA ALA A 82 -7.03 1.93 -4.14
C ALA A 82 -7.83 1.51 -2.92
N VAL A 83 -7.58 0.30 -2.43
CA VAL A 83 -8.27 -0.22 -1.26
C VAL A 83 -8.34 0.83 -0.15
N VAL A 84 -7.19 1.34 0.25
CA VAL A 84 -7.11 2.36 1.30
C VAL A 84 -8.06 3.51 1.01
N LYS A 85 -8.41 3.68 -0.26
CA LYS A 85 -9.32 4.75 -0.67
C LYS A 85 -10.76 4.37 -0.38
N LYS A 86 -11.10 3.11 -0.59
CA LYS A 86 -12.45 2.62 -0.34
C LYS A 86 -12.81 2.73 1.14
N LEU A 87 -11.80 2.61 1.99
CA LEU A 87 -11.99 2.69 3.43
C LEU A 87 -12.12 4.14 3.89
N ASP A 88 -11.30 5.01 3.31
CA ASP A 88 -11.31 6.42 3.66
C ASP A 88 -11.27 7.29 2.39
N PRO A 89 -12.45 7.70 1.91
CA PRO A 89 -12.56 8.53 0.71
C PRO A 89 -12.06 9.95 0.93
N GLY A 90 -11.74 10.27 2.19
CA GLY A 90 -11.25 11.59 2.52
C GLY A 90 -9.73 11.67 2.54
N TRP A 91 -9.11 11.08 1.52
CA TRP A 91 -7.65 11.08 1.42
C TRP A 91 -7.19 11.62 0.07
N ASN A 92 -6.33 12.64 0.11
CA ASN A 92 -5.81 13.24 -1.12
C ASN A 92 -4.30 13.42 -1.04
N PRO A 93 -3.57 12.36 -1.42
CA PRO A 93 -2.11 12.36 -1.41
C PRO A 93 -1.52 13.27 -2.49
N GLN A 94 -2.32 13.55 -3.50
CA GLN A 94 -1.89 14.42 -4.60
C GLN A 94 -3.08 15.13 -5.25
N ILE A 95 -2.99 16.45 -5.34
CA ILE A 95 -4.05 17.24 -5.94
C ILE A 95 -3.70 17.66 -7.36
N PRO A 96 -4.64 17.44 -8.29
CA PRO A 96 -4.45 17.79 -9.70
C PRO A 96 -4.42 19.30 -9.93
N GLU A 97 -5.40 19.99 -9.35
CA GLU A 97 -5.49 21.44 -9.50
C GLU A 97 -4.14 22.10 -9.27
N LYS A 98 -3.93 23.25 -9.88
CA LYS A 98 -2.68 23.99 -9.75
C LYS A 98 -2.94 25.46 -9.46
N LYS A 99 -1.97 26.11 -8.83
CA LYS A 99 -2.09 27.52 -8.49
C LYS A 99 -1.50 28.40 -9.59
N GLY A 100 -2.31 29.31 -10.11
CA GLY A 100 -1.85 30.20 -11.17
C GLY A 100 -2.74 31.41 -11.34
N LYS A 101 -2.13 32.55 -11.66
CA LYS A 101 -2.88 33.79 -11.85
C LYS A 101 -3.52 33.82 -13.23
N GLU A 102 -4.80 34.18 -13.27
CA GLU A 102 -5.54 34.25 -14.52
C GLU A 102 -4.80 35.12 -15.53
N ALA A 103 -3.90 34.50 -16.29
CA ALA A 103 -3.13 35.22 -17.30
C ALA A 103 -4.04 36.01 -18.23
N SER A 104 -3.88 37.33 -18.22
CA SER A 104 -4.69 38.21 -19.05
C SER A 104 -4.41 37.96 -20.53
N GLY A 105 -5.40 38.23 -21.38
CA GLY A 105 -5.24 38.03 -22.80
C GLY A 105 -6.45 37.37 -23.44
N PRO A 106 -7.53 38.15 -23.62
CA PRO A 106 -8.77 37.66 -24.21
C PRO A 106 -8.62 37.34 -25.71
N SER A 107 -9.28 36.29 -26.15
CA SER A 107 -9.21 35.88 -27.56
C SER A 107 -10.60 35.49 -28.07
N SER A 108 -10.80 35.69 -29.37
CA SER A 108 -12.08 35.36 -30.00
C SER A 108 -13.25 35.98 -29.22
N GLY A 109 -13.06 37.23 -28.79
CA GLY A 109 -14.10 37.92 -28.04
C GLY A 109 -14.42 37.23 -26.74
N GLY A 1 -9.02 1.90 -17.20
CA GLY A 1 -9.44 3.26 -16.98
C GLY A 1 -8.28 4.21 -16.73
N SER A 2 -7.57 4.55 -17.81
CA SER A 2 -6.43 5.45 -17.71
C SER A 2 -6.86 6.87 -17.34
N SER A 3 -6.83 7.18 -16.05
CA SER A 3 -7.24 8.48 -15.57
C SER A 3 -6.07 9.46 -15.62
N GLY A 4 -4.96 9.10 -14.98
CA GLY A 4 -3.79 9.95 -14.97
C GLY A 4 -3.02 9.87 -13.66
N SER A 5 -2.61 8.66 -13.29
CA SER A 5 -1.87 8.45 -12.06
C SER A 5 -0.38 8.23 -12.33
N SER A 6 0.37 9.33 -12.34
CA SER A 6 1.80 9.26 -12.60
C SER A 6 2.59 9.24 -11.28
N GLY A 7 3.41 8.20 -11.11
CA GLY A 7 4.20 8.09 -9.90
C GLY A 7 3.59 7.13 -8.89
N LEU A 8 3.02 6.04 -9.39
CA LEU A 8 2.39 5.04 -8.53
C LEU A 8 3.14 4.92 -7.21
N ALA A 9 4.46 4.78 -7.29
CA ALA A 9 5.30 4.65 -6.11
C ALA A 9 4.93 5.70 -5.07
N GLU A 10 5.12 6.97 -5.41
CA GLU A 10 4.81 8.06 -4.50
C GLU A 10 3.58 7.74 -3.66
N LEU A 11 2.50 7.35 -4.32
CA LEU A 11 1.26 7.01 -3.63
C LEU A 11 1.46 5.82 -2.68
N PHE A 12 2.15 4.80 -3.18
CA PHE A 12 2.41 3.60 -2.38
C PHE A 12 2.98 3.98 -1.02
N GLU A 13 3.81 5.02 -0.99
CA GLU A 13 4.42 5.47 0.24
C GLU A 13 3.38 6.11 1.16
N LYS A 14 2.71 7.13 0.65
CA LYS A 14 1.68 7.83 1.43
C LYS A 14 0.64 6.85 1.95
N ALA A 15 0.01 6.12 1.03
CA ALA A 15 -1.01 5.14 1.40
C ALA A 15 -0.59 4.36 2.65
N ALA A 16 0.58 3.76 2.59
CA ALA A 16 1.10 2.98 3.72
C ALA A 16 0.90 3.72 5.03
N ALA A 17 1.26 4.99 5.05
CA ALA A 17 1.12 5.81 6.24
C ALA A 17 -0.34 5.92 6.67
N HIS A 18 -1.25 5.82 5.70
CA HIS A 18 -2.69 5.90 5.98
C HIS A 18 -3.20 4.58 6.55
N LEU A 19 -2.56 3.48 6.17
CA LEU A 19 -2.95 2.17 6.65
C LEU A 19 -3.19 2.18 8.15
N GLN A 20 -2.24 2.76 8.89
CA GLN A 20 -2.35 2.84 10.35
C GLN A 20 -3.63 3.55 10.76
N GLY A 21 -4.09 4.47 9.92
CA GLY A 21 -5.31 5.19 10.21
C GLY A 21 -6.55 4.47 9.75
N LEU A 22 -6.37 3.44 8.93
CA LEU A 22 -7.48 2.66 8.41
C LEU A 22 -7.54 1.29 9.07
N ILE A 23 -6.85 1.15 10.20
CA ILE A 23 -6.82 -0.11 10.93
C ILE A 23 -8.19 -0.45 11.51
N GLN A 24 -8.95 0.58 11.83
CA GLN A 24 -10.28 0.40 12.40
C GLN A 24 -11.31 0.12 11.29
N VAL A 25 -10.95 0.46 10.06
CA VAL A 25 -11.83 0.25 8.92
C VAL A 25 -11.37 -0.94 8.09
N ALA A 26 -10.13 -1.37 8.31
CA ALA A 26 -9.57 -2.51 7.59
C ALA A 26 -9.83 -3.82 8.32
N SER A 27 -10.48 -4.75 7.64
CA SER A 27 -10.79 -6.05 8.23
C SER A 27 -9.54 -6.90 8.36
N ARG A 28 -9.57 -7.84 9.30
CA ARG A 28 -8.44 -8.73 9.54
C ARG A 28 -7.83 -9.19 8.22
N GLU A 29 -8.67 -9.32 7.19
CA GLU A 29 -8.21 -9.76 5.88
C GLU A 29 -7.48 -8.63 5.15
N GLN A 30 -8.07 -7.43 5.18
CA GLN A 30 -7.48 -6.28 4.53
C GLN A 30 -6.05 -6.05 5.00
N LEU A 31 -5.85 -6.12 6.32
CA LEU A 31 -4.53 -5.92 6.90
C LEU A 31 -3.49 -6.79 6.21
N LEU A 32 -3.84 -8.04 5.96
CA LEU A 32 -2.94 -8.98 5.29
C LEU A 32 -2.81 -8.64 3.80
N TYR A 33 -3.94 -8.37 3.16
CA TYR A 33 -3.96 -8.03 1.74
C TYR A 33 -2.90 -6.99 1.42
N LEU A 34 -2.91 -5.89 2.16
CA LEU A 34 -1.95 -4.81 1.95
C LEU A 34 -0.52 -5.30 2.21
N TYR A 35 -0.40 -6.35 3.01
CA TYR A 35 0.91 -6.92 3.34
C TYR A 35 1.41 -7.81 2.21
N ALA A 36 0.54 -8.66 1.71
CA ALA A 36 0.89 -9.57 0.62
C ALA A 36 1.61 -8.83 -0.50
N ARG A 37 0.89 -7.90 -1.14
CA ARG A 37 1.46 -7.12 -2.23
C ARG A 37 2.61 -6.25 -1.74
N TYR A 38 2.38 -5.55 -0.63
CA TYR A 38 3.40 -4.67 -0.06
C TYR A 38 4.74 -5.38 0.04
N LYS A 39 4.71 -6.66 0.43
CA LYS A 39 5.92 -7.45 0.56
C LYS A 39 6.45 -7.88 -0.81
N GLN A 40 5.53 -8.01 -1.76
CA GLN A 40 5.90 -8.42 -3.12
C GLN A 40 6.60 -7.27 -3.86
N VAL A 41 6.17 -6.04 -3.57
CA VAL A 41 6.76 -4.87 -4.21
C VAL A 41 8.09 -4.51 -3.57
N LYS A 42 8.28 -4.93 -2.33
CA LYS A 42 9.52 -4.65 -1.61
C LYS A 42 10.55 -5.74 -1.87
N VAL A 43 10.14 -6.99 -1.71
CA VAL A 43 11.03 -8.13 -1.93
C VAL A 43 10.87 -8.68 -3.34
N GLY A 44 9.70 -9.22 -3.63
CA GLY A 44 9.44 -9.78 -4.95
C GLY A 44 9.02 -11.24 -4.89
N ASN A 45 9.50 -12.03 -5.85
CA ASN A 45 9.17 -13.44 -5.90
C ASN A 45 9.35 -14.10 -4.54
N CYS A 46 8.29 -14.71 -4.03
CA CYS A 46 8.33 -15.38 -2.74
C CYS A 46 9.41 -16.46 -2.72
N ASN A 47 10.42 -16.27 -1.89
CA ASN A 47 11.51 -17.23 -1.78
C ASN A 47 11.53 -17.88 -0.39
N THR A 48 11.18 -17.10 0.63
CA THR A 48 11.15 -17.59 1.99
C THR A 48 10.50 -18.98 2.07
N PRO A 49 10.98 -19.79 3.03
CA PRO A 49 10.46 -21.15 3.23
C PRO A 49 9.04 -21.16 3.78
N LYS A 50 8.25 -22.12 3.33
CA LYS A 50 6.86 -22.23 3.78
C LYS A 50 6.79 -22.37 5.30
N PRO A 51 5.84 -21.64 5.91
CA PRO A 51 5.65 -21.66 7.37
C PRO A 51 5.09 -22.99 7.85
N SER A 52 5.01 -23.15 9.18
CA SER A 52 4.50 -24.38 9.77
C SER A 52 2.97 -24.39 9.75
N PHE A 53 2.39 -25.56 9.49
CA PHE A 53 0.95 -25.70 9.44
C PHE A 53 0.29 -25.10 10.68
N PHE A 54 0.83 -25.45 11.85
CA PHE A 54 0.29 -24.95 13.11
C PHE A 54 0.36 -23.43 13.16
N ASP A 55 1.42 -22.87 12.56
CA ASP A 55 1.60 -21.42 12.54
C ASP A 55 0.65 -20.77 11.53
N PHE A 56 -0.61 -20.62 11.92
CA PHE A 56 -1.61 -20.02 11.05
C PHE A 56 -1.26 -18.56 10.76
N GLU A 57 -1.12 -17.77 11.82
CA GLU A 57 -0.79 -16.35 11.67
C GLU A 57 0.14 -16.13 10.48
N GLY A 58 1.30 -16.79 10.51
CA GLY A 58 2.25 -16.65 9.43
C GLY A 58 1.80 -17.33 8.16
N LYS A 59 1.25 -18.53 8.28
CA LYS A 59 0.77 -19.29 7.14
C LYS A 59 0.05 -18.38 6.15
N GLN A 60 -0.97 -17.68 6.63
CA GLN A 60 -1.74 -16.77 5.79
C GLN A 60 -0.83 -15.75 5.11
N LYS A 61 0.11 -15.20 5.89
CA LYS A 61 1.04 -14.20 5.38
C LYS A 61 1.85 -14.77 4.21
N TRP A 62 2.59 -15.83 4.48
CA TRP A 62 3.40 -16.47 3.44
C TRP A 62 2.56 -16.87 2.25
N GLU A 63 1.35 -17.34 2.51
CA GLU A 63 0.43 -17.75 1.45
C GLU A 63 0.07 -16.57 0.56
N ALA A 64 -0.74 -15.66 1.08
CA ALA A 64 -1.15 -14.48 0.34
C ALA A 64 -0.02 -13.94 -0.53
N TRP A 65 1.10 -13.64 0.11
CA TRP A 65 2.27 -13.12 -0.61
C TRP A 65 2.80 -14.14 -1.60
N LYS A 66 2.89 -15.39 -1.17
CA LYS A 66 3.39 -16.46 -2.03
C LYS A 66 2.67 -16.45 -3.38
N ALA A 67 1.34 -16.35 -3.33
CA ALA A 67 0.55 -16.32 -4.55
C ALA A 67 1.09 -15.30 -5.55
N LEU A 68 1.76 -14.28 -5.03
CA LEU A 68 2.33 -13.24 -5.87
C LEU A 68 3.75 -13.60 -6.29
N GLY A 69 3.92 -14.80 -6.82
CA GLY A 69 5.23 -15.25 -7.26
C GLY A 69 5.68 -14.55 -8.53
N ASP A 70 4.80 -14.50 -9.52
CA ASP A 70 5.11 -13.87 -10.79
C ASP A 70 4.36 -12.55 -10.94
N SER A 71 4.19 -11.84 -9.83
CA SER A 71 3.48 -10.56 -9.83
C SER A 71 4.46 -9.40 -9.83
N SER A 72 4.10 -8.33 -10.54
CA SER A 72 4.95 -7.15 -10.62
C SER A 72 4.76 -6.25 -9.40
N PRO A 73 5.73 -5.36 -9.17
CA PRO A 73 5.70 -4.42 -8.04
C PRO A 73 4.61 -3.35 -8.21
N SER A 74 4.62 -2.70 -9.37
CA SER A 74 3.64 -1.65 -9.65
C SER A 74 2.23 -2.20 -9.61
N GLN A 75 2.04 -3.37 -10.22
CA GLN A 75 0.72 -4.01 -10.26
C GLN A 75 0.23 -4.33 -8.85
N ALA A 76 1.15 -4.31 -7.89
CA ALA A 76 0.82 -4.60 -6.51
C ALA A 76 0.51 -3.33 -5.73
N MET A 77 1.09 -2.22 -6.16
CA MET A 77 0.87 -0.93 -5.52
C MET A 77 -0.50 -0.36 -5.89
N GLN A 78 -0.94 -0.65 -7.11
CA GLN A 78 -2.23 -0.17 -7.59
C GLN A 78 -3.36 -0.64 -6.68
N GLU A 79 -3.34 -1.92 -6.33
CA GLU A 79 -4.36 -2.48 -5.46
C GLU A 79 -4.13 -2.07 -4.01
N TYR A 80 -2.87 -2.02 -3.61
CA TYR A 80 -2.52 -1.64 -2.24
C TYR A 80 -3.02 -0.24 -1.92
N ILE A 81 -3.19 0.58 -2.95
CA ILE A 81 -3.66 1.95 -2.78
C ILE A 81 -5.18 2.02 -2.87
N ALA A 82 -5.71 1.72 -4.06
CA ALA A 82 -7.14 1.75 -4.29
C ALA A 82 -7.90 1.34 -3.03
N VAL A 83 -7.58 0.17 -2.50
CA VAL A 83 -8.24 -0.34 -1.30
C VAL A 83 -8.36 0.75 -0.24
N VAL A 84 -7.21 1.28 0.16
CA VAL A 84 -7.18 2.34 1.17
C VAL A 84 -8.16 3.45 0.84
N LYS A 85 -8.53 3.55 -0.43
CA LYS A 85 -9.48 4.57 -0.88
C LYS A 85 -10.91 4.16 -0.57
N LYS A 86 -11.19 2.86 -0.70
CA LYS A 86 -12.52 2.34 -0.43
C LYS A 86 -12.87 2.46 1.05
N LEU A 87 -11.84 2.43 1.90
CA LEU A 87 -12.04 2.55 3.33
C LEU A 87 -12.17 4.00 3.76
N ASP A 88 -11.40 4.87 3.11
CA ASP A 88 -11.42 6.30 3.41
C ASP A 88 -11.47 7.13 2.14
N PRO A 89 -12.69 7.48 1.71
CA PRO A 89 -12.91 8.28 0.49
C PRO A 89 -12.44 9.72 0.66
N GLY A 90 -12.08 10.09 1.88
CA GLY A 90 -11.63 11.44 2.15
C GLY A 90 -10.13 11.59 1.95
N TRP A 91 -9.44 10.47 1.78
CA TRP A 91 -8.00 10.49 1.58
C TRP A 91 -7.64 11.09 0.23
N ASN A 92 -6.78 12.11 0.25
CA ASN A 92 -6.36 12.77 -0.98
C ASN A 92 -4.86 13.00 -0.99
N PRO A 93 -4.11 11.97 -1.43
CA PRO A 93 -2.65 12.03 -1.49
C PRO A 93 -2.16 12.99 -2.58
N GLN A 94 -2.80 12.95 -3.73
CA GLN A 94 -2.43 13.82 -4.85
C GLN A 94 -3.56 14.78 -5.20
N ILE A 95 -3.30 16.07 -5.02
CA ILE A 95 -4.30 17.10 -5.31
C ILE A 95 -3.97 17.84 -6.60
N PRO A 96 -4.96 17.94 -7.49
CA PRO A 96 -4.80 18.62 -8.78
C PRO A 96 -4.65 20.13 -8.63
N GLU A 97 -5.46 20.71 -7.74
CA GLU A 97 -5.41 22.15 -7.50
C GLU A 97 -4.00 22.60 -7.16
N LYS A 98 -3.69 23.85 -7.48
CA LYS A 98 -2.36 24.41 -7.21
C LYS A 98 -2.47 25.82 -6.63
N LYS A 99 -1.53 26.16 -5.77
CA LYS A 99 -1.52 27.49 -5.14
C LYS A 99 -1.62 28.59 -6.19
N GLY A 100 -1.82 29.82 -5.73
CA GLY A 100 -1.93 30.95 -6.65
C GLY A 100 -0.62 31.70 -6.80
N LYS A 101 0.34 31.08 -7.50
CA LYS A 101 1.64 31.70 -7.72
C LYS A 101 1.79 32.13 -9.17
N GLU A 102 0.74 32.72 -9.73
CA GLU A 102 0.77 33.18 -11.11
C GLU A 102 0.42 34.67 -11.19
N ALA A 103 1.18 35.40 -12.00
CA ALA A 103 0.95 36.83 -12.17
C ALA A 103 1.83 37.40 -13.28
N SER A 104 1.28 38.30 -14.07
CA SER A 104 2.01 38.92 -15.16
C SER A 104 3.28 39.61 -14.66
N GLY A 105 3.12 40.45 -13.64
CA GLY A 105 4.25 41.16 -13.08
C GLY A 105 4.48 42.50 -13.73
N PRO A 106 5.15 43.41 -13.00
CA PRO A 106 5.44 44.77 -13.50
C PRO A 106 6.48 44.75 -14.61
N SER A 107 6.92 43.55 -15.00
CA SER A 107 7.92 43.40 -16.05
C SER A 107 7.72 44.46 -17.13
N SER A 108 6.51 44.56 -17.65
CA SER A 108 6.19 45.52 -18.69
C SER A 108 6.90 45.17 -20.00
N GLY A 109 6.82 43.90 -20.38
CA GLY A 109 7.46 43.46 -21.60
C GLY A 109 8.96 43.28 -21.45
N GLY A 1 5.82 25.58 -18.55
CA GLY A 1 5.98 24.13 -18.68
C GLY A 1 4.76 23.38 -18.18
N SER A 2 4.05 22.73 -19.10
CA SER A 2 2.86 21.97 -18.76
C SER A 2 3.23 20.56 -18.30
N SER A 3 3.57 20.43 -17.02
CA SER A 3 3.95 19.14 -16.46
C SER A 3 2.71 18.40 -15.93
N GLY A 4 2.85 17.09 -15.78
CA GLY A 4 1.74 16.29 -15.29
C GLY A 4 2.12 14.82 -15.13
N SER A 5 3.31 14.57 -14.61
CA SER A 5 3.79 13.21 -14.41
C SER A 5 2.95 12.49 -13.36
N SER A 6 2.71 11.20 -13.59
CA SER A 6 1.92 10.40 -12.66
C SER A 6 2.77 9.31 -12.02
N GLY A 7 3.17 9.53 -10.77
CA GLY A 7 3.98 8.55 -10.07
C GLY A 7 3.16 7.66 -9.17
N LEU A 8 3.27 6.35 -9.37
CA LEU A 8 2.53 5.38 -8.56
C LEU A 8 3.25 5.11 -7.25
N ALA A 9 4.53 4.78 -7.35
CA ALA A 9 5.34 4.49 -6.17
C ALA A 9 5.16 5.57 -5.10
N GLU A 10 5.35 6.82 -5.50
CA GLU A 10 5.20 7.94 -4.58
C GLU A 10 3.99 7.77 -3.68
N LEU A 11 2.87 7.35 -4.29
CA LEU A 11 1.63 7.14 -3.55
C LEU A 11 1.75 5.93 -2.62
N PHE A 12 2.17 4.80 -3.19
CA PHE A 12 2.32 3.57 -2.42
C PHE A 12 2.99 3.85 -1.08
N GLU A 13 3.91 4.80 -1.06
CA GLU A 13 4.61 5.17 0.16
C GLU A 13 3.67 5.83 1.16
N LYS A 14 2.98 6.87 0.72
CA LYS A 14 2.03 7.59 1.58
C LYS A 14 0.94 6.65 2.08
N ALA A 15 0.23 6.03 1.15
CA ALA A 15 -0.84 5.10 1.50
C ALA A 15 -0.45 4.23 2.68
N ALA A 16 0.75 3.66 2.62
CA ALA A 16 1.24 2.80 3.69
C ALA A 16 1.08 3.48 5.05
N ALA A 17 1.45 4.75 5.12
CA ALA A 17 1.35 5.51 6.36
C ALA A 17 -0.10 5.64 6.80
N HIS A 18 -1.01 5.64 5.84
CA HIS A 18 -2.44 5.77 6.13
C HIS A 18 -2.99 4.45 6.68
N LEU A 19 -2.47 3.34 6.17
CA LEU A 19 -2.93 2.02 6.62
C LEU A 19 -3.08 1.98 8.14
N GLN A 20 -2.08 2.50 8.84
CA GLN A 20 -2.11 2.53 10.30
C GLN A 20 -3.31 3.32 10.81
N GLY A 21 -3.69 4.35 10.05
CA GLY A 21 -4.80 5.18 10.44
C GLY A 21 -6.13 4.61 10.00
N LEU A 22 -6.08 3.56 9.20
CA LEU A 22 -7.29 2.91 8.70
C LEU A 22 -7.45 1.51 9.29
N ILE A 23 -6.64 1.21 10.30
CA ILE A 23 -6.69 -0.10 10.94
C ILE A 23 -8.06 -0.35 11.58
N GLN A 24 -8.72 0.73 12.00
CA GLN A 24 -10.03 0.62 12.62
C GLN A 24 -11.11 0.40 11.57
N VAL A 25 -10.78 0.70 10.32
CA VAL A 25 -11.73 0.53 9.22
C VAL A 25 -11.35 -0.65 8.34
N ALA A 26 -10.13 -1.15 8.54
CA ALA A 26 -9.64 -2.30 7.77
C ALA A 26 -9.97 -3.62 8.46
N SER A 27 -10.43 -4.59 7.69
CA SER A 27 -10.78 -5.90 8.23
C SER A 27 -9.55 -6.80 8.29
N ARG A 28 -9.57 -7.74 9.25
CA ARG A 28 -8.46 -8.67 9.43
C ARG A 28 -7.99 -9.21 8.08
N GLU A 29 -8.92 -9.33 7.13
CA GLU A 29 -8.60 -9.84 5.81
C GLU A 29 -7.95 -8.75 4.95
N GLN A 30 -8.44 -7.52 5.08
CA GLN A 30 -7.92 -6.39 4.32
C GLN A 30 -6.46 -6.12 4.69
N LEU A 31 -6.16 -6.18 5.99
CA LEU A 31 -4.82 -5.94 6.47
C LEU A 31 -3.81 -6.85 5.76
N LEU A 32 -4.21 -8.09 5.56
CA LEU A 32 -3.34 -9.07 4.89
C LEU A 32 -3.23 -8.77 3.40
N TYR A 33 -4.37 -8.47 2.77
CA TYR A 33 -4.40 -8.16 1.35
C TYR A 33 -3.31 -7.16 0.99
N LEU A 34 -3.08 -6.18 1.86
CA LEU A 34 -2.06 -5.17 1.63
C LEU A 34 -0.68 -5.69 2.00
N TYR A 35 -0.65 -6.73 2.83
CA TYR A 35 0.62 -7.32 3.26
C TYR A 35 1.26 -8.11 2.12
N ALA A 36 0.45 -8.90 1.43
CA ALA A 36 0.95 -9.71 0.32
C ALA A 36 1.54 -8.83 -0.78
N ARG A 37 0.71 -8.00 -1.39
CA ARG A 37 1.15 -7.11 -2.45
C ARG A 37 2.32 -6.25 -1.98
N TYR A 38 2.18 -5.67 -0.80
CA TYR A 38 3.22 -4.82 -0.24
C TYR A 38 4.53 -5.58 -0.11
N LYS A 39 4.45 -6.83 0.32
CA LYS A 39 5.62 -7.67 0.49
C LYS A 39 6.21 -8.07 -0.87
N GLN A 40 5.39 -7.95 -1.91
CA GLN A 40 5.82 -8.30 -3.26
C GLN A 40 6.61 -7.15 -3.89
N VAL A 41 6.05 -5.95 -3.79
CA VAL A 41 6.70 -4.77 -4.36
C VAL A 41 8.00 -4.45 -3.64
N LYS A 42 8.09 -4.85 -2.37
CA LYS A 42 9.28 -4.62 -1.57
C LYS A 42 10.29 -5.75 -1.78
N VAL A 43 9.84 -6.98 -1.62
CA VAL A 43 10.71 -8.15 -1.78
C VAL A 43 10.61 -8.70 -3.20
N GLY A 44 9.43 -9.20 -3.56
CA GLY A 44 9.24 -9.76 -4.88
C GLY A 44 8.88 -11.23 -4.85
N ASN A 45 9.56 -12.03 -5.66
CA ASN A 45 9.30 -13.47 -5.72
C ASN A 45 9.51 -14.11 -4.36
N CYS A 46 8.47 -14.75 -3.84
CA CYS A 46 8.54 -15.41 -2.54
C CYS A 46 9.83 -16.22 -2.42
N ASN A 47 10.66 -15.85 -1.45
CA ASN A 47 11.93 -16.54 -1.23
C ASN A 47 11.95 -17.22 0.14
N THR A 48 11.21 -16.66 1.08
CA THR A 48 11.13 -17.21 2.43
C THR A 48 10.57 -18.63 2.41
N PRO A 49 11.04 -19.47 3.34
CA PRO A 49 10.60 -20.86 3.45
C PRO A 49 9.16 -20.98 3.94
N LYS A 50 8.44 -21.96 3.42
CA LYS A 50 7.06 -22.19 3.82
C LYS A 50 6.93 -22.34 5.33
N PRO A 51 6.00 -21.57 5.93
CA PRO A 51 5.76 -21.60 7.38
C PRO A 51 5.12 -22.91 7.83
N SER A 52 5.10 -23.13 9.14
CA SER A 52 4.51 -24.34 9.70
C SER A 52 2.99 -24.33 9.55
N PHE A 53 2.39 -25.52 9.54
CA PHE A 53 0.94 -25.64 9.41
C PHE A 53 0.23 -25.03 10.60
N PHE A 54 0.74 -25.31 11.80
CA PHE A 54 0.15 -24.78 13.03
C PHE A 54 0.33 -23.27 13.11
N ASP A 55 1.36 -22.77 12.45
CA ASP A 55 1.65 -21.33 12.45
C ASP A 55 0.75 -20.60 11.47
N PHE A 56 -0.56 -20.72 11.65
CA PHE A 56 -1.52 -20.08 10.76
C PHE A 56 -1.22 -18.59 10.63
N GLU A 57 -1.15 -17.89 11.77
CA GLU A 57 -0.88 -16.46 11.78
C GLU A 57 0.20 -16.11 10.76
N GLY A 58 1.28 -16.89 10.76
CA GLY A 58 2.37 -16.64 9.83
C GLY A 58 2.18 -17.37 8.52
N LYS A 59 1.26 -18.33 8.49
CA LYS A 59 0.99 -19.10 7.29
C LYS A 59 0.28 -18.25 6.25
N GLN A 60 -0.94 -17.81 6.57
CA GLN A 60 -1.72 -16.98 5.66
C GLN A 60 -0.85 -15.90 5.02
N LYS A 61 -0.14 -15.15 5.86
CA LYS A 61 0.73 -14.08 5.38
C LYS A 61 1.65 -14.60 4.28
N TRP A 62 2.40 -15.65 4.58
CA TRP A 62 3.33 -16.23 3.63
C TRP A 62 2.60 -16.67 2.36
N GLU A 63 1.40 -17.21 2.53
CA GLU A 63 0.60 -17.67 1.38
C GLU A 63 0.25 -16.50 0.47
N ALA A 64 -0.59 -15.60 0.96
CA ALA A 64 -1.01 -14.43 0.19
C ALA A 64 0.14 -13.89 -0.65
N TRP A 65 1.29 -13.67 -0.01
CA TRP A 65 2.46 -13.16 -0.71
C TRP A 65 3.05 -14.21 -1.63
N LYS A 66 2.95 -15.47 -1.23
CA LYS A 66 3.48 -16.58 -2.03
C LYS A 66 2.76 -16.66 -3.38
N ALA A 67 1.43 -16.56 -3.35
CA ALA A 67 0.63 -16.62 -4.56
C ALA A 67 1.14 -15.62 -5.60
N LEU A 68 1.84 -14.59 -5.14
CA LEU A 68 2.38 -13.57 -6.02
C LEU A 68 3.77 -13.94 -6.50
N GLY A 69 3.90 -15.15 -7.05
CA GLY A 69 5.19 -15.61 -7.54
C GLY A 69 5.88 -14.57 -8.40
N ASP A 70 5.38 -14.38 -9.61
CA ASP A 70 5.96 -13.40 -10.53
C ASP A 70 5.03 -12.20 -10.71
N SER A 71 4.60 -11.63 -9.60
CA SER A 71 3.71 -10.47 -9.63
C SER A 71 4.50 -9.17 -9.65
N SER A 72 4.13 -8.28 -10.58
CA SER A 72 4.81 -7.00 -10.71
C SER A 72 4.57 -6.11 -9.49
N PRO A 73 5.48 -5.18 -9.25
CA PRO A 73 5.38 -4.26 -8.12
C PRO A 73 4.26 -3.24 -8.29
N SER A 74 4.24 -2.57 -9.44
CA SER A 74 3.21 -1.58 -9.73
C SER A 74 1.82 -2.18 -9.61
N GLN A 75 1.63 -3.36 -10.18
CA GLN A 75 0.34 -4.05 -10.13
C GLN A 75 -0.06 -4.35 -8.69
N ALA A 76 0.93 -4.35 -7.79
CA ALA A 76 0.68 -4.63 -6.39
C ALA A 76 0.43 -3.34 -5.61
N MET A 77 0.88 -2.22 -6.17
CA MET A 77 0.70 -0.92 -5.53
C MET A 77 -0.64 -0.31 -5.92
N GLN A 78 -1.11 -0.65 -7.11
CA GLN A 78 -2.38 -0.14 -7.61
C GLN A 78 -3.54 -0.57 -6.71
N GLU A 79 -3.61 -1.85 -6.41
CA GLU A 79 -4.65 -2.39 -5.56
C GLU A 79 -4.40 -2.07 -4.10
N TYR A 80 -3.12 -2.00 -3.73
CA TYR A 80 -2.73 -1.70 -2.36
C TYR A 80 -3.19 -0.30 -1.95
N ILE A 81 -3.25 0.60 -2.93
CA ILE A 81 -3.69 1.97 -2.67
C ILE A 81 -5.20 2.09 -2.73
N ALA A 82 -5.77 1.85 -3.91
CA ALA A 82 -7.22 1.92 -4.09
C ALA A 82 -7.95 1.50 -2.83
N VAL A 83 -7.69 0.28 -2.38
CA VAL A 83 -8.33 -0.26 -1.18
C VAL A 83 -8.37 0.79 -0.07
N VAL A 84 -7.19 1.25 0.33
CA VAL A 84 -7.09 2.26 1.39
C VAL A 84 -8.01 3.44 1.12
N LYS A 85 -8.36 3.64 -0.15
CA LYS A 85 -9.24 4.73 -0.55
C LYS A 85 -10.69 4.39 -0.21
N LYS A 86 -11.10 3.17 -0.51
CA LYS A 86 -12.47 2.73 -0.24
C LYS A 86 -12.79 2.84 1.25
N LEU A 87 -11.77 2.68 2.08
CA LEU A 87 -11.94 2.77 3.53
C LEU A 87 -12.04 4.22 3.98
N ASP A 88 -11.19 5.07 3.42
CA ASP A 88 -11.19 6.49 3.76
C ASP A 88 -11.17 7.36 2.50
N PRO A 89 -12.36 7.77 2.05
CA PRO A 89 -12.51 8.61 0.85
C PRO A 89 -11.98 10.02 1.06
N GLY A 90 -11.85 10.42 2.33
CA GLY A 90 -11.35 11.74 2.64
C GLY A 90 -9.84 11.80 2.70
N TRP A 91 -9.19 10.96 1.91
CA TRP A 91 -7.73 10.91 1.87
C TRP A 91 -7.19 11.71 0.70
N ASN A 92 -6.39 12.72 0.99
CA ASN A 92 -5.80 13.57 -0.05
C ASN A 92 -4.27 13.59 0.06
N PRO A 93 -3.63 12.58 -0.54
CA PRO A 93 -2.16 12.46 -0.52
C PRO A 93 -1.49 13.53 -1.37
N GLN A 94 -1.98 13.70 -2.59
CA GLN A 94 -1.42 14.69 -3.50
C GLN A 94 -2.15 16.02 -3.38
N ILE A 95 -1.43 17.05 -2.94
CA ILE A 95 -2.02 18.37 -2.78
C ILE A 95 -1.12 19.44 -3.40
N PRO A 96 -1.70 20.23 -4.32
CA PRO A 96 -0.97 21.31 -5.00
C PRO A 96 -0.65 22.47 -4.07
N GLU A 97 -1.59 22.79 -3.19
CA GLU A 97 -1.41 23.89 -2.24
C GLU A 97 -0.11 23.70 -1.45
N LYS A 98 0.45 24.82 -0.98
CA LYS A 98 1.69 24.79 -0.21
C LYS A 98 1.46 25.33 1.20
N LYS A 99 2.19 24.79 2.16
CA LYS A 99 2.08 25.22 3.55
C LYS A 99 2.59 26.65 3.72
N GLY A 100 1.84 27.46 4.44
CA GLY A 100 2.22 28.85 4.66
C GLY A 100 1.66 29.78 3.61
N LYS A 101 2.54 30.52 2.94
CA LYS A 101 2.13 31.46 1.91
C LYS A 101 3.35 32.03 1.17
N GLU A 102 3.47 31.68 -0.11
CA GLU A 102 4.59 32.16 -0.92
C GLU A 102 4.16 33.34 -1.78
N ALA A 103 5.14 34.04 -2.35
CA ALA A 103 4.88 35.18 -3.20
C ALA A 103 4.55 34.76 -4.63
N SER A 104 3.77 33.70 -4.76
CA SER A 104 3.39 33.19 -6.07
C SER A 104 3.12 34.33 -7.04
N GLY A 105 2.03 35.04 -6.81
CA GLY A 105 1.67 36.16 -7.68
C GLY A 105 0.17 36.41 -7.71
N PRO A 106 -0.30 37.05 -8.78
CA PRO A 106 -1.71 37.39 -8.96
C PRO A 106 -2.57 36.15 -9.20
N SER A 107 -1.92 34.99 -9.29
CA SER A 107 -2.61 33.73 -9.52
C SER A 107 -2.94 33.04 -8.21
N SER A 108 -3.58 33.77 -7.30
CA SER A 108 -3.95 33.22 -6.00
C SER A 108 -5.45 33.39 -5.76
N GLY A 109 -5.91 34.63 -5.73
CA GLY A 109 -7.31 34.90 -5.51
C GLY A 109 -7.71 36.30 -5.93
N GLY A 1 -9.15 12.43 -9.08
CA GLY A 1 -8.47 11.51 -9.99
C GLY A 1 -7.91 10.30 -9.29
N SER A 2 -8.24 9.12 -9.80
CA SER A 2 -7.76 7.87 -9.20
C SER A 2 -6.82 7.15 -10.15
N SER A 3 -5.91 7.91 -10.76
CA SER A 3 -4.93 7.34 -11.69
C SER A 3 -3.62 8.11 -11.64
N GLY A 4 -2.59 7.54 -12.24
CA GLY A 4 -1.28 8.18 -12.25
C GLY A 4 -0.30 7.47 -13.16
N SER A 5 0.16 8.16 -14.19
CA SER A 5 1.12 7.60 -15.13
C SER A 5 2.53 7.65 -14.57
N SER A 6 2.98 8.84 -14.21
CA SER A 6 4.32 9.03 -13.66
C SER A 6 4.25 9.43 -12.19
N GLY A 7 4.25 8.43 -11.31
CA GLY A 7 4.19 8.71 -9.88
C GLY A 7 3.32 7.72 -9.15
N LEU A 8 3.65 6.44 -9.26
CA LEU A 8 2.89 5.38 -8.59
C LEU A 8 3.44 5.10 -7.20
N ALA A 9 4.73 4.80 -7.15
CA ALA A 9 5.39 4.50 -5.88
C ALA A 9 5.12 5.60 -4.85
N GLU A 10 5.41 6.84 -5.23
CA GLU A 10 5.20 7.98 -4.35
C GLU A 10 3.94 7.79 -3.51
N LEU A 11 2.90 7.25 -4.13
CA LEU A 11 1.63 7.02 -3.44
C LEU A 11 1.74 5.81 -2.51
N PHE A 12 2.35 4.74 -3.01
CA PHE A 12 2.51 3.53 -2.23
C PHE A 12 3.11 3.83 -0.86
N GLU A 13 3.92 4.89 -0.80
CA GLU A 13 4.57 5.29 0.45
C GLU A 13 3.58 5.98 1.37
N LYS A 14 2.87 6.96 0.83
CA LYS A 14 1.87 7.71 1.61
C LYS A 14 0.77 6.79 2.12
N ALA A 15 0.10 6.12 1.19
CA ALA A 15 -0.98 5.19 1.54
C ALA A 15 -0.59 4.34 2.74
N ALA A 16 0.57 3.70 2.67
CA ALA A 16 1.04 2.85 3.75
C ALA A 16 0.85 3.53 5.11
N ALA A 17 1.22 4.81 5.18
CA ALA A 17 1.08 5.57 6.41
C ALA A 17 -0.37 5.69 6.84
N HIS A 18 -1.26 5.77 5.84
CA HIS A 18 -2.69 5.89 6.11
C HIS A 18 -3.25 4.57 6.66
N LEU A 19 -2.69 3.46 6.19
CA LEU A 19 -3.14 2.14 6.63
C LEU A 19 -3.36 2.12 8.14
N GLN A 20 -2.32 2.51 8.88
CA GLN A 20 -2.40 2.52 10.34
C GLN A 20 -3.62 3.30 10.81
N GLY A 21 -4.01 4.31 10.03
CA GLY A 21 -5.16 5.12 10.39
C GLY A 21 -6.47 4.50 9.92
N LEU A 22 -6.37 3.50 9.04
CA LEU A 22 -7.55 2.83 8.51
C LEU A 22 -7.67 1.42 9.07
N ILE A 23 -6.95 1.15 10.15
CA ILE A 23 -6.98 -0.16 10.78
C ILE A 23 -8.35 -0.46 11.37
N GLN A 24 -9.03 0.60 11.83
CA GLN A 24 -10.35 0.44 12.42
C GLN A 24 -11.41 0.20 11.34
N VAL A 25 -11.06 0.52 10.09
CA VAL A 25 -11.96 0.33 8.98
C VAL A 25 -11.53 -0.84 8.10
N ALA A 26 -10.30 -1.31 8.32
CA ALA A 26 -9.76 -2.43 7.55
C ALA A 26 -9.99 -3.74 8.29
N SER A 27 -10.67 -4.68 7.63
CA SER A 27 -10.94 -5.99 8.22
C SER A 27 -9.68 -6.84 8.26
N ARG A 28 -9.63 -7.76 9.22
CA ARG A 28 -8.47 -8.64 9.36
C ARG A 28 -7.89 -9.01 8.00
N GLU A 29 -8.76 -9.50 7.10
CA GLU A 29 -8.34 -9.89 5.77
C GLU A 29 -7.71 -8.71 5.03
N GLN A 30 -8.39 -7.57 5.06
CA GLN A 30 -7.89 -6.37 4.39
C GLN A 30 -6.44 -6.09 4.77
N LEU A 31 -6.14 -6.19 6.06
CA LEU A 31 -4.80 -5.95 6.56
C LEU A 31 -3.78 -6.79 5.78
N LEU A 32 -4.02 -8.10 5.72
CA LEU A 32 -3.12 -9.00 5.01
C LEU A 32 -3.08 -8.68 3.52
N TYR A 33 -4.25 -8.39 2.95
CA TYR A 33 -4.33 -8.07 1.54
C TYR A 33 -3.26 -7.06 1.14
N LEU A 34 -2.99 -6.11 2.03
CA LEU A 34 -1.99 -5.08 1.77
C LEU A 34 -0.59 -5.58 2.12
N TYR A 35 -0.53 -6.55 3.03
CA TYR A 35 0.75 -7.12 3.46
C TYR A 35 1.38 -7.92 2.33
N ALA A 36 0.59 -8.80 1.71
CA ALA A 36 1.08 -9.62 0.61
C ALA A 36 1.74 -8.76 -0.46
N ARG A 37 0.96 -7.88 -1.08
CA ARG A 37 1.46 -7.01 -2.13
C ARG A 37 2.68 -6.23 -1.64
N TYR A 38 2.53 -5.52 -0.52
CA TYR A 38 3.61 -4.74 0.05
C TYR A 38 4.89 -5.55 0.13
N LYS A 39 4.75 -6.84 0.44
CA LYS A 39 5.90 -7.72 0.55
C LYS A 39 6.40 -8.14 -0.83
N GLN A 40 5.54 -8.02 -1.83
CA GLN A 40 5.89 -8.38 -3.20
C GLN A 40 6.61 -7.23 -3.89
N VAL A 41 6.21 -6.01 -3.56
CA VAL A 41 6.83 -4.82 -4.15
C VAL A 41 8.18 -4.51 -3.50
N LYS A 42 8.34 -4.96 -2.26
CA LYS A 42 9.58 -4.75 -1.53
C LYS A 42 10.57 -5.89 -1.75
N VAL A 43 10.05 -7.11 -1.70
CA VAL A 43 10.87 -8.30 -1.89
C VAL A 43 10.74 -8.83 -3.31
N GLY A 44 9.55 -9.33 -3.65
CA GLY A 44 9.32 -9.85 -4.98
C GLY A 44 8.94 -11.32 -4.96
N ASN A 45 9.50 -12.09 -5.89
CA ASN A 45 9.23 -13.52 -5.97
C ASN A 45 9.48 -14.21 -4.64
N CYS A 46 8.41 -14.61 -3.96
CA CYS A 46 8.52 -15.27 -2.67
C CYS A 46 9.73 -16.19 -2.63
N ASN A 47 10.77 -15.77 -1.90
CA ASN A 47 11.99 -16.54 -1.79
C ASN A 47 12.17 -17.07 -0.36
N THR A 48 11.05 -17.41 0.28
CA THR A 48 11.08 -17.93 1.65
C THR A 48 10.39 -19.29 1.73
N PRO A 49 10.87 -20.13 2.66
CA PRO A 49 10.32 -21.47 2.87
C PRO A 49 8.92 -21.43 3.48
N LYS A 50 8.11 -22.43 3.12
CA LYS A 50 6.75 -22.52 3.64
C LYS A 50 6.74 -22.57 5.17
N PRO A 51 5.81 -21.82 5.78
CA PRO A 51 5.67 -21.77 7.24
C PRO A 51 5.15 -23.08 7.81
N SER A 52 4.94 -23.10 9.13
CA SER A 52 4.45 -24.29 9.81
C SER A 52 2.93 -24.36 9.76
N PHE A 53 2.38 -25.54 9.98
CA PHE A 53 0.93 -25.74 9.97
C PHE A 53 0.28 -25.02 11.14
N PHE A 54 0.94 -25.06 12.30
CA PHE A 54 0.41 -24.42 13.50
C PHE A 54 0.53 -22.90 13.40
N ASP A 55 1.63 -22.44 12.82
CA ASP A 55 1.87 -21.01 12.67
C ASP A 55 0.90 -20.41 11.64
N PHE A 56 -0.32 -20.15 12.09
CA PHE A 56 -1.34 -19.57 11.22
C PHE A 56 -0.97 -18.15 10.81
N GLU A 57 -0.75 -17.30 11.80
CA GLU A 57 -0.38 -15.91 11.54
C GLU A 57 0.64 -15.81 10.41
N GLY A 58 1.66 -16.66 10.47
CA GLY A 58 2.69 -16.65 9.45
C GLY A 58 2.28 -17.43 8.22
N LYS A 59 1.26 -18.26 8.36
CA LYS A 59 0.78 -19.07 7.24
C LYS A 59 0.07 -18.19 6.21
N GLN A 60 -1.02 -17.56 6.62
CA GLN A 60 -1.78 -16.69 5.73
C GLN A 60 -0.87 -15.69 5.03
N LYS A 61 0.01 -15.07 5.82
CA LYS A 61 0.94 -14.09 5.28
C LYS A 61 1.77 -14.67 4.14
N TRP A 62 2.56 -15.70 4.46
CA TRP A 62 3.40 -16.35 3.46
C TRP A 62 2.59 -16.73 2.23
N GLU A 63 1.38 -17.25 2.46
CA GLU A 63 0.50 -17.65 1.37
C GLU A 63 0.16 -16.46 0.47
N ALA A 64 -0.66 -15.56 0.99
CA ALA A 64 -1.06 -14.38 0.24
C ALA A 64 0.08 -13.86 -0.63
N TRP A 65 1.24 -13.66 0.00
CA TRP A 65 2.41 -13.17 -0.72
C TRP A 65 2.97 -14.24 -1.66
N LYS A 66 2.87 -15.50 -1.24
CA LYS A 66 3.36 -16.60 -2.05
C LYS A 66 2.66 -16.65 -3.39
N ALA A 67 1.35 -16.40 -3.39
CA ALA A 67 0.56 -16.41 -4.61
C ALA A 67 1.08 -15.37 -5.61
N LEU A 68 1.75 -14.34 -5.09
CA LEU A 68 2.29 -13.29 -5.94
C LEU A 68 3.72 -13.62 -6.37
N GLY A 69 3.91 -14.83 -6.90
CA GLY A 69 5.23 -15.23 -7.35
C GLY A 69 5.64 -14.57 -8.65
N ASP A 70 4.76 -14.61 -9.63
CA ASP A 70 5.03 -14.00 -10.94
C ASP A 70 4.34 -12.64 -11.06
N SER A 71 4.02 -12.04 -9.92
CA SER A 71 3.36 -10.75 -9.91
C SER A 71 4.36 -9.62 -10.11
N SER A 72 3.86 -8.39 -10.15
CA SER A 72 4.70 -7.22 -10.34
C SER A 72 4.55 -6.23 -9.19
N PRO A 73 5.58 -5.39 -9.00
CA PRO A 73 5.58 -4.38 -7.92
C PRO A 73 4.57 -3.26 -8.18
N SER A 74 4.62 -2.69 -9.38
CA SER A 74 3.72 -1.61 -9.74
C SER A 74 2.27 -2.08 -9.73
N GLN A 75 2.07 -3.35 -10.08
CA GLN A 75 0.73 -3.92 -10.10
C GLN A 75 0.23 -4.21 -8.69
N ALA A 76 1.16 -4.30 -7.74
CA ALA A 76 0.82 -4.57 -6.35
C ALA A 76 0.47 -3.27 -5.61
N MET A 77 0.97 -2.15 -6.14
CA MET A 77 0.71 -0.86 -5.52
C MET A 77 -0.67 -0.33 -5.90
N GLN A 78 -1.00 -0.44 -7.18
CA GLN A 78 -2.29 0.03 -7.67
C GLN A 78 -3.43 -0.48 -6.78
N GLU A 79 -3.40 -1.77 -6.48
CA GLU A 79 -4.42 -2.38 -5.64
C GLU A 79 -4.21 -2.02 -4.17
N TYR A 80 -2.96 -2.13 -3.72
CA TYR A 80 -2.63 -1.83 -2.33
C TYR A 80 -3.13 -0.44 -1.95
N ILE A 81 -3.14 0.46 -2.91
CA ILE A 81 -3.60 1.83 -2.67
C ILE A 81 -5.12 1.93 -2.79
N ALA A 82 -5.64 1.68 -3.99
CA ALA A 82 -7.07 1.75 -4.24
C ALA A 82 -7.85 1.31 -3.00
N VAL A 83 -7.57 0.10 -2.53
CA VAL A 83 -8.24 -0.44 -1.36
C VAL A 83 -8.37 0.62 -0.26
N VAL A 84 -7.24 1.17 0.15
CA VAL A 84 -7.22 2.19 1.19
C VAL A 84 -8.19 3.31 0.87
N LYS A 85 -8.47 3.52 -0.41
CA LYS A 85 -9.39 4.55 -0.85
C LYS A 85 -10.83 4.18 -0.53
N LYS A 86 -11.13 2.88 -0.60
CA LYS A 86 -12.47 2.39 -0.32
C LYS A 86 -12.78 2.48 1.17
N LEU A 87 -11.75 2.30 1.99
CA LEU A 87 -11.90 2.36 3.44
C LEU A 87 -12.08 3.80 3.91
N ASP A 88 -11.34 4.72 3.31
CA ASP A 88 -11.43 6.13 3.67
C ASP A 88 -11.38 7.01 2.42
N PRO A 89 -12.54 7.55 2.03
CA PRO A 89 -12.65 8.41 0.86
C PRO A 89 -11.98 9.77 1.06
N GLY A 90 -12.04 10.27 2.29
CA GLY A 90 -11.42 11.55 2.60
C GLY A 90 -9.91 11.47 2.69
N TRP A 91 -9.30 10.86 1.68
CA TRP A 91 -7.84 10.70 1.65
C TRP A 91 -7.23 11.55 0.54
N ASN A 92 -6.30 12.43 0.92
CA ASN A 92 -5.64 13.30 -0.04
C ASN A 92 -4.12 13.18 0.06
N PRO A 93 -3.53 12.31 -0.76
CA PRO A 93 -2.08 12.09 -0.78
C PRO A 93 -1.32 13.29 -1.33
N GLN A 94 -1.96 14.04 -2.21
CA GLN A 94 -1.34 15.22 -2.81
C GLN A 94 -2.30 16.40 -2.80
N ILE A 95 -1.85 17.52 -2.23
CA ILE A 95 -2.66 18.72 -2.16
C ILE A 95 -2.06 19.84 -3.01
N PRO A 96 -2.92 20.51 -3.79
CA PRO A 96 -2.50 21.62 -4.67
C PRO A 96 -2.09 22.85 -3.87
N GLU A 97 -2.91 23.20 -2.88
CA GLU A 97 -2.64 24.37 -2.04
C GLU A 97 -1.19 24.36 -1.54
N LYS A 98 -0.78 25.45 -0.92
CA LYS A 98 0.57 25.56 -0.38
C LYS A 98 0.54 26.00 1.08
N LYS A 99 1.27 25.27 1.92
CA LYS A 99 1.32 25.58 3.34
C LYS A 99 2.73 25.36 3.89
N GLY A 100 3.32 26.42 4.44
CA GLY A 100 4.66 26.31 4.99
C GLY A 100 4.67 25.76 6.40
N LYS A 101 4.91 26.63 7.38
CA LYS A 101 4.94 26.22 8.78
C LYS A 101 3.71 25.39 9.13
N GLU A 102 3.94 24.19 9.66
CA GLU A 102 2.85 23.31 10.04
C GLU A 102 2.75 23.19 11.56
N ALA A 103 1.67 22.58 12.03
CA ALA A 103 1.45 22.40 13.47
C ALA A 103 1.96 21.05 13.93
N SER A 104 2.18 20.92 15.24
CA SER A 104 2.67 19.67 15.81
C SER A 104 1.58 18.99 16.64
N GLY A 105 0.85 19.79 17.42
CA GLY A 105 -0.20 19.24 18.24
C GLY A 105 0.15 19.24 19.72
N PRO A 106 -0.86 19.46 20.58
CA PRO A 106 -0.68 19.49 22.03
C PRO A 106 -0.35 18.13 22.60
N SER A 107 0.83 18.00 23.19
CA SER A 107 1.26 16.74 23.79
C SER A 107 0.12 16.07 24.53
N SER A 108 -0.46 16.79 25.50
CA SER A 108 -1.56 16.26 26.29
C SER A 108 -2.31 17.39 26.99
N GLY A 109 -3.64 17.39 26.85
CA GLY A 109 -4.45 18.42 27.47
C GLY A 109 -5.63 17.84 28.22
N GLY A 1 -6.29 11.34 -26.51
CA GLY A 1 -5.58 12.57 -26.78
C GLY A 1 -4.34 12.73 -25.91
N SER A 2 -4.55 13.17 -24.68
CA SER A 2 -3.45 13.38 -23.75
C SER A 2 -3.17 12.10 -22.94
N SER A 3 -2.11 11.40 -23.31
CA SER A 3 -1.73 10.16 -22.62
C SER A 3 -0.38 10.31 -21.95
N GLY A 4 -0.40 10.48 -20.63
CA GLY A 4 0.84 10.63 -19.88
C GLY A 4 0.64 10.37 -18.39
N SER A 5 0.25 9.16 -18.04
CA SER A 5 0.02 8.80 -16.65
C SER A 5 1.30 8.25 -16.02
N SER A 6 1.75 8.91 -14.95
CA SER A 6 2.96 8.49 -14.25
C SER A 6 2.95 8.99 -12.81
N GLY A 7 3.51 8.18 -11.91
CA GLY A 7 3.56 8.57 -10.51
C GLY A 7 2.73 7.65 -9.64
N LEU A 8 2.98 6.35 -9.72
CA LEU A 8 2.24 5.37 -8.94
C LEU A 8 2.90 5.16 -7.57
N ALA A 9 4.18 4.81 -7.58
CA ALA A 9 4.92 4.58 -6.34
C ALA A 9 4.68 5.71 -5.34
N GLU A 10 4.88 6.95 -5.79
CA GLU A 10 4.68 8.11 -4.94
C GLU A 10 3.46 7.93 -4.04
N LEU A 11 2.43 7.30 -4.59
CA LEU A 11 1.20 7.06 -3.83
C LEU A 11 1.38 5.90 -2.86
N PHE A 12 1.99 4.82 -3.33
CA PHE A 12 2.22 3.65 -2.50
C PHE A 12 2.81 4.04 -1.15
N GLU A 13 3.64 5.08 -1.16
CA GLU A 13 4.28 5.56 0.07
C GLU A 13 3.26 6.26 0.97
N LYS A 14 2.55 7.23 0.40
CA LYS A 14 1.55 7.98 1.15
C LYS A 14 0.49 7.05 1.72
N ALA A 15 -0.12 6.26 0.85
CA ALA A 15 -1.15 5.32 1.27
C ALA A 15 -0.70 4.51 2.49
N ALA A 16 0.50 3.93 2.40
CA ALA A 16 1.03 3.14 3.50
C ALA A 16 0.87 3.86 4.83
N ALA A 17 1.22 5.14 4.85
CA ALA A 17 1.11 5.95 6.06
C ALA A 17 -0.34 6.05 6.53
N HIS A 18 -1.27 5.87 5.59
CA HIS A 18 -2.69 5.94 5.91
C HIS A 18 -3.18 4.61 6.50
N LEU A 19 -2.59 3.52 6.05
CA LEU A 19 -2.96 2.19 6.53
C LEU A 19 -3.08 2.18 8.04
N GLN A 20 -2.10 2.76 8.73
CA GLN A 20 -2.10 2.81 10.18
C GLN A 20 -3.34 3.55 10.70
N GLY A 21 -3.80 4.53 9.93
CA GLY A 21 -4.97 5.30 10.34
C GLY A 21 -6.26 4.63 9.91
N LEU A 22 -6.16 3.64 9.03
CA LEU A 22 -7.32 2.93 8.54
C LEU A 22 -7.41 1.53 9.17
N ILE A 23 -6.64 1.31 10.23
CA ILE A 23 -6.64 0.03 10.92
C ILE A 23 -7.98 -0.25 11.58
N GLN A 24 -8.64 0.82 12.02
CA GLN A 24 -9.94 0.69 12.67
C GLN A 24 -11.03 0.41 11.65
N VAL A 25 -10.77 0.75 10.40
CA VAL A 25 -11.73 0.53 9.32
C VAL A 25 -11.35 -0.67 8.47
N ALA A 26 -10.12 -1.15 8.65
CA ALA A 26 -9.63 -2.30 7.90
C ALA A 26 -9.89 -3.59 8.66
N SER A 27 -10.37 -4.61 7.94
CA SER A 27 -10.67 -5.90 8.55
C SER A 27 -9.41 -6.78 8.59
N ARG A 28 -9.30 -7.58 9.64
CA ARG A 28 -8.15 -8.47 9.80
C ARG A 28 -7.72 -9.04 8.45
N GLU A 29 -8.68 -9.22 7.54
CA GLU A 29 -8.38 -9.75 6.22
C GLU A 29 -7.72 -8.70 5.34
N GLN A 30 -8.31 -7.51 5.31
CA GLN A 30 -7.78 -6.41 4.50
C GLN A 30 -6.33 -6.11 4.88
N LEU A 31 -6.01 -6.28 6.17
CA LEU A 31 -4.66 -6.03 6.67
C LEU A 31 -3.65 -6.93 5.96
N LEU A 32 -4.05 -8.17 5.71
CA LEU A 32 -3.17 -9.13 5.03
C LEU A 32 -3.11 -8.85 3.54
N TYR A 33 -4.24 -8.48 2.95
CA TYR A 33 -4.30 -8.20 1.53
C TYR A 33 -3.21 -7.20 1.12
N LEU A 34 -2.94 -6.25 2.01
CA LEU A 34 -1.92 -5.23 1.74
C LEU A 34 -0.53 -5.75 2.09
N TYR A 35 -0.49 -6.76 2.96
CA TYR A 35 0.78 -7.35 3.38
C TYR A 35 1.44 -8.11 2.23
N ALA A 36 0.64 -8.89 1.51
CA ALA A 36 1.14 -9.66 0.39
C ALA A 36 1.75 -8.75 -0.67
N ARG A 37 0.91 -7.92 -1.27
CA ARG A 37 1.37 -6.99 -2.31
C ARG A 37 2.51 -6.13 -1.80
N TYR A 38 2.38 -5.62 -0.59
CA TYR A 38 3.40 -4.78 0.02
C TYR A 38 4.71 -5.55 0.19
N LYS A 39 4.60 -6.86 0.39
CA LYS A 39 5.76 -7.71 0.57
C LYS A 39 6.36 -8.10 -0.77
N GLN A 40 5.60 -7.91 -1.84
CA GLN A 40 6.04 -8.24 -3.18
C GLN A 40 6.75 -7.06 -3.82
N VAL A 41 6.23 -5.85 -3.58
CA VAL A 41 6.80 -4.63 -4.13
C VAL A 41 8.10 -4.27 -3.43
N LYS A 42 8.27 -4.77 -2.20
CA LYS A 42 9.47 -4.50 -1.43
C LYS A 42 10.49 -5.61 -1.60
N VAL A 43 10.05 -6.85 -1.41
CA VAL A 43 10.93 -8.00 -1.55
C VAL A 43 10.90 -8.54 -2.98
N GLY A 44 9.77 -9.14 -3.36
CA GLY A 44 9.64 -9.69 -4.70
C GLY A 44 9.29 -11.16 -4.69
N ASN A 45 9.74 -11.89 -5.71
CA ASN A 45 9.48 -13.32 -5.81
C ASN A 45 9.62 -14.00 -4.46
N CYS A 46 8.56 -14.67 -4.02
CA CYS A 46 8.57 -15.37 -2.73
C CYS A 46 9.65 -16.45 -2.72
N ASN A 47 10.66 -16.25 -1.87
CA ASN A 47 11.75 -17.20 -1.75
C ASN A 47 11.73 -17.91 -0.41
N THR A 48 11.35 -17.16 0.63
CA THR A 48 11.27 -17.71 1.98
C THR A 48 10.57 -19.06 1.99
N PRO A 49 10.97 -19.93 2.92
CA PRO A 49 10.38 -21.28 3.06
C PRO A 49 8.95 -21.23 3.58
N LYS A 50 8.17 -22.26 3.26
CA LYS A 50 6.79 -22.33 3.69
C LYS A 50 6.70 -22.52 5.20
N PRO A 51 5.78 -21.78 5.84
CA PRO A 51 5.57 -21.84 7.29
C PRO A 51 4.96 -23.17 7.73
N SER A 52 4.93 -23.40 9.04
CA SER A 52 4.37 -24.63 9.59
C SER A 52 2.85 -24.64 9.46
N PHE A 53 2.29 -25.83 9.35
CA PHE A 53 0.84 -25.98 9.22
C PHE A 53 0.13 -25.42 10.44
N PHE A 54 0.68 -25.68 11.62
CA PHE A 54 0.09 -25.20 12.86
C PHE A 54 0.16 -23.67 12.94
N ASP A 55 1.25 -23.11 12.44
CA ASP A 55 1.44 -21.67 12.45
C ASP A 55 0.56 -20.99 11.41
N PHE A 56 -0.74 -20.88 11.71
CA PHE A 56 -1.68 -20.25 10.80
C PHE A 56 -1.34 -18.79 10.57
N GLU A 57 -1.25 -18.03 11.66
CA GLU A 57 -0.93 -16.61 11.58
C GLU A 57 0.12 -16.36 10.50
N GLY A 58 1.27 -17.00 10.64
CA GLY A 58 2.34 -16.83 9.67
C GLY A 58 2.06 -17.54 8.36
N LYS A 59 1.09 -18.45 8.38
CA LYS A 59 0.72 -19.20 7.19
C LYS A 59 -0.05 -18.32 6.20
N GLN A 60 -1.02 -17.58 6.72
CA GLN A 60 -1.82 -16.69 5.89
C GLN A 60 -0.96 -15.62 5.24
N LYS A 61 -0.08 -15.02 6.03
CA LYS A 61 0.80 -13.98 5.53
C LYS A 61 1.72 -14.51 4.43
N TRP A 62 2.44 -15.58 4.73
CA TRP A 62 3.34 -16.20 3.76
C TRP A 62 2.58 -16.62 2.50
N GLU A 63 1.39 -17.18 2.70
CA GLU A 63 0.57 -17.63 1.58
C GLU A 63 0.22 -16.47 0.66
N ALA A 64 -0.63 -15.57 1.14
CA ALA A 64 -1.05 -14.41 0.36
C ALA A 64 0.10 -13.87 -0.48
N TRP A 65 1.25 -13.68 0.17
CA TRP A 65 2.43 -13.17 -0.52
C TRP A 65 2.99 -14.21 -1.49
N LYS A 66 2.89 -15.47 -1.10
CA LYS A 66 3.40 -16.56 -1.93
C LYS A 66 2.69 -16.60 -3.28
N ALA A 67 1.38 -16.39 -3.26
CA ALA A 67 0.58 -16.39 -4.48
C ALA A 67 1.16 -15.43 -5.52
N LEU A 68 1.83 -14.39 -5.04
CA LEU A 68 2.44 -13.40 -5.93
C LEU A 68 3.82 -13.85 -6.38
N GLY A 69 3.89 -15.08 -6.90
CA GLY A 69 5.16 -15.61 -7.37
C GLY A 69 5.87 -14.66 -8.31
N ASP A 70 5.40 -14.58 -9.55
CA ASP A 70 6.01 -13.71 -10.54
C ASP A 70 5.15 -12.46 -10.75
N SER A 71 4.81 -11.79 -9.66
CA SER A 71 4.00 -10.58 -9.73
C SER A 71 4.87 -9.34 -9.95
N SER A 72 4.21 -8.21 -10.16
CA SER A 72 4.93 -6.96 -10.38
C SER A 72 4.72 -6.00 -9.22
N PRO A 73 5.67 -5.07 -9.04
CA PRO A 73 5.61 -4.07 -7.97
C PRO A 73 4.51 -3.04 -8.19
N SER A 74 4.49 -2.45 -9.38
CA SER A 74 3.49 -1.44 -9.71
C SER A 74 2.08 -2.04 -9.66
N GLN A 75 1.94 -3.25 -10.17
CA GLN A 75 0.65 -3.93 -10.18
C GLN A 75 0.20 -4.27 -8.77
N ALA A 76 1.15 -4.30 -7.85
CA ALA A 76 0.85 -4.61 -6.45
C ALA A 76 0.50 -3.35 -5.67
N MET A 77 0.91 -2.20 -6.19
CA MET A 77 0.63 -0.92 -5.54
C MET A 77 -0.76 -0.42 -5.91
N GLN A 78 -1.16 -0.66 -7.15
CA GLN A 78 -2.48 -0.23 -7.63
C GLN A 78 -3.58 -0.77 -6.72
N GLU A 79 -3.55 -2.06 -6.45
CA GLU A 79 -4.56 -2.69 -5.61
C GLU A 79 -4.35 -2.31 -4.14
N TYR A 80 -3.10 -2.35 -3.71
CA TYR A 80 -2.75 -2.01 -2.33
C TYR A 80 -3.23 -0.60 -1.97
N ILE A 81 -3.36 0.24 -2.99
CA ILE A 81 -3.82 1.61 -2.78
C ILE A 81 -5.34 1.71 -2.86
N ALA A 82 -5.89 1.41 -4.04
CA ALA A 82 -7.33 1.45 -4.25
C ALA A 82 -8.07 1.06 -2.97
N VAL A 83 -7.77 -0.12 -2.46
CA VAL A 83 -8.42 -0.61 -1.25
C VAL A 83 -8.50 0.48 -0.19
N VAL A 84 -7.33 1.02 0.19
CA VAL A 84 -7.27 2.08 1.19
C VAL A 84 -8.25 3.19 0.87
N LYS A 85 -8.61 3.32 -0.41
CA LYS A 85 -9.54 4.35 -0.85
C LYS A 85 -10.97 3.99 -0.48
N LYS A 86 -11.27 2.69 -0.50
CA LYS A 86 -12.60 2.21 -0.17
C LYS A 86 -12.88 2.36 1.33
N LEU A 87 -11.83 2.21 2.14
CA LEU A 87 -11.95 2.33 3.59
C LEU A 87 -12.16 3.78 4.00
N ASP A 88 -11.44 4.69 3.36
CA ASP A 88 -11.55 6.11 3.66
C ASP A 88 -11.55 6.94 2.37
N PRO A 89 -12.74 7.44 2.01
CA PRO A 89 -12.92 8.26 0.80
C PRO A 89 -12.27 9.63 0.93
N GLY A 90 -12.19 10.12 2.15
CA GLY A 90 -11.58 11.43 2.39
C GLY A 90 -10.08 11.36 2.52
N TRP A 91 -9.43 10.74 1.53
CA TRP A 91 -7.98 10.61 1.54
C TRP A 91 -7.36 11.48 0.46
N ASN A 92 -6.55 12.45 0.88
CA ASN A 92 -5.89 13.35 -0.05
C ASN A 92 -4.38 13.15 -0.03
N PRO A 93 -3.89 12.20 -0.82
CA PRO A 93 -2.46 11.87 -0.92
C PRO A 93 -1.67 12.99 -1.59
N GLN A 94 -2.29 13.66 -2.56
CA GLN A 94 -1.64 14.73 -3.29
C GLN A 94 -1.97 16.09 -2.67
N ILE A 95 -1.21 16.47 -1.65
CA ILE A 95 -1.42 17.73 -0.96
C ILE A 95 -0.28 18.71 -1.25
N PRO A 96 -0.64 19.95 -1.60
CA PRO A 96 0.34 21.00 -1.90
C PRO A 96 1.10 21.47 -0.66
N GLU A 97 0.36 21.78 0.39
CA GLU A 97 0.95 22.24 1.64
C GLU A 97 2.15 21.37 2.02
N LYS A 98 2.93 21.83 3.00
CA LYS A 98 4.10 21.09 3.45
C LYS A 98 4.38 21.37 4.93
N LYS A 99 4.68 20.33 5.68
CA LYS A 99 4.97 20.45 7.11
C LYS A 99 5.95 21.59 7.35
N GLY A 100 7.06 21.58 6.62
CA GLY A 100 8.07 22.61 6.78
C GLY A 100 9.48 22.05 6.76
N LYS A 101 10.44 22.89 6.37
CA LYS A 101 11.84 22.48 6.31
C LYS A 101 12.57 22.85 7.59
N GLU A 102 13.58 22.05 7.94
CA GLU A 102 14.37 22.30 9.15
C GLU A 102 14.70 23.78 9.29
N ALA A 103 14.89 24.23 10.52
CA ALA A 103 15.22 25.62 10.79
C ALA A 103 16.72 25.87 10.61
N SER A 104 17.28 25.31 9.55
CA SER A 104 18.71 25.48 9.26
C SER A 104 19.06 26.95 9.08
N GLY A 105 19.29 27.64 10.20
CA GLY A 105 19.63 29.05 10.15
C GLY A 105 18.59 29.92 10.83
N PRO A 106 19.06 30.99 11.49
CA PRO A 106 18.17 31.93 12.19
C PRO A 106 17.33 32.77 11.23
N SER A 107 17.63 32.66 9.94
CA SER A 107 16.90 33.40 8.93
C SER A 107 15.40 33.38 9.19
N SER A 108 14.81 34.57 9.30
CA SER A 108 13.38 34.69 9.56
C SER A 108 12.66 35.29 8.37
N GLY A 109 11.59 34.63 7.93
CA GLY A 109 10.83 35.10 6.79
C GLY A 109 9.75 36.09 7.20
N GLY A 1 -7.82 15.61 -17.50
CA GLY A 1 -6.61 15.46 -16.71
C GLY A 1 -5.95 16.78 -16.39
N SER A 2 -5.77 17.06 -15.10
CA SER A 2 -5.15 18.31 -14.67
C SER A 2 -3.73 18.42 -15.20
N SER A 3 -3.13 19.60 -15.03
CA SER A 3 -1.77 19.83 -15.50
C SER A 3 -0.76 19.61 -14.38
N GLY A 4 -0.31 18.37 -14.23
CA GLY A 4 0.64 18.04 -13.20
C GLY A 4 1.34 16.71 -13.44
N SER A 5 2.46 16.50 -12.76
CA SER A 5 3.22 15.26 -12.92
C SER A 5 2.48 14.08 -12.30
N SER A 6 2.82 12.88 -12.74
CA SER A 6 2.18 11.67 -12.23
C SER A 6 3.20 10.78 -11.53
N GLY A 7 2.70 9.74 -10.86
CA GLY A 7 3.57 8.82 -10.15
C GLY A 7 2.81 7.83 -9.29
N LEU A 8 3.17 6.56 -9.39
CA LEU A 8 2.51 5.52 -8.62
C LEU A 8 3.21 5.31 -7.27
N ALA A 9 4.48 4.92 -7.32
CA ALA A 9 5.26 4.68 -6.12
C ALA A 9 4.98 5.76 -5.07
N GLU A 10 5.17 7.02 -5.45
CA GLU A 10 4.95 8.13 -4.55
C GLU A 10 3.75 7.87 -3.65
N LEU A 11 2.62 7.52 -4.26
CA LEU A 11 1.40 7.24 -3.52
C LEU A 11 1.59 6.04 -2.58
N PHE A 12 2.06 4.93 -3.16
CA PHE A 12 2.28 3.71 -2.38
C PHE A 12 2.98 4.03 -1.07
N GLU A 13 3.86 5.03 -1.09
CA GLU A 13 4.60 5.42 0.10
C GLU A 13 3.67 6.11 1.10
N LYS A 14 2.84 7.03 0.60
CA LYS A 14 1.91 7.76 1.45
C LYS A 14 0.81 6.83 1.97
N ALA A 15 0.11 6.16 1.05
CA ALA A 15 -0.95 5.25 1.41
C ALA A 15 -0.57 4.41 2.62
N ALA A 16 0.63 3.84 2.59
CA ALA A 16 1.12 3.01 3.68
C ALA A 16 0.88 3.69 5.03
N ALA A 17 1.29 4.96 5.13
CA ALA A 17 1.12 5.71 6.36
C ALA A 17 -0.35 5.79 6.76
N HIS A 18 -1.23 5.93 5.77
CA HIS A 18 -2.66 6.02 6.02
C HIS A 18 -3.19 4.71 6.59
N LEU A 19 -2.58 3.61 6.18
CA LEU A 19 -2.99 2.29 6.65
C LEU A 19 -3.24 2.30 8.16
N GLN A 20 -2.24 2.75 8.91
CA GLN A 20 -2.34 2.81 10.37
C GLN A 20 -3.59 3.58 10.79
N GLY A 21 -4.04 4.50 9.94
CA GLY A 21 -5.22 5.28 10.25
C GLY A 21 -6.50 4.60 9.79
N LEU A 22 -6.35 3.57 8.97
CA LEU A 22 -7.50 2.83 8.45
C LEU A 22 -7.58 1.44 9.06
N ILE A 23 -6.85 1.25 10.17
CA ILE A 23 -6.84 -0.04 10.85
C ILE A 23 -8.23 -0.38 11.40
N GLN A 24 -8.94 0.64 11.87
CA GLN A 24 -10.28 0.44 12.41
C GLN A 24 -11.28 0.10 11.30
N VAL A 25 -10.89 0.39 10.06
CA VAL A 25 -11.76 0.12 8.92
C VAL A 25 -11.23 -1.06 8.10
N ALA A 26 -9.98 -1.42 8.35
CA ALA A 26 -9.35 -2.53 7.63
C ALA A 26 -9.65 -3.86 8.31
N SER A 27 -10.41 -4.72 7.63
CA SER A 27 -10.76 -6.02 8.17
C SER A 27 -9.53 -6.90 8.34
N ARG A 28 -9.60 -7.84 9.29
CA ARG A 28 -8.48 -8.73 9.55
C ARG A 28 -7.83 -9.19 8.24
N GLU A 29 -8.65 -9.37 7.21
CA GLU A 29 -8.16 -9.79 5.91
C GLU A 29 -7.46 -8.65 5.18
N GLN A 30 -8.08 -7.48 5.21
CA GLN A 30 -7.52 -6.30 4.56
C GLN A 30 -6.10 -6.04 5.04
N LEU A 31 -5.88 -6.21 6.34
CA LEU A 31 -4.57 -5.99 6.93
C LEU A 31 -3.50 -6.82 6.23
N LEU A 32 -3.83 -8.07 5.93
CA LEU A 32 -2.92 -8.97 5.25
C LEU A 32 -2.79 -8.62 3.77
N TYR A 33 -3.93 -8.43 3.12
CA TYR A 33 -3.95 -8.10 1.70
C TYR A 33 -2.88 -7.05 1.38
N LEU A 34 -2.91 -5.94 2.10
CA LEU A 34 -1.95 -4.86 1.89
C LEU A 34 -0.52 -5.36 2.11
N TYR A 35 -0.36 -6.29 3.05
CA TYR A 35 0.94 -6.85 3.36
C TYR A 35 1.47 -7.69 2.21
N ALA A 36 0.66 -8.66 1.77
CA ALA A 36 1.03 -9.53 0.68
C ALA A 36 1.72 -8.75 -0.44
N ARG A 37 0.95 -7.92 -1.14
CA ARG A 37 1.49 -7.12 -2.24
C ARG A 37 2.60 -6.22 -1.74
N TYR A 38 2.36 -5.54 -0.62
CA TYR A 38 3.35 -4.64 -0.04
C TYR A 38 4.71 -5.32 0.08
N LYS A 39 4.69 -6.63 0.30
CA LYS A 39 5.92 -7.41 0.44
C LYS A 39 6.47 -7.80 -0.93
N GLN A 40 5.57 -7.96 -1.90
CA GLN A 40 5.96 -8.33 -3.25
C GLN A 40 6.69 -7.18 -3.95
N VAL A 41 6.26 -5.96 -3.66
CA VAL A 41 6.86 -4.78 -4.25
C VAL A 41 8.24 -4.50 -3.66
N LYS A 42 8.45 -4.94 -2.42
CA LYS A 42 9.72 -4.75 -1.74
C LYS A 42 10.68 -5.89 -2.05
N VAL A 43 10.22 -7.11 -1.87
CA VAL A 43 11.04 -8.29 -2.14
C VAL A 43 10.76 -8.86 -3.52
N GLY A 44 9.54 -9.36 -3.71
CA GLY A 44 9.16 -9.93 -4.99
C GLY A 44 8.81 -11.40 -4.89
N ASN A 45 9.57 -12.23 -5.59
CA ASN A 45 9.34 -13.68 -5.57
C ASN A 45 9.56 -14.25 -4.18
N CYS A 46 8.64 -15.11 -3.74
CA CYS A 46 8.74 -15.73 -2.43
C CYS A 46 10.20 -16.02 -2.07
N ASN A 47 10.76 -15.22 -1.17
CA ASN A 47 12.14 -15.38 -0.75
C ASN A 47 12.21 -15.95 0.67
N THR A 48 11.14 -16.64 1.08
CA THR A 48 11.09 -17.23 2.41
C THR A 48 10.50 -18.63 2.36
N PRO A 49 10.88 -19.46 3.34
CA PRO A 49 10.41 -20.85 3.43
C PRO A 49 8.93 -20.94 3.79
N LYS A 50 8.32 -22.07 3.48
CA LYS A 50 6.91 -22.29 3.77
C LYS A 50 6.68 -22.46 5.27
N PRO A 51 5.72 -21.71 5.81
CA PRO A 51 5.38 -21.76 7.24
C PRO A 51 4.69 -23.07 7.62
N SER A 52 4.92 -23.51 8.85
CA SER A 52 4.32 -24.75 9.34
C SER A 52 2.80 -24.66 9.33
N PHE A 53 2.16 -25.80 9.57
CA PHE A 53 0.69 -25.86 9.59
C PHE A 53 0.15 -25.26 10.88
N PHE A 54 0.85 -25.50 11.98
CA PHE A 54 0.43 -24.99 13.29
C PHE A 54 0.47 -23.47 13.31
N ASP A 55 1.42 -22.89 12.58
CA ASP A 55 1.57 -21.45 12.52
C ASP A 55 0.65 -20.85 11.46
N PHE A 56 -0.62 -20.70 11.82
CA PHE A 56 -1.61 -20.14 10.90
C PHE A 56 -1.29 -18.68 10.58
N GLU A 57 -1.24 -17.85 11.63
CA GLU A 57 -0.96 -16.43 11.46
C GLU A 57 0.04 -16.21 10.33
N GLY A 58 1.23 -16.80 10.47
CA GLY A 58 2.25 -16.65 9.45
C GLY A 58 1.89 -17.35 8.15
N LYS A 59 1.14 -18.44 8.27
CA LYS A 59 0.73 -19.20 7.10
C LYS A 59 0.08 -18.30 6.06
N GLN A 60 -0.98 -17.59 6.47
CA GLN A 60 -1.69 -16.70 5.58
C GLN A 60 -0.73 -15.68 4.95
N LYS A 61 0.15 -15.13 5.76
CA LYS A 61 1.13 -14.15 5.29
C LYS A 61 1.94 -14.72 4.13
N TRP A 62 2.58 -15.86 4.37
CA TRP A 62 3.40 -16.50 3.34
C TRP A 62 2.56 -16.86 2.12
N GLU A 63 1.40 -17.47 2.36
CA GLU A 63 0.51 -17.87 1.28
C GLU A 63 0.12 -16.67 0.42
N ALA A 64 -0.60 -15.72 1.01
CA ALA A 64 -1.02 -14.53 0.31
C ALA A 64 0.10 -13.97 -0.55
N TRP A 65 1.26 -13.75 0.05
CA TRP A 65 2.42 -13.23 -0.66
C TRP A 65 3.00 -14.28 -1.61
N LYS A 66 2.78 -15.54 -1.28
CA LYS A 66 3.29 -16.64 -2.10
C LYS A 66 2.55 -16.71 -3.43
N ALA A 67 1.24 -16.51 -3.39
CA ALA A 67 0.42 -16.54 -4.59
C ALA A 67 0.92 -15.53 -5.63
N LEU A 68 1.69 -14.55 -5.16
CA LEU A 68 2.23 -13.53 -6.04
C LEU A 68 3.62 -13.91 -6.53
N GLY A 69 3.74 -15.13 -7.07
CA GLY A 69 5.02 -15.59 -7.57
C GLY A 69 5.42 -14.92 -8.87
N ASP A 70 4.44 -14.72 -9.76
CA ASP A 70 4.69 -14.09 -11.04
C ASP A 70 3.97 -12.74 -11.13
N SER A 71 3.93 -12.02 -10.02
CA SER A 71 3.26 -10.72 -9.98
C SER A 71 4.25 -9.60 -10.26
N SER A 72 3.77 -8.36 -10.15
CA SER A 72 4.60 -7.19 -10.39
C SER A 72 4.49 -6.19 -9.25
N PRO A 73 5.53 -5.33 -9.11
CA PRO A 73 5.57 -4.31 -8.06
C PRO A 73 4.54 -3.21 -8.28
N SER A 74 4.53 -2.64 -9.49
CA SER A 74 3.60 -1.57 -9.82
C SER A 74 2.17 -2.07 -9.76
N GLN A 75 1.95 -3.31 -10.16
CA GLN A 75 0.61 -3.90 -10.16
C GLN A 75 0.17 -4.21 -8.73
N ALA A 76 1.14 -4.31 -7.82
CA ALA A 76 0.85 -4.61 -6.43
C ALA A 76 0.52 -3.34 -5.65
N MET A 77 1.04 -2.21 -6.13
CA MET A 77 0.81 -0.92 -5.47
C MET A 77 -0.58 -0.39 -5.81
N GLN A 78 -1.06 -0.71 -7.02
CA GLN A 78 -2.38 -0.26 -7.46
C GLN A 78 -3.47 -0.77 -6.51
N GLU A 79 -3.43 -2.06 -6.22
CA GLU A 79 -4.42 -2.66 -5.33
C GLU A 79 -4.18 -2.24 -3.88
N TYR A 80 -2.90 -2.09 -3.52
CA TYR A 80 -2.53 -1.70 -2.17
C TYR A 80 -3.04 -0.29 -1.85
N ILE A 81 -3.17 0.52 -2.89
CA ILE A 81 -3.64 1.90 -2.73
C ILE A 81 -5.16 1.96 -2.84
N ALA A 82 -5.69 1.67 -4.03
CA ALA A 82 -7.12 1.70 -4.27
C ALA A 82 -7.89 1.29 -3.02
N VAL A 83 -7.58 0.11 -2.49
CA VAL A 83 -8.24 -0.40 -1.31
C VAL A 83 -8.37 0.69 -0.24
N VAL A 84 -7.23 1.24 0.17
CA VAL A 84 -7.21 2.29 1.18
C VAL A 84 -8.20 3.39 0.85
N LYS A 85 -8.51 3.54 -0.44
CA LYS A 85 -9.45 4.56 -0.90
C LYS A 85 -10.89 4.09 -0.71
N LYS A 86 -11.10 2.78 -0.82
CA LYS A 86 -12.44 2.20 -0.66
C LYS A 86 -12.91 2.32 0.78
N LEU A 87 -11.96 2.37 1.71
CA LEU A 87 -12.27 2.49 3.13
C LEU A 87 -12.44 3.94 3.54
N ASP A 88 -11.51 4.78 3.10
CA ASP A 88 -11.55 6.21 3.42
C ASP A 88 -11.59 7.05 2.15
N PRO A 89 -12.80 7.35 1.67
CA PRO A 89 -12.99 8.15 0.47
C PRO A 89 -12.59 9.61 0.66
N GLY A 90 -12.18 9.95 1.88
CA GLY A 90 -11.77 11.31 2.17
C GLY A 90 -10.27 11.44 2.36
N TRP A 91 -9.51 10.83 1.46
CA TRP A 91 -8.06 10.89 1.52
C TRP A 91 -7.48 11.67 0.35
N ASN A 92 -6.91 12.84 0.65
CA ASN A 92 -6.32 13.69 -0.37
C ASN A 92 -4.80 13.75 -0.24
N PRO A 93 -4.12 12.81 -0.91
CA PRO A 93 -2.65 12.73 -0.88
C PRO A 93 -1.99 13.88 -1.62
N GLN A 94 -2.73 14.48 -2.55
CA GLN A 94 -2.22 15.60 -3.34
C GLN A 94 -2.97 16.87 -3.02
N ILE A 95 -2.52 17.60 -2.00
CA ILE A 95 -3.16 18.84 -1.60
C ILE A 95 -2.60 20.03 -2.39
N PRO A 96 -3.51 20.86 -2.92
CA PRO A 96 -3.13 22.04 -3.71
C PRO A 96 -2.49 23.13 -2.84
N GLU A 97 -3.11 23.40 -1.69
CA GLU A 97 -2.60 24.42 -0.78
C GLU A 97 -1.09 24.30 -0.63
N LYS A 98 -0.48 25.33 -0.05
CA LYS A 98 0.96 25.35 0.17
C LYS A 98 1.29 25.43 1.66
N LYS A 99 2.03 24.45 2.15
CA LYS A 99 2.41 24.40 3.56
C LYS A 99 3.81 23.81 3.73
N GLY A 100 4.53 24.27 4.74
CA GLY A 100 5.87 23.77 4.98
C GLY A 100 6.82 24.86 5.41
N LYS A 101 6.68 25.33 6.65
CA LYS A 101 7.54 26.39 7.18
C LYS A 101 9.01 26.03 7.01
N GLU A 102 9.88 27.01 7.23
CA GLU A 102 11.32 26.79 7.09
C GLU A 102 11.97 26.59 8.46
N ALA A 103 12.60 25.44 8.64
CA ALA A 103 13.26 25.12 9.90
C ALA A 103 13.91 26.36 10.51
N SER A 104 14.57 27.15 9.66
CA SER A 104 15.24 28.36 10.12
C SER A 104 14.76 29.57 9.33
N GLY A 105 14.82 29.48 8.01
CA GLY A 105 14.38 30.58 7.17
C GLY A 105 15.50 31.14 6.32
N PRO A 106 16.22 32.14 6.86
CA PRO A 106 17.34 32.78 6.15
C PRO A 106 18.54 31.85 6.02
N SER A 107 18.42 30.65 6.56
CA SER A 107 19.51 29.67 6.51
C SER A 107 20.67 30.10 7.38
N SER A 108 20.38 30.37 8.65
CA SER A 108 21.41 30.80 9.60
C SER A 108 22.26 29.62 10.04
N GLY A 109 21.61 28.48 10.27
CA GLY A 109 22.33 27.30 10.70
C GLY A 109 22.90 26.51 9.53
N GLY A 1 10.88 18.23 -12.47
CA GLY A 1 12.03 19.00 -12.00
C GLY A 1 13.23 18.12 -11.71
N SER A 2 13.82 17.54 -12.75
CA SER A 2 14.98 16.68 -12.58
C SER A 2 14.61 15.43 -11.79
N SER A 3 13.43 14.88 -12.07
CA SER A 3 12.97 13.68 -11.37
C SER A 3 12.50 12.62 -12.36
N GLY A 4 12.84 11.37 -12.08
CA GLY A 4 12.46 10.28 -12.95
C GLY A 4 10.96 10.04 -12.96
N SER A 5 10.54 8.88 -12.48
CA SER A 5 9.13 8.53 -12.43
C SER A 5 8.61 8.54 -10.99
N SER A 6 7.78 9.52 -10.67
CA SER A 6 7.22 9.65 -9.34
C SER A 6 5.71 9.86 -9.40
N GLY A 7 4.95 8.81 -9.06
CA GLY A 7 3.51 8.90 -9.08
C GLY A 7 2.84 7.74 -8.40
N LEU A 8 2.94 6.56 -9.00
CA LEU A 8 2.34 5.36 -8.43
C LEU A 8 3.03 4.96 -7.12
N ALA A 9 4.35 5.10 -7.10
CA ALA A 9 5.14 4.77 -5.92
C ALA A 9 4.83 5.72 -4.78
N GLU A 10 4.95 7.02 -5.05
CA GLU A 10 4.69 8.04 -4.04
C GLU A 10 3.51 7.65 -3.15
N LEU A 11 2.40 7.27 -3.79
CA LEU A 11 1.21 6.88 -3.06
C LEU A 11 1.48 5.65 -2.20
N PHE A 12 2.29 4.73 -2.71
CA PHE A 12 2.63 3.52 -1.99
C PHE A 12 3.36 3.85 -0.69
N GLU A 13 4.08 4.95 -0.69
CA GLU A 13 4.83 5.38 0.49
C GLU A 13 3.90 6.07 1.50
N LYS A 14 3.08 7.00 1.00
CA LYS A 14 2.16 7.72 1.86
C LYS A 14 1.02 6.82 2.32
N ALA A 15 0.31 6.23 1.36
CA ALA A 15 -0.80 5.35 1.67
C ALA A 15 -0.48 4.46 2.87
N ALA A 16 0.77 3.99 2.93
CA ALA A 16 1.20 3.13 4.03
C ALA A 16 0.92 3.77 5.38
N ALA A 17 1.25 5.06 5.49
CA ALA A 17 1.02 5.80 6.73
C ALA A 17 -0.47 5.89 7.06
N HIS A 18 -1.30 5.80 6.03
CA HIS A 18 -2.75 5.87 6.21
C HIS A 18 -3.30 4.55 6.70
N LEU A 19 -2.69 3.45 6.25
CA LEU A 19 -3.11 2.12 6.65
C LEU A 19 -3.36 2.05 8.15
N GLN A 20 -2.43 2.59 8.93
CA GLN A 20 -2.55 2.59 10.39
C GLN A 20 -3.79 3.37 10.83
N GLY A 21 -4.19 4.34 10.02
CA GLY A 21 -5.35 5.14 10.35
C GLY A 21 -6.65 4.53 9.84
N LEU A 22 -6.52 3.54 8.96
CA LEU A 22 -7.69 2.87 8.39
C LEU A 22 -7.82 1.45 8.94
N ILE A 23 -7.13 1.19 10.05
CA ILE A 23 -7.17 -0.13 10.68
C ILE A 23 -8.55 -0.42 11.25
N GLN A 24 -9.19 0.60 11.81
CA GLN A 24 -10.52 0.45 12.39
C GLN A 24 -11.57 0.24 11.29
N VAL A 25 -11.24 0.65 10.08
CA VAL A 25 -12.15 0.51 8.95
C VAL A 25 -11.74 -0.65 8.05
N ALA A 26 -10.53 -1.15 8.25
CA ALA A 26 -10.02 -2.27 7.46
C ALA A 26 -10.29 -3.60 8.16
N SER A 27 -10.63 -4.62 7.38
CA SER A 27 -10.91 -5.94 7.92
C SER A 27 -9.65 -6.80 7.97
N ARG A 28 -9.54 -7.64 8.99
CA ARG A 28 -8.38 -8.51 9.15
C ARG A 28 -7.87 -8.98 7.80
N GLU A 29 -8.81 -9.31 6.90
CA GLU A 29 -8.45 -9.78 5.56
C GLU A 29 -7.74 -8.70 4.77
N GLN A 30 -8.30 -7.49 4.80
CA GLN A 30 -7.73 -6.35 4.09
C GLN A 30 -6.31 -6.07 4.59
N LEU A 31 -6.14 -6.11 5.90
CA LEU A 31 -4.83 -5.85 6.50
C LEU A 31 -3.75 -6.74 5.88
N LEU A 32 -4.13 -7.95 5.52
CA LEU A 32 -3.20 -8.89 4.91
C LEU A 32 -3.04 -8.62 3.42
N TYR A 33 -4.15 -8.36 2.75
CA TYR A 33 -4.14 -8.08 1.32
C TYR A 33 -3.06 -7.06 0.98
N LEU A 34 -2.84 -6.12 1.88
CA LEU A 34 -1.83 -5.08 1.68
C LEU A 34 -0.44 -5.59 2.05
N TYR A 35 -0.40 -6.59 2.93
CA TYR A 35 0.86 -7.17 3.38
C TYR A 35 1.54 -7.94 2.24
N ALA A 36 0.75 -8.70 1.50
CA ALA A 36 1.27 -9.48 0.38
C ALA A 36 1.87 -8.57 -0.69
N ARG A 37 1.03 -7.72 -1.28
CA ARG A 37 1.48 -6.81 -2.32
C ARG A 37 2.71 -6.04 -1.87
N TYR A 38 2.65 -5.45 -0.68
CA TYR A 38 3.77 -4.69 -0.14
C TYR A 38 5.04 -5.52 -0.12
N LYS A 39 4.90 -6.80 0.24
CA LYS A 39 6.04 -7.71 0.29
C LYS A 39 6.46 -8.14 -1.11
N GLN A 40 5.59 -7.91 -2.08
CA GLN A 40 5.87 -8.27 -3.46
C GLN A 40 6.59 -7.15 -4.19
N VAL A 41 6.24 -5.91 -3.85
CA VAL A 41 6.84 -4.74 -4.47
C VAL A 41 8.23 -4.48 -3.90
N LYS A 42 8.47 -4.94 -2.68
CA LYS A 42 9.75 -4.76 -2.01
C LYS A 42 10.68 -5.93 -2.31
N VAL A 43 10.19 -7.15 -2.07
CA VAL A 43 10.98 -8.35 -2.31
C VAL A 43 10.73 -8.90 -3.71
N GLY A 44 9.52 -9.40 -3.94
CA GLY A 44 9.19 -9.94 -5.24
C GLY A 44 8.82 -11.41 -5.18
N ASN A 45 9.40 -12.21 -6.07
CA ASN A 45 9.14 -13.64 -6.11
C ASN A 45 9.45 -14.28 -4.76
N CYS A 46 8.43 -14.86 -4.15
CA CYS A 46 8.58 -15.52 -2.86
C CYS A 46 9.91 -16.28 -2.78
N ASN A 47 10.70 -15.97 -1.76
CA ASN A 47 11.99 -16.60 -1.58
C ASN A 47 12.15 -17.12 -0.15
N THR A 48 11.04 -17.55 0.44
CA THR A 48 11.06 -18.07 1.81
C THR A 48 10.35 -19.42 1.89
N PRO A 49 10.79 -20.26 2.84
CA PRO A 49 10.21 -21.58 3.05
C PRO A 49 8.79 -21.52 3.62
N LYS A 50 7.97 -22.51 3.29
CA LYS A 50 6.60 -22.56 3.79
C LYS A 50 6.56 -22.68 5.30
N PRO A 51 5.75 -21.82 5.94
CA PRO A 51 5.60 -21.81 7.39
C PRO A 51 4.88 -23.05 7.92
N SER A 52 5.32 -23.54 9.07
CA SER A 52 4.71 -24.73 9.67
C SER A 52 3.20 -24.59 9.75
N PHE A 53 2.50 -25.71 9.67
CA PHE A 53 1.04 -25.71 9.72
C PHE A 53 0.54 -25.04 11.00
N PHE A 54 1.20 -25.35 12.12
CA PHE A 54 0.83 -24.78 13.41
C PHE A 54 0.88 -23.26 13.36
N ASP A 55 1.96 -22.72 12.82
CA ASP A 55 2.14 -21.28 12.71
C ASP A 55 1.18 -20.69 11.70
N PHE A 56 -0.09 -20.52 12.11
CA PHE A 56 -1.11 -19.97 11.23
C PHE A 56 -0.83 -18.50 10.93
N GLU A 57 -0.73 -17.70 11.98
CA GLU A 57 -0.46 -16.27 11.83
C GLU A 57 0.52 -16.02 10.68
N GLY A 58 1.66 -16.70 10.73
CA GLY A 58 2.67 -16.54 9.70
C GLY A 58 2.30 -17.27 8.42
N LYS A 59 1.41 -18.25 8.53
CA LYS A 59 0.97 -19.03 7.38
C LYS A 59 0.15 -18.17 6.42
N GLN A 60 -0.92 -17.58 6.94
CA GLN A 60 -1.79 -16.73 6.13
C GLN A 60 -0.99 -15.67 5.40
N LYS A 61 -0.10 -14.99 6.13
CA LYS A 61 0.73 -13.94 5.55
C LYS A 61 1.64 -14.50 4.46
N TRP A 62 2.24 -15.65 4.73
CA TRP A 62 3.12 -16.30 3.76
C TRP A 62 2.37 -16.67 2.49
N GLU A 63 1.20 -17.28 2.66
CA GLU A 63 0.38 -17.69 1.53
C GLU A 63 0.04 -16.49 0.65
N ALA A 64 -0.70 -15.53 1.22
CA ALA A 64 -1.09 -14.34 0.49
C ALA A 64 0.03 -13.85 -0.42
N TRP A 65 1.18 -13.54 0.18
CA TRP A 65 2.33 -13.07 -0.58
C TRP A 65 2.82 -14.13 -1.54
N LYS A 66 2.85 -15.38 -1.09
CA LYS A 66 3.29 -16.49 -1.92
C LYS A 66 2.54 -16.52 -3.24
N ALA A 67 1.22 -16.48 -3.18
CA ALA A 67 0.39 -16.50 -4.38
C ALA A 67 0.90 -15.51 -5.42
N LEU A 68 1.55 -14.45 -4.96
CA LEU A 68 2.10 -13.43 -5.85
C LEU A 68 3.51 -13.81 -6.29
N GLY A 69 3.67 -15.03 -6.76
CA GLY A 69 4.98 -15.49 -7.22
C GLY A 69 5.47 -14.72 -8.42
N ASP A 70 4.66 -14.68 -9.47
CA ASP A 70 5.02 -13.97 -10.69
C ASP A 70 4.27 -12.65 -10.79
N SER A 71 4.11 -11.97 -9.66
CA SER A 71 3.41 -10.70 -9.62
C SER A 71 4.34 -9.55 -10.02
N SER A 72 3.81 -8.33 -9.99
CA SER A 72 4.59 -7.15 -10.34
C SER A 72 4.56 -6.12 -9.23
N PRO A 73 5.62 -5.30 -9.15
CA PRO A 73 5.74 -4.25 -8.13
C PRO A 73 4.74 -3.12 -8.35
N SER A 74 4.70 -2.59 -9.57
CA SER A 74 3.80 -1.49 -9.91
C SER A 74 2.35 -1.96 -9.84
N GLN A 75 2.10 -3.20 -10.25
CA GLN A 75 0.76 -3.75 -10.24
C GLN A 75 0.30 -4.04 -8.82
N ALA A 76 1.27 -4.19 -7.91
CA ALA A 76 0.97 -4.48 -6.52
C ALA A 76 0.58 -3.21 -5.77
N MET A 77 1.11 -2.08 -6.22
CA MET A 77 0.83 -0.79 -5.59
C MET A 77 -0.54 -0.27 -6.02
N GLN A 78 -0.95 -0.63 -7.24
CA GLN A 78 -2.25 -0.19 -7.76
C GLN A 78 -3.38 -0.61 -6.83
N GLU A 79 -3.44 -1.90 -6.52
CA GLU A 79 -4.48 -2.42 -5.64
C GLU A 79 -4.19 -2.05 -4.19
N TYR A 80 -2.92 -2.12 -3.81
CA TYR A 80 -2.51 -1.81 -2.44
C TYR A 80 -3.01 -0.42 -2.03
N ILE A 81 -2.99 0.51 -2.97
CA ILE A 81 -3.44 1.88 -2.71
C ILE A 81 -4.96 1.98 -2.82
N ALA A 82 -5.47 1.70 -4.01
CA ALA A 82 -6.92 1.76 -4.25
C ALA A 82 -7.70 1.36 -3.00
N VAL A 83 -7.42 0.17 -2.48
CA VAL A 83 -8.10 -0.31 -1.29
C VAL A 83 -8.20 0.78 -0.23
N VAL A 84 -7.04 1.30 0.18
CA VAL A 84 -6.99 2.34 1.20
C VAL A 84 -7.96 3.47 0.86
N LYS A 85 -8.26 3.63 -0.43
CA LYS A 85 -9.18 4.67 -0.87
C LYS A 85 -10.63 4.24 -0.69
N LYS A 86 -10.89 2.95 -0.84
CA LYS A 86 -12.23 2.41 -0.68
C LYS A 86 -12.70 2.54 0.77
N LEU A 87 -11.75 2.58 1.69
CA LEU A 87 -12.07 2.71 3.11
C LEU A 87 -12.21 4.18 3.50
N ASP A 88 -11.29 5.00 3.00
CA ASP A 88 -11.31 6.43 3.30
C ASP A 88 -11.16 7.26 2.02
N PRO A 89 -12.29 7.63 1.42
CA PRO A 89 -12.31 8.42 0.19
C PRO A 89 -11.85 9.85 0.41
N GLY A 90 -11.81 10.27 1.67
CA GLY A 90 -11.38 11.61 2.01
C GLY A 90 -9.88 11.73 2.10
N TRP A 91 -9.15 10.86 1.40
CA TRP A 91 -7.70 10.87 1.42
C TRP A 91 -7.14 11.46 0.14
N ASN A 92 -6.30 12.48 0.27
CA ASN A 92 -5.70 13.14 -0.88
C ASN A 92 -4.19 13.32 -0.69
N PRO A 93 -3.42 12.34 -1.19
CA PRO A 93 -1.95 12.36 -1.09
C PRO A 93 -1.33 13.45 -1.96
N GLN A 94 -1.82 13.58 -3.19
CA GLN A 94 -1.31 14.58 -4.11
C GLN A 94 -2.11 15.87 -4.01
N ILE A 95 -1.53 16.87 -3.33
CA ILE A 95 -2.19 18.15 -3.17
C ILE A 95 -1.23 19.30 -3.45
N PRO A 96 -1.66 20.24 -4.31
CA PRO A 96 -0.86 21.41 -4.68
C PRO A 96 -0.70 22.39 -3.52
N GLU A 97 -1.79 22.65 -2.81
CA GLU A 97 -1.79 23.57 -1.69
C GLU A 97 -0.68 23.21 -0.70
N LYS A 98 -0.24 24.20 0.07
CA LYS A 98 0.81 23.98 1.06
C LYS A 98 0.36 24.42 2.45
N LYS A 99 0.27 23.48 3.37
CA LYS A 99 -0.14 23.77 4.74
C LYS A 99 0.47 22.77 5.72
N GLY A 100 1.45 23.23 6.48
CA GLY A 100 2.10 22.37 7.45
C GLY A 100 3.60 22.64 7.56
N LYS A 101 4.14 23.30 6.55
CA LYS A 101 5.56 23.62 6.53
C LYS A 101 5.81 25.06 6.98
N GLU A 102 5.26 25.41 8.14
CA GLU A 102 5.42 26.76 8.68
C GLU A 102 6.33 26.75 9.91
N ALA A 103 7.64 26.73 9.66
CA ALA A 103 8.62 26.73 10.74
C ALA A 103 8.40 27.91 11.68
N SER A 104 7.73 27.65 12.80
CA SER A 104 7.46 28.69 13.79
C SER A 104 7.05 28.09 15.12
N GLY A 105 7.49 28.70 16.21
CA GLY A 105 7.16 28.22 17.54
C GLY A 105 6.91 29.33 18.52
N PRO A 106 7.85 29.52 19.46
CA PRO A 106 7.74 30.57 20.49
C PRO A 106 7.91 31.96 19.91
N SER A 107 7.64 32.98 20.73
CA SER A 107 7.76 34.37 20.30
C SER A 107 9.11 34.95 20.69
N SER A 108 10.01 35.06 19.72
CA SER A 108 11.34 35.60 19.96
C SER A 108 11.26 36.99 20.60
N GLY A 109 12.39 37.46 21.11
CA GLY A 109 12.43 38.77 21.75
C GLY A 109 13.69 39.54 21.41
N GLY A 1 -11.77 17.32 -19.99
CA GLY A 1 -10.33 17.44 -20.05
C GLY A 1 -9.62 16.64 -18.98
N SER A 2 -9.70 15.31 -19.09
CA SER A 2 -9.07 14.43 -18.11
C SER A 2 -7.55 14.50 -18.21
N SER A 3 -6.89 14.63 -17.07
CA SER A 3 -5.44 14.71 -17.03
C SER A 3 -4.86 13.58 -16.19
N GLY A 4 -3.53 13.45 -16.22
CA GLY A 4 -2.87 12.40 -15.46
C GLY A 4 -1.52 12.84 -14.94
N SER A 5 -1.05 12.18 -13.88
CA SER A 5 0.24 12.51 -13.28
C SER A 5 1.04 11.24 -13.00
N SER A 6 2.17 11.11 -13.68
CA SER A 6 3.04 9.94 -13.52
C SER A 6 3.50 9.82 -12.08
N GLY A 7 3.32 8.63 -11.51
CA GLY A 7 3.73 8.40 -10.12
C GLY A 7 2.90 7.33 -9.45
N LEU A 8 3.24 6.08 -9.67
CA LEU A 8 2.51 4.95 -9.08
C LEU A 8 3.06 4.63 -7.69
N ALA A 9 4.36 4.79 -7.52
CA ALA A 9 5.00 4.53 -6.24
C ALA A 9 4.73 5.65 -5.24
N GLU A 10 4.99 6.88 -5.65
CA GLU A 10 4.77 8.04 -4.79
C GLU A 10 3.55 7.84 -3.90
N LEU A 11 2.51 7.23 -4.48
CA LEU A 11 1.27 6.98 -3.74
C LEU A 11 1.44 5.81 -2.78
N PHE A 12 2.07 4.74 -3.26
CA PHE A 12 2.31 3.56 -2.44
C PHE A 12 2.83 3.95 -1.06
N GLU A 13 3.71 4.95 -1.02
CA GLU A 13 4.29 5.42 0.23
C GLU A 13 3.24 6.10 1.09
N LYS A 14 2.61 7.14 0.53
CA LYS A 14 1.58 7.88 1.25
C LYS A 14 0.53 6.94 1.83
N ALA A 15 -0.03 6.10 0.97
CA ALA A 15 -1.05 5.15 1.41
C ALA A 15 -0.60 4.38 2.64
N ALA A 16 0.59 3.79 2.56
CA ALA A 16 1.15 3.03 3.68
C ALA A 16 0.95 3.76 5.00
N ALA A 17 1.29 5.05 5.00
CA ALA A 17 1.15 5.87 6.20
C ALA A 17 -0.31 6.00 6.61
N HIS A 18 -1.21 5.91 5.64
CA HIS A 18 -2.64 6.01 5.91
C HIS A 18 -3.17 4.71 6.51
N LEU A 19 -2.57 3.59 6.14
CA LEU A 19 -2.98 2.29 6.64
C LEU A 19 -3.18 2.33 8.16
N GLN A 20 -2.19 2.88 8.86
CA GLN A 20 -2.25 2.97 10.31
C GLN A 20 -3.53 3.70 10.75
N GLY A 21 -4.01 4.60 9.91
CA GLY A 21 -5.22 5.34 10.22
C GLY A 21 -6.48 4.62 9.80
N LEU A 22 -6.32 3.61 8.95
CA LEU A 22 -7.46 2.83 8.45
C LEU A 22 -7.49 1.45 9.10
N ILE A 23 -6.74 1.29 10.18
CA ILE A 23 -6.69 0.02 10.89
C ILE A 23 -8.04 -0.32 11.51
N GLN A 24 -8.78 0.72 11.92
CA GLN A 24 -10.08 0.53 12.53
C GLN A 24 -11.14 0.20 11.47
N VAL A 25 -10.84 0.56 10.22
CA VAL A 25 -11.75 0.30 9.11
C VAL A 25 -11.30 -0.90 8.28
N ALA A 26 -10.05 -1.31 8.50
CA ALA A 26 -9.49 -2.44 7.77
C ALA A 26 -9.79 -3.76 8.49
N SER A 27 -10.35 -4.71 7.75
CA SER A 27 -10.69 -6.01 8.32
C SER A 27 -9.47 -6.91 8.39
N ARG A 28 -9.46 -7.80 9.37
CA ARG A 28 -8.34 -8.73 9.55
C ARG A 28 -7.81 -9.21 8.20
N GLU A 29 -8.72 -9.48 7.27
CA GLU A 29 -8.34 -9.94 5.95
C GLU A 29 -7.64 -8.83 5.15
N GLN A 30 -8.21 -7.63 5.22
CA GLN A 30 -7.64 -6.49 4.52
C GLN A 30 -6.21 -6.21 4.97
N LEU A 31 -5.98 -6.31 6.28
CA LEU A 31 -4.66 -6.07 6.84
C LEU A 31 -3.60 -6.90 6.11
N LEU A 32 -3.92 -8.16 5.86
CA LEU A 32 -3.00 -9.05 5.15
C LEU A 32 -2.84 -8.64 3.69
N TYR A 33 -3.97 -8.53 3.00
CA TYR A 33 -3.95 -8.14 1.59
C TYR A 33 -2.84 -7.13 1.31
N LEU A 34 -2.88 -6.02 2.04
CA LEU A 34 -1.88 -4.97 1.88
C LEU A 34 -0.48 -5.51 2.12
N TYR A 35 -0.35 -6.42 3.08
CA TYR A 35 0.94 -7.02 3.41
C TYR A 35 1.46 -7.88 2.26
N ALA A 36 0.58 -8.72 1.72
CA ALA A 36 0.94 -9.60 0.62
C ALA A 36 1.67 -8.82 -0.47
N ARG A 37 0.96 -7.92 -1.13
CA ARG A 37 1.54 -7.11 -2.20
C ARG A 37 2.65 -6.22 -1.66
N TYR A 38 2.36 -5.47 -0.61
CA TYR A 38 3.35 -4.58 0.00
C TYR A 38 4.69 -5.28 0.14
N LYS A 39 4.65 -6.54 0.56
CA LYS A 39 5.87 -7.32 0.75
C LYS A 39 6.43 -7.80 -0.60
N GLN A 40 5.55 -7.91 -1.59
CA GLN A 40 5.95 -8.34 -2.92
C GLN A 40 6.67 -7.23 -3.66
N VAL A 41 6.20 -6.00 -3.46
CA VAL A 41 6.80 -4.84 -4.11
C VAL A 41 8.11 -4.44 -3.45
N LYS A 42 8.26 -4.83 -2.19
CA LYS A 42 9.47 -4.51 -1.43
C LYS A 42 10.51 -5.61 -1.60
N VAL A 43 10.07 -6.87 -1.51
CA VAL A 43 10.96 -8.01 -1.65
C VAL A 43 10.85 -8.63 -3.04
N GLY A 44 9.69 -9.21 -3.32
CA GLY A 44 9.47 -9.84 -4.61
C GLY A 44 9.05 -11.29 -4.49
N ASN A 45 9.82 -12.18 -5.10
CA ASN A 45 9.52 -13.61 -5.06
C ASN A 45 9.53 -14.13 -3.62
N CYS A 46 8.51 -14.90 -3.26
CA CYS A 46 8.40 -15.46 -1.93
C CYS A 46 9.35 -16.65 -1.75
N ASN A 47 10.62 -16.44 -2.06
CA ASN A 47 11.61 -17.50 -1.94
C ASN A 47 11.60 -18.11 -0.55
N THR A 48 11.22 -17.31 0.44
CA THR A 48 11.16 -17.77 1.83
C THR A 48 10.49 -19.14 1.91
N PRO A 49 10.91 -19.92 2.92
CA PRO A 49 10.36 -21.27 3.14
C PRO A 49 8.92 -21.24 3.64
N LYS A 50 8.15 -22.25 3.25
CA LYS A 50 6.75 -22.35 3.65
C LYS A 50 6.62 -22.51 5.16
N PRO A 51 5.69 -21.75 5.77
CA PRO A 51 5.45 -21.80 7.21
C PRO A 51 4.80 -23.12 7.64
N SER A 52 5.00 -23.48 8.91
CA SER A 52 4.44 -24.71 9.44
C SER A 52 2.93 -24.61 9.57
N PHE A 53 2.25 -25.76 9.47
CA PHE A 53 0.80 -25.79 9.56
C PHE A 53 0.32 -25.13 10.84
N PHE A 54 1.05 -25.35 11.93
CA PHE A 54 0.70 -24.77 13.23
C PHE A 54 0.62 -23.25 13.13
N ASP A 55 1.74 -22.63 12.80
CA ASP A 55 1.80 -21.17 12.67
C ASP A 55 0.83 -20.68 11.62
N PHE A 56 -0.42 -20.45 12.03
CA PHE A 56 -1.45 -19.97 11.12
C PHE A 56 -1.19 -18.53 10.70
N GLU A 57 -1.21 -17.63 11.68
CA GLU A 57 -0.96 -16.21 11.41
C GLU A 57 0.07 -16.03 10.30
N GLY A 58 1.16 -16.79 10.38
CA GLY A 58 2.20 -16.69 9.38
C GLY A 58 1.82 -17.38 8.08
N LYS A 59 1.11 -18.51 8.20
CA LYS A 59 0.69 -19.27 7.03
C LYS A 59 0.06 -18.34 5.99
N GLN A 60 -1.08 -17.75 6.34
CA GLN A 60 -1.78 -16.85 5.43
C GLN A 60 -0.83 -15.80 4.86
N LYS A 61 0.00 -15.23 5.73
CA LYS A 61 0.96 -14.21 5.31
C LYS A 61 1.84 -14.73 4.16
N TRP A 62 2.40 -15.91 4.36
CA TRP A 62 3.26 -16.51 3.35
C TRP A 62 2.49 -16.80 2.07
N GLU A 63 1.30 -17.38 2.22
CA GLU A 63 0.46 -17.71 1.07
C GLU A 63 0.12 -16.44 0.27
N ALA A 64 -0.65 -15.55 0.88
CA ALA A 64 -1.05 -14.31 0.24
C ALA A 64 0.10 -13.74 -0.60
N TRP A 65 1.26 -13.57 0.04
CA TRP A 65 2.43 -13.02 -0.64
C TRP A 65 2.99 -14.03 -1.63
N LYS A 66 2.87 -15.31 -1.32
CA LYS A 66 3.36 -16.37 -2.18
C LYS A 66 2.66 -16.33 -3.54
N ALA A 67 1.34 -16.29 -3.51
CA ALA A 67 0.55 -16.26 -4.74
C ALA A 67 1.14 -15.26 -5.73
N LEU A 68 1.68 -14.15 -5.22
CA LEU A 68 2.27 -13.13 -6.06
C LEU A 68 3.71 -13.48 -6.41
N GLY A 69 3.91 -14.68 -6.96
CA GLY A 69 5.24 -15.11 -7.32
C GLY A 69 5.78 -14.37 -8.53
N ASP A 70 5.14 -14.55 -9.68
CA ASP A 70 5.56 -13.90 -10.90
C ASP A 70 4.82 -12.57 -11.09
N SER A 71 4.30 -12.04 -9.99
CA SER A 71 3.57 -10.77 -10.02
C SER A 71 4.53 -9.60 -10.25
N SER A 72 3.98 -8.39 -10.25
CA SER A 72 4.78 -7.20 -10.45
C SER A 72 4.64 -6.23 -9.27
N PRO A 73 5.61 -5.32 -9.14
CA PRO A 73 5.62 -4.33 -8.05
C PRO A 73 4.52 -3.28 -8.22
N SER A 74 4.46 -2.68 -9.41
CA SER A 74 3.47 -1.66 -9.70
C SER A 74 2.06 -2.23 -9.60
N GLN A 75 1.84 -3.39 -10.23
CA GLN A 75 0.54 -4.03 -10.21
C GLN A 75 0.11 -4.34 -8.78
N ALA A 76 1.06 -4.29 -7.85
CA ALA A 76 0.78 -4.57 -6.45
C ALA A 76 0.44 -3.28 -5.70
N MET A 77 1.01 -2.17 -6.15
CA MET A 77 0.77 -0.88 -5.52
C MET A 77 -0.60 -0.33 -5.90
N GLN A 78 -1.10 -0.74 -7.07
CA GLN A 78 -2.40 -0.29 -7.54
C GLN A 78 -3.51 -0.76 -6.61
N GLU A 79 -3.46 -2.03 -6.22
CA GLU A 79 -4.47 -2.60 -5.34
C GLU A 79 -4.21 -2.17 -3.89
N TYR A 80 -2.95 -2.06 -3.52
CA TYR A 80 -2.57 -1.67 -2.16
C TYR A 80 -3.12 -0.27 -1.83
N ILE A 81 -3.31 0.54 -2.87
CA ILE A 81 -3.83 1.89 -2.69
C ILE A 81 -5.35 1.90 -2.77
N ALA A 82 -5.88 1.59 -3.94
CA ALA A 82 -7.32 1.56 -4.15
C ALA A 82 -8.05 1.13 -2.88
N VAL A 83 -7.69 -0.04 -2.37
CA VAL A 83 -8.32 -0.56 -1.15
C VAL A 83 -8.45 0.52 -0.09
N VAL A 84 -7.32 1.11 0.29
CA VAL A 84 -7.32 2.17 1.30
C VAL A 84 -8.34 3.25 0.97
N LYS A 85 -8.67 3.37 -0.32
CA LYS A 85 -9.63 4.36 -0.76
C LYS A 85 -11.06 3.94 -0.41
N LYS A 86 -11.34 2.65 -0.56
CA LYS A 86 -12.66 2.12 -0.25
C LYS A 86 -12.97 2.24 1.23
N LEU A 87 -11.93 2.18 2.07
CA LEU A 87 -12.09 2.30 3.51
C LEU A 87 -12.23 3.76 3.93
N ASP A 88 -11.54 4.64 3.22
CA ASP A 88 -11.58 6.06 3.51
C ASP A 88 -11.77 6.88 2.23
N PRO A 89 -13.04 7.19 1.92
CA PRO A 89 -13.40 7.96 0.73
C PRO A 89 -12.96 9.42 0.84
N GLY A 90 -12.54 9.82 2.03
CA GLY A 90 -12.10 11.18 2.24
C GLY A 90 -10.59 11.32 2.27
N TRP A 91 -9.94 10.73 1.28
CA TRP A 91 -8.48 10.78 1.19
C TRP A 91 -8.04 11.45 -0.11
N ASN A 92 -7.18 12.46 0.00
CA ASN A 92 -6.68 13.17 -1.16
C ASN A 92 -5.17 13.35 -1.09
N PRO A 93 -4.42 12.32 -1.53
CA PRO A 93 -2.97 12.34 -1.52
C PRO A 93 -2.38 13.32 -2.54
N GLN A 94 -3.27 13.96 -3.29
CA GLN A 94 -2.85 14.92 -4.31
C GLN A 94 -4.04 15.70 -4.85
N ILE A 95 -4.03 17.00 -4.65
CA ILE A 95 -5.12 17.86 -5.13
C ILE A 95 -4.77 18.50 -6.47
N PRO A 96 -5.69 18.40 -7.44
CA PRO A 96 -5.50 18.96 -8.77
C PRO A 96 -5.54 20.49 -8.77
N GLU A 97 -6.54 21.04 -8.09
CA GLU A 97 -6.69 22.49 -8.01
C GLU A 97 -5.35 23.16 -7.70
N LYS A 98 -5.23 24.42 -8.09
CA LYS A 98 -4.00 25.17 -7.86
C LYS A 98 -4.25 26.36 -6.93
N LYS A 99 -3.19 26.89 -6.34
CA LYS A 99 -3.30 28.02 -5.44
C LYS A 99 -3.16 29.34 -6.20
N GLY A 100 -4.12 30.24 -6.01
CA GLY A 100 -4.09 31.52 -6.69
C GLY A 100 -2.78 32.25 -6.46
N LYS A 101 -2.43 32.47 -5.20
CA LYS A 101 -1.19 33.16 -4.86
C LYS A 101 0.02 32.35 -5.31
N GLU A 102 0.46 32.59 -6.55
CA GLU A 102 1.61 31.88 -7.10
C GLU A 102 2.25 32.68 -8.22
N ALA A 103 3.43 33.23 -7.94
CA ALA A 103 4.16 34.02 -8.93
C ALA A 103 4.01 33.43 -10.32
N SER A 104 3.46 34.22 -11.24
CA SER A 104 3.26 33.76 -12.62
C SER A 104 3.90 34.74 -13.61
N GLY A 105 5.19 34.53 -13.90
CA GLY A 105 5.89 35.39 -14.83
C GLY A 105 6.19 36.75 -14.23
N PRO A 106 7.47 37.16 -14.29
CA PRO A 106 7.90 38.46 -13.75
C PRO A 106 7.39 39.63 -14.59
N SER A 107 7.29 40.79 -13.95
CA SER A 107 6.80 41.99 -14.63
C SER A 107 7.61 42.25 -15.91
N SER A 108 7.01 41.92 -17.05
CA SER A 108 7.67 42.12 -18.33
C SER A 108 6.84 43.03 -19.23
N GLY A 109 7.48 44.07 -19.75
CA GLY A 109 6.79 45.00 -20.62
C GLY A 109 6.50 44.43 -22.00
N GLY A 1 0.73 9.23 -26.72
CA GLY A 1 0.31 8.99 -25.35
C GLY A 1 -0.33 10.21 -24.71
N SER A 2 -1.62 10.13 -24.46
CA SER A 2 -2.36 11.24 -23.85
C SER A 2 -2.32 11.14 -22.34
N SER A 3 -2.60 9.94 -21.81
CA SER A 3 -2.61 9.71 -20.38
C SER A 3 -2.57 8.23 -20.06
N GLY A 4 -2.19 7.89 -18.83
CA GLY A 4 -2.12 6.51 -18.43
C GLY A 4 -1.93 6.35 -16.93
N SER A 5 -0.71 6.03 -16.52
CA SER A 5 -0.40 5.85 -15.10
C SER A 5 0.98 6.40 -14.77
N SER A 6 1.02 7.45 -13.97
CA SER A 6 2.28 8.08 -13.57
C SER A 6 2.46 8.04 -12.06
N GLY A 7 3.69 8.22 -11.61
CA GLY A 7 3.97 8.21 -10.18
C GLY A 7 3.12 7.21 -9.44
N LEU A 8 3.48 5.94 -9.55
CA LEU A 8 2.74 4.87 -8.88
C LEU A 8 3.33 4.57 -7.50
N ALA A 9 4.66 4.64 -7.41
CA ALA A 9 5.35 4.37 -6.15
C ALA A 9 5.05 5.46 -5.14
N GLU A 10 5.32 6.71 -5.50
CA GLU A 10 5.07 7.83 -4.61
C GLU A 10 3.79 7.63 -3.82
N LEU A 11 2.74 7.21 -4.51
CA LEU A 11 1.44 6.99 -3.87
C LEU A 11 1.51 5.79 -2.92
N PHE A 12 2.24 4.76 -3.33
CA PHE A 12 2.40 3.56 -2.51
C PHE A 12 2.96 3.90 -1.14
N GLU A 13 3.80 4.93 -1.08
CA GLU A 13 4.41 5.36 0.17
C GLU A 13 3.40 6.11 1.03
N LYS A 14 2.74 7.09 0.44
CA LYS A 14 1.75 7.90 1.15
C LYS A 14 0.65 7.01 1.73
N ALA A 15 0.04 6.20 0.88
CA ALA A 15 -1.03 5.30 1.30
C ALA A 15 -0.61 4.50 2.54
N ALA A 16 0.58 3.93 2.49
CA ALA A 16 1.10 3.15 3.60
C ALA A 16 0.90 3.87 4.93
N ALA A 17 1.25 5.14 4.95
CA ALA A 17 1.11 5.95 6.16
C ALA A 17 -0.36 6.07 6.57
N HIS A 18 -1.24 5.96 5.59
CA HIS A 18 -2.68 6.06 5.84
C HIS A 18 -3.21 4.76 6.45
N LEU A 19 -2.60 3.64 6.07
CA LEU A 19 -3.02 2.34 6.56
C LEU A 19 -3.21 2.36 8.07
N GLN A 20 -2.21 2.87 8.78
CA GLN A 20 -2.27 2.96 10.24
C GLN A 20 -3.49 3.76 10.68
N GLY A 21 -3.98 4.63 9.81
CA GLY A 21 -5.13 5.44 10.13
C GLY A 21 -6.44 4.78 9.71
N LEU A 22 -6.33 3.73 8.91
CA LEU A 22 -7.51 3.02 8.45
C LEU A 22 -7.61 1.64 9.10
N ILE A 23 -6.82 1.42 10.14
CA ILE A 23 -6.82 0.16 10.86
C ILE A 23 -8.19 -0.16 11.43
N GLN A 24 -8.91 0.89 11.84
CA GLN A 24 -10.24 0.72 12.41
C GLN A 24 -11.25 0.32 11.34
N VAL A 25 -10.93 0.64 10.09
CA VAL A 25 -11.81 0.31 8.97
C VAL A 25 -11.27 -0.88 8.19
N ALA A 26 -10.02 -1.24 8.44
CA ALA A 26 -9.39 -2.36 7.76
C ALA A 26 -9.63 -3.66 8.51
N SER A 27 -10.41 -4.55 7.90
CA SER A 27 -10.73 -5.84 8.52
C SER A 27 -9.49 -6.73 8.57
N ARG A 28 -9.48 -7.66 9.52
CA ARG A 28 -8.36 -8.59 9.69
C ARG A 28 -7.82 -9.01 8.32
N GLU A 29 -8.71 -9.20 7.36
CA GLU A 29 -8.32 -9.62 6.02
C GLU A 29 -7.60 -8.49 5.29
N GLN A 30 -8.21 -7.31 5.29
CA GLN A 30 -7.64 -6.15 4.62
C GLN A 30 -6.19 -5.94 5.05
N LEU A 31 -5.93 -6.12 6.35
CA LEU A 31 -4.59 -5.95 6.89
C LEU A 31 -3.58 -6.81 6.14
N LEU A 32 -3.94 -8.07 5.91
CA LEU A 32 -3.07 -9.00 5.19
C LEU A 32 -2.96 -8.61 3.72
N TYR A 33 -4.11 -8.47 3.06
CA TYR A 33 -4.13 -8.10 1.65
C TYR A 33 -3.02 -7.11 1.32
N LEU A 34 -3.00 -6.00 2.03
CA LEU A 34 -1.99 -4.96 1.82
C LEU A 34 -0.60 -5.51 2.10
N TYR A 35 -0.50 -6.44 3.04
CA TYR A 35 0.78 -7.04 3.40
C TYR A 35 1.29 -7.93 2.27
N ALA A 36 0.40 -8.73 1.71
CA ALA A 36 0.76 -9.63 0.63
C ALA A 36 1.48 -8.88 -0.50
N ARG A 37 0.77 -7.96 -1.13
CA ARG A 37 1.32 -7.18 -2.23
C ARG A 37 2.48 -6.30 -1.73
N TYR A 38 2.28 -5.67 -0.57
CA TYR A 38 3.29 -4.80 0.01
C TYR A 38 4.63 -5.53 0.13
N LYS A 39 4.58 -6.82 0.42
CA LYS A 39 5.78 -7.63 0.56
C LYS A 39 6.30 -8.05 -0.81
N GLN A 40 5.41 -8.14 -1.78
CA GLN A 40 5.78 -8.54 -3.14
C GLN A 40 6.52 -7.40 -3.85
N VAL A 41 6.19 -6.17 -3.47
CA VAL A 41 6.82 -5.00 -4.07
C VAL A 41 8.14 -4.66 -3.38
N LYS A 42 8.23 -5.01 -2.10
CA LYS A 42 9.43 -4.75 -1.33
C LYS A 42 10.44 -5.88 -1.48
N VAL A 43 9.94 -7.12 -1.46
CA VAL A 43 10.79 -8.29 -1.61
C VAL A 43 10.78 -8.81 -3.04
N GLY A 44 9.62 -9.29 -3.48
CA GLY A 44 9.49 -9.81 -4.82
C GLY A 44 9.12 -11.28 -4.84
N ASN A 45 9.65 -12.02 -5.81
CA ASN A 45 9.36 -13.44 -5.94
C ASN A 45 9.54 -14.15 -4.60
N CYS A 46 8.46 -14.72 -4.08
CA CYS A 46 8.50 -15.42 -2.81
C CYS A 46 9.79 -16.21 -2.66
N ASN A 47 10.78 -15.62 -2.00
CA ASN A 47 12.07 -16.26 -1.80
C ASN A 47 12.23 -16.69 -0.34
N THR A 48 11.12 -16.95 0.33
CA THR A 48 11.14 -17.37 1.72
C THR A 48 10.54 -18.76 1.89
N PRO A 49 10.98 -19.47 2.94
CA PRO A 49 10.49 -20.83 3.23
C PRO A 49 9.05 -20.84 3.69
N LYS A 50 8.34 -21.92 3.37
CA LYS A 50 6.94 -22.06 3.76
C LYS A 50 6.81 -22.27 5.27
N PRO A 51 5.81 -21.62 5.87
CA PRO A 51 5.55 -21.72 7.32
C PRO A 51 5.02 -23.10 7.71
N SER A 52 5.11 -23.41 9.00
CA SER A 52 4.64 -24.70 9.51
C SER A 52 3.12 -24.81 9.38
N PHE A 53 2.60 -26.00 9.64
CA PHE A 53 1.16 -26.25 9.56
C PHE A 53 0.43 -25.65 10.76
N PHE A 54 1.08 -25.73 11.92
CA PHE A 54 0.49 -25.21 13.15
C PHE A 54 0.48 -23.69 13.13
N ASP A 55 1.56 -23.09 12.64
CA ASP A 55 1.66 -21.64 12.57
C ASP A 55 0.72 -21.08 11.52
N PHE A 56 -0.55 -20.93 11.88
CA PHE A 56 -1.56 -20.41 10.97
C PHE A 56 -1.31 -18.93 10.68
N GLU A 57 -1.28 -18.12 11.73
CA GLU A 57 -1.04 -16.69 11.59
C GLU A 57 -0.05 -16.40 10.48
N GLY A 58 1.11 -17.06 10.54
CA GLY A 58 2.13 -16.86 9.53
C GLY A 58 1.79 -17.56 8.23
N LYS A 59 1.00 -18.63 8.31
CA LYS A 59 0.61 -19.38 7.13
C LYS A 59 -0.04 -18.48 6.09
N GLN A 60 -1.13 -17.82 6.49
CA GLN A 60 -1.85 -16.92 5.59
C GLN A 60 -0.90 -15.91 4.97
N LYS A 61 -0.08 -15.27 5.80
CA LYS A 61 0.87 -14.28 5.33
C LYS A 61 1.70 -14.83 4.17
N TRP A 62 2.53 -15.83 4.46
CA TRP A 62 3.37 -16.44 3.44
C TRP A 62 2.55 -16.85 2.23
N GLU A 63 1.33 -17.34 2.47
CA GLU A 63 0.45 -17.76 1.39
C GLU A 63 0.07 -16.58 0.51
N ALA A 64 -0.76 -15.69 1.04
CA ALA A 64 -1.20 -14.52 0.29
C ALA A 64 -0.09 -13.96 -0.57
N TRP A 65 1.07 -13.70 0.06
CA TRP A 65 2.21 -13.16 -0.64
C TRP A 65 2.77 -14.17 -1.64
N LYS A 66 2.87 -15.42 -1.20
CA LYS A 66 3.39 -16.49 -2.06
C LYS A 66 2.68 -16.50 -3.41
N ALA A 67 1.35 -16.44 -3.37
CA ALA A 67 0.55 -16.44 -4.59
C ALA A 67 1.07 -15.42 -5.59
N LEU A 68 1.71 -14.37 -5.08
CA LEU A 68 2.27 -13.33 -5.93
C LEU A 68 3.70 -13.66 -6.36
N GLY A 69 3.89 -14.88 -6.85
CA GLY A 69 5.20 -15.30 -7.28
C GLY A 69 5.77 -14.42 -8.38
N ASP A 70 5.13 -14.42 -9.54
CA ASP A 70 5.57 -13.61 -10.65
C ASP A 70 4.71 -12.35 -10.80
N SER A 71 4.44 -11.69 -9.68
CA SER A 71 3.63 -10.48 -9.68
C SER A 71 4.51 -9.23 -9.66
N SER A 72 4.21 -8.30 -10.56
CA SER A 72 4.97 -7.06 -10.64
C SER A 72 4.76 -6.20 -9.40
N PRO A 73 5.71 -5.30 -9.13
CA PRO A 73 5.66 -4.40 -7.98
C PRO A 73 4.56 -3.35 -8.11
N SER A 74 4.55 -2.66 -9.25
CA SER A 74 3.55 -1.62 -9.51
C SER A 74 2.14 -2.19 -9.41
N GLN A 75 1.91 -3.30 -10.10
CA GLN A 75 0.60 -3.95 -10.09
C GLN A 75 0.14 -4.25 -8.67
N ALA A 76 1.10 -4.37 -7.76
CA ALA A 76 0.80 -4.66 -6.36
C ALA A 76 0.46 -3.37 -5.60
N MET A 77 1.07 -2.26 -6.02
CA MET A 77 0.82 -0.98 -5.38
C MET A 77 -0.54 -0.42 -5.78
N GLN A 78 -0.99 -0.77 -6.98
CA GLN A 78 -2.27 -0.30 -7.49
C GLN A 78 -3.42 -0.76 -6.58
N GLU A 79 -3.42 -2.05 -6.25
CA GLU A 79 -4.46 -2.61 -5.39
C GLU A 79 -4.23 -2.21 -3.94
N TYR A 80 -2.96 -2.09 -3.56
CA TYR A 80 -2.60 -1.72 -2.19
C TYR A 80 -3.12 -0.32 -1.86
N ILE A 81 -3.20 0.53 -2.88
CA ILE A 81 -3.67 1.90 -2.70
C ILE A 81 -5.19 1.98 -2.80
N ALA A 82 -5.71 1.71 -4.00
CA ALA A 82 -7.14 1.74 -4.24
C ALA A 82 -7.91 1.31 -3.00
N VAL A 83 -7.62 0.11 -2.51
CA VAL A 83 -8.29 -0.42 -1.32
C VAL A 83 -8.41 0.65 -0.24
N VAL A 84 -7.26 1.17 0.20
CA VAL A 84 -7.24 2.20 1.25
C VAL A 84 -8.20 3.33 0.91
N LYS A 85 -8.51 3.48 -0.38
CA LYS A 85 -9.41 4.53 -0.82
C LYS A 85 -10.87 4.15 -0.53
N LYS A 86 -11.20 2.88 -0.74
CA LYS A 86 -12.55 2.40 -0.48
C LYS A 86 -12.91 2.51 1.00
N LEU A 87 -11.91 2.40 1.86
CA LEU A 87 -12.12 2.49 3.29
C LEU A 87 -12.28 3.95 3.73
N ASP A 88 -11.46 4.83 3.13
CA ASP A 88 -11.52 6.25 3.45
C ASP A 88 -11.48 7.09 2.18
N PRO A 89 -12.67 7.47 1.70
CA PRO A 89 -12.81 8.28 0.48
C PRO A 89 -12.33 9.72 0.69
N GLY A 90 -12.14 10.09 1.94
CA GLY A 90 -11.68 11.44 2.25
C GLY A 90 -10.17 11.56 2.24
N TRP A 91 -9.54 10.91 1.26
CA TRP A 91 -8.08 10.95 1.14
C TRP A 91 -7.67 11.53 -0.21
N ASN A 92 -6.81 12.55 -0.16
CA ASN A 92 -6.33 13.18 -1.39
C ASN A 92 -4.81 13.38 -1.34
N PRO A 93 -4.08 12.35 -1.76
CA PRO A 93 -2.60 12.39 -1.78
C PRO A 93 -2.06 13.34 -2.84
N GLN A 94 -2.67 13.31 -4.01
CA GLN A 94 -2.24 14.18 -5.11
C GLN A 94 -3.35 15.16 -5.49
N ILE A 95 -3.14 16.43 -5.14
CA ILE A 95 -4.13 17.47 -5.44
C ILE A 95 -3.75 18.22 -6.72
N PRO A 96 -4.69 18.28 -7.66
CA PRO A 96 -4.50 18.96 -8.94
C PRO A 96 -4.41 20.48 -8.79
N GLU A 97 -5.37 21.05 -8.07
CA GLU A 97 -5.41 22.49 -7.84
C GLU A 97 -4.04 23.00 -7.39
N LYS A 98 -3.90 24.32 -7.33
CA LYS A 98 -2.64 24.94 -6.92
C LYS A 98 -2.63 25.21 -5.42
N LYS A 99 -3.10 24.22 -4.65
CA LYS A 99 -3.14 24.35 -3.20
C LYS A 99 -3.55 23.03 -2.55
N GLY A 100 -3.30 22.90 -1.25
CA GLY A 100 -3.65 21.68 -0.54
C GLY A 100 -2.51 20.69 -0.50
N LYS A 101 -1.30 21.18 -0.22
CA LYS A 101 -0.12 20.32 -0.15
C LYS A 101 0.77 20.72 1.02
N GLU A 102 1.92 20.06 1.14
CA GLU A 102 2.87 20.35 2.21
C GLU A 102 3.66 21.61 1.90
N ALA A 103 3.74 22.50 2.88
CA ALA A 103 4.48 23.76 2.72
C ALA A 103 5.74 23.55 1.88
N SER A 104 5.77 24.15 0.71
CA SER A 104 6.92 24.03 -0.19
C SER A 104 6.89 25.12 -1.26
N GLY A 105 8.03 25.33 -1.90
CA GLY A 105 8.13 26.35 -2.94
C GLY A 105 9.54 26.52 -3.46
N PRO A 106 9.94 25.66 -4.41
CA PRO A 106 11.27 25.71 -5.01
C PRO A 106 11.47 26.94 -5.88
N SER A 107 12.71 27.16 -6.31
CA SER A 107 13.04 28.31 -7.15
C SER A 107 13.15 27.89 -8.61
N SER A 108 12.25 28.41 -9.45
CA SER A 108 12.24 28.09 -10.87
C SER A 108 11.37 29.07 -11.65
N GLY A 109 12.01 29.95 -12.40
CA GLY A 109 11.28 30.92 -13.18
C GLY A 109 11.12 32.25 -12.45
N GLY A 1 -5.69 5.90 -22.46
CA GLY A 1 -4.24 5.87 -22.44
C GLY A 1 -3.70 4.86 -21.45
N SER A 2 -2.63 5.22 -20.75
CA SER A 2 -2.01 4.33 -19.78
C SER A 2 -1.22 5.12 -18.74
N SER A 3 -0.71 4.42 -17.73
CA SER A 3 0.06 5.06 -16.67
C SER A 3 1.02 6.09 -17.25
N GLY A 4 0.80 7.35 -16.90
CA GLY A 4 1.65 8.42 -17.39
C GLY A 4 2.57 8.97 -16.32
N SER A 5 2.67 10.29 -16.25
CA SER A 5 3.53 10.95 -15.26
C SER A 5 3.13 10.54 -13.85
N SER A 6 1.83 10.65 -13.55
CA SER A 6 1.32 10.30 -12.23
C SER A 6 2.08 9.12 -11.65
N GLY A 7 2.98 9.40 -10.71
CA GLY A 7 3.76 8.35 -10.09
C GLY A 7 2.90 7.37 -9.32
N LEU A 8 3.25 6.08 -9.40
CA LEU A 8 2.49 5.05 -8.71
C LEU A 8 3.10 4.77 -7.33
N ALA A 9 4.41 4.83 -7.25
CA ALA A 9 5.11 4.59 -5.99
C ALA A 9 4.85 5.72 -5.00
N GLU A 10 5.10 6.95 -5.44
CA GLU A 10 4.90 8.12 -4.59
C GLU A 10 3.70 7.92 -3.68
N LEU A 11 2.63 7.36 -4.22
CA LEU A 11 1.41 7.12 -3.46
C LEU A 11 1.59 5.92 -2.53
N PHE A 12 2.13 4.85 -3.07
CA PHE A 12 2.35 3.63 -2.28
C PHE A 12 2.98 3.96 -0.92
N GLU A 13 3.73 5.05 -0.88
CA GLU A 13 4.39 5.48 0.35
C GLU A 13 3.38 6.13 1.30
N LYS A 14 2.67 7.13 0.81
CA LYS A 14 1.68 7.84 1.60
C LYS A 14 0.60 6.89 2.11
N ALA A 15 0.07 6.07 1.19
CA ALA A 15 -0.97 5.12 1.55
C ALA A 15 -0.57 4.30 2.77
N ALA A 16 0.63 3.73 2.73
CA ALA A 16 1.13 2.93 3.83
C ALA A 16 0.95 3.65 5.16
N ALA A 17 1.19 4.96 5.16
CA ALA A 17 1.06 5.77 6.36
C ALA A 17 -0.41 5.90 6.78
N HIS A 18 -1.29 5.90 5.79
CA HIS A 18 -2.72 6.02 6.04
C HIS A 18 -3.30 4.71 6.57
N LEU A 19 -2.71 3.60 6.14
CA LEU A 19 -3.16 2.28 6.55
C LEU A 19 -3.39 2.25 8.07
N GLN A 20 -2.42 2.74 8.82
CA GLN A 20 -2.51 2.76 10.27
C GLN A 20 -3.77 3.48 10.72
N GLY A 21 -4.20 4.47 9.94
CA GLY A 21 -5.39 5.22 10.28
C GLY A 21 -6.65 4.57 9.76
N LEU A 22 -6.49 3.56 8.90
CA LEU A 22 -7.63 2.86 8.33
C LEU A 22 -7.77 1.47 8.95
N ILE A 23 -7.08 1.24 10.05
CA ILE A 23 -7.13 -0.04 10.74
C ILE A 23 -8.52 -0.29 11.32
N GLN A 24 -9.16 0.77 11.78
CA GLN A 24 -10.49 0.65 12.36
C GLN A 24 -11.52 0.33 11.28
N VAL A 25 -11.17 0.58 10.03
CA VAL A 25 -12.06 0.31 8.91
C VAL A 25 -11.55 -0.85 8.06
N ALA A 26 -10.32 -1.27 8.33
CA ALA A 26 -9.71 -2.37 7.59
C ALA A 26 -9.90 -3.69 8.32
N SER A 27 -10.52 -4.66 7.64
CA SER A 27 -10.78 -5.97 8.22
C SER A 27 -9.52 -6.82 8.22
N ARG A 28 -9.45 -7.76 9.15
CA ARG A 28 -8.30 -8.65 9.26
C ARG A 28 -7.75 -9.00 7.88
N GLU A 29 -8.63 -9.47 7.01
CA GLU A 29 -8.23 -9.85 5.65
C GLU A 29 -7.56 -8.68 4.94
N GLN A 30 -8.15 -7.50 5.06
CA GLN A 30 -7.62 -6.30 4.43
C GLN A 30 -6.17 -6.07 4.85
N LEU A 31 -5.94 -6.06 6.15
CA LEU A 31 -4.60 -5.85 6.70
C LEU A 31 -3.58 -6.74 5.98
N LEU A 32 -3.95 -7.99 5.76
CA LEU A 32 -3.06 -8.94 5.09
C LEU A 32 -2.93 -8.60 3.60
N TYR A 33 -4.07 -8.46 2.93
CA TYR A 33 -4.08 -8.15 1.51
C TYR A 33 -3.00 -7.11 1.18
N LEU A 34 -2.85 -6.12 2.05
CA LEU A 34 -1.86 -5.07 1.85
C LEU A 34 -0.46 -5.57 2.19
N TYR A 35 -0.39 -6.49 3.15
CA TYR A 35 0.89 -7.05 3.57
C TYR A 35 1.56 -7.81 2.44
N ALA A 36 0.87 -8.82 1.91
CA ALA A 36 1.39 -9.62 0.83
C ALA A 36 2.01 -8.73 -0.26
N ARG A 37 1.17 -7.98 -0.96
CA ARG A 37 1.64 -7.09 -2.01
C ARG A 37 2.85 -6.30 -1.56
N TYR A 38 2.73 -5.65 -0.39
CA TYR A 38 3.81 -4.85 0.15
C TYR A 38 5.13 -5.64 0.16
N LYS A 39 5.07 -6.86 0.65
CA LYS A 39 6.25 -7.72 0.71
C LYS A 39 6.71 -8.12 -0.69
N GLN A 40 5.81 -7.96 -1.67
CA GLN A 40 6.13 -8.29 -3.05
C GLN A 40 6.85 -7.14 -3.75
N VAL A 41 6.35 -5.93 -3.54
CA VAL A 41 6.95 -4.74 -4.15
C VAL A 41 8.31 -4.44 -3.53
N LYS A 42 8.49 -4.85 -2.28
CA LYS A 42 9.75 -4.62 -1.57
C LYS A 42 10.75 -5.73 -1.87
N VAL A 43 10.32 -6.97 -1.66
CA VAL A 43 11.19 -8.12 -1.92
C VAL A 43 11.04 -8.62 -3.34
N GLY A 44 9.86 -9.13 -3.68
CA GLY A 44 9.63 -9.63 -5.02
C GLY A 44 9.06 -11.04 -5.03
N ASN A 45 9.51 -11.85 -5.98
CA ASN A 45 9.03 -13.23 -6.09
C ASN A 45 9.26 -13.98 -4.78
N CYS A 46 8.17 -14.38 -4.15
CA CYS A 46 8.25 -15.12 -2.90
C CYS A 46 9.40 -16.12 -2.91
N ASN A 47 10.27 -16.03 -1.91
CA ASN A 47 11.42 -16.93 -1.82
C ASN A 47 11.46 -17.63 -0.46
N THR A 48 11.03 -16.91 0.57
CA THR A 48 11.00 -17.47 1.92
C THR A 48 10.36 -18.85 1.95
N PRO A 49 10.82 -19.70 2.87
CA PRO A 49 10.31 -21.06 3.03
C PRO A 49 8.88 -21.08 3.57
N LYS A 50 8.10 -22.08 3.15
CA LYS A 50 6.72 -22.21 3.59
C LYS A 50 6.65 -22.39 5.09
N PRO A 51 5.77 -21.60 5.75
CA PRO A 51 5.58 -21.66 7.20
C PRO A 51 4.91 -22.95 7.65
N SER A 52 5.12 -23.31 8.92
CA SER A 52 4.55 -24.52 9.46
C SER A 52 3.02 -24.46 9.43
N PHE A 53 2.38 -25.61 9.61
CA PHE A 53 0.93 -25.70 9.60
C PHE A 53 0.34 -25.12 10.88
N PHE A 54 0.94 -25.47 12.01
CA PHE A 54 0.47 -24.99 13.30
C PHE A 54 0.70 -23.49 13.44
N ASP A 55 1.51 -22.94 12.54
CA ASP A 55 1.81 -21.51 12.56
C ASP A 55 0.94 -20.75 11.56
N PHE A 56 -0.34 -20.63 11.88
CA PHE A 56 -1.28 -19.92 11.01
C PHE A 56 -0.92 -18.44 10.90
N GLU A 57 -0.83 -17.78 12.05
CA GLU A 57 -0.49 -16.37 12.08
C GLU A 57 0.50 -16.01 10.98
N GLY A 58 1.52 -16.85 10.82
CA GLY A 58 2.52 -16.61 9.80
C GLY A 58 2.17 -17.28 8.48
N LYS A 59 1.31 -18.29 8.53
CA LYS A 59 0.90 -19.02 7.34
C LYS A 59 0.16 -18.10 6.37
N GLN A 60 -1.03 -17.66 6.77
CA GLN A 60 -1.83 -16.78 5.93
C GLN A 60 -0.97 -15.75 5.23
N LYS A 61 -0.10 -15.09 6.00
CA LYS A 61 0.80 -14.09 5.45
C LYS A 61 1.59 -14.64 4.28
N TRP A 62 2.34 -15.70 4.52
CA TRP A 62 3.15 -16.33 3.48
C TRP A 62 2.31 -16.58 2.22
N GLU A 63 1.27 -17.40 2.36
CA GLU A 63 0.40 -17.72 1.24
C GLU A 63 0.10 -16.47 0.40
N ALA A 64 -0.60 -15.52 1.01
CA ALA A 64 -0.95 -14.28 0.33
C ALA A 64 0.22 -13.76 -0.51
N TRP A 65 1.40 -13.70 0.11
CA TRP A 65 2.59 -13.22 -0.58
C TRP A 65 3.12 -14.28 -1.56
N LYS A 66 2.74 -15.53 -1.32
CA LYS A 66 3.17 -16.63 -2.18
C LYS A 66 2.42 -16.62 -3.50
N ALA A 67 1.10 -16.48 -3.43
CA ALA A 67 0.27 -16.45 -4.62
C ALA A 67 0.83 -15.48 -5.66
N LEU A 68 1.55 -14.46 -5.19
CA LEU A 68 2.15 -13.47 -6.08
C LEU A 68 3.50 -13.94 -6.59
N GLY A 69 3.54 -15.17 -7.11
CA GLY A 69 4.77 -15.72 -7.64
C GLY A 69 5.23 -15.01 -8.90
N ASP A 70 4.32 -14.84 -9.84
CA ASP A 70 4.63 -14.18 -11.10
C ASP A 70 3.97 -12.81 -11.18
N SER A 71 3.92 -12.12 -10.05
CA SER A 71 3.31 -10.80 -9.98
C SER A 71 4.34 -9.70 -10.20
N SER A 72 3.90 -8.46 -10.13
CA SER A 72 4.79 -7.31 -10.32
C SER A 72 4.68 -6.34 -9.14
N PRO A 73 5.72 -5.51 -8.96
CA PRO A 73 5.77 -4.52 -7.89
C PRO A 73 4.78 -3.38 -8.09
N SER A 74 4.81 -2.80 -9.28
CA SER A 74 3.91 -1.70 -9.62
C SER A 74 2.46 -2.16 -9.60
N GLN A 75 2.23 -3.41 -9.96
CA GLN A 75 0.88 -3.98 -10.00
C GLN A 75 0.38 -4.24 -8.59
N ALA A 76 1.30 -4.35 -7.63
CA ALA A 76 0.95 -4.61 -6.25
C ALA A 76 0.61 -3.31 -5.53
N MET A 77 1.17 -2.21 -6.00
CA MET A 77 0.92 -0.91 -5.39
C MET A 77 -0.46 -0.38 -5.78
N GLN A 78 -0.88 -0.69 -7.01
CA GLN A 78 -2.18 -0.24 -7.50
C GLN A 78 -3.30 -0.73 -6.58
N GLU A 79 -3.40 -2.04 -6.42
CA GLU A 79 -4.42 -2.62 -5.57
C GLU A 79 -4.19 -2.28 -4.11
N TYR A 80 -2.92 -2.16 -3.73
CA TYR A 80 -2.56 -1.82 -2.35
C TYR A 80 -3.08 -0.44 -1.98
N ILE A 81 -3.17 0.44 -2.96
CA ILE A 81 -3.65 1.79 -2.73
C ILE A 81 -5.17 1.87 -2.84
N ALA A 82 -5.68 1.60 -4.04
CA ALA A 82 -7.12 1.62 -4.28
C ALA A 82 -7.89 1.19 -3.04
N VAL A 83 -7.58 0.00 -2.54
CA VAL A 83 -8.25 -0.53 -1.36
C VAL A 83 -8.36 0.52 -0.27
N VAL A 84 -7.22 1.06 0.15
CA VAL A 84 -7.19 2.08 1.19
C VAL A 84 -8.17 3.20 0.88
N LYS A 85 -8.53 3.34 -0.39
CA LYS A 85 -9.46 4.37 -0.82
C LYS A 85 -10.91 3.95 -0.52
N LYS A 86 -11.22 2.68 -0.77
CA LYS A 86 -12.55 2.16 -0.52
C LYS A 86 -12.91 2.26 0.95
N LEU A 87 -11.91 2.21 1.80
CA LEU A 87 -12.12 2.29 3.25
C LEU A 87 -12.29 3.75 3.69
N ASP A 88 -11.47 4.62 3.12
CA ASP A 88 -11.53 6.05 3.46
C ASP A 88 -11.56 6.89 2.19
N PRO A 89 -12.77 7.24 1.73
CA PRO A 89 -12.96 8.06 0.53
C PRO A 89 -12.52 9.51 0.73
N GLY A 90 -12.18 9.84 1.98
CA GLY A 90 -11.75 11.19 2.28
C GLY A 90 -10.25 11.32 2.38
N TRP A 91 -9.53 10.56 1.55
CA TRP A 91 -8.08 10.59 1.55
C TRP A 91 -7.54 11.35 0.34
N ASN A 92 -6.85 12.45 0.61
CA ASN A 92 -6.29 13.27 -0.46
C ASN A 92 -4.76 13.34 -0.34
N PRO A 93 -4.08 12.33 -0.88
CA PRO A 93 -2.61 12.26 -0.86
C PRO A 93 -1.96 13.31 -1.75
N GLN A 94 -2.69 13.75 -2.77
CA GLN A 94 -2.18 14.76 -3.69
C GLN A 94 -2.88 16.10 -3.48
N ILE A 95 -2.14 17.08 -3.01
CA ILE A 95 -2.69 18.41 -2.76
C ILE A 95 -1.89 19.48 -3.50
N PRO A 96 -2.59 20.29 -4.31
CA PRO A 96 -1.96 21.37 -5.08
C PRO A 96 -1.49 22.52 -4.19
N GLU A 97 -2.37 22.99 -3.33
CA GLU A 97 -2.04 24.09 -2.42
C GLU A 97 -0.66 23.88 -1.80
N LYS A 98 -0.02 24.98 -1.42
CA LYS A 98 1.30 24.92 -0.81
C LYS A 98 1.20 24.58 0.68
N LYS A 99 -0.02 24.40 1.16
CA LYS A 99 -0.25 24.06 2.56
C LYS A 99 -1.74 23.80 2.82
N GLY A 100 -2.03 23.20 3.97
CA GLY A 100 -3.40 22.90 4.31
C GLY A 100 -3.66 22.98 5.81
N LYS A 101 -3.07 23.98 6.46
CA LYS A 101 -3.23 24.17 7.89
C LYS A 101 -3.55 25.62 8.21
N GLU A 102 -4.43 25.82 9.19
CA GLU A 102 -4.82 27.17 9.60
C GLU A 102 -3.86 27.72 10.65
N ALA A 103 -2.76 28.30 10.19
CA ALA A 103 -1.76 28.87 11.09
C ALA A 103 -2.18 30.27 11.55
N SER A 104 -2.85 30.32 12.69
CA SER A 104 -3.30 31.60 13.25
C SER A 104 -4.04 32.42 12.19
N GLY A 105 -4.83 31.73 11.37
CA GLY A 105 -5.57 32.42 10.32
C GLY A 105 -6.62 33.37 10.88
N PRO A 106 -7.28 34.11 9.98
CA PRO A 106 -8.32 35.07 10.36
C PRO A 106 -9.58 34.39 10.88
N SER A 107 -10.62 35.17 11.12
CA SER A 107 -11.89 34.64 11.62
C SER A 107 -12.95 34.66 10.53
N SER A 108 -13.07 35.80 9.85
CA SER A 108 -14.06 35.95 8.78
C SER A 108 -13.81 34.94 7.66
N GLY A 109 -14.90 34.47 7.05
CA GLY A 109 -14.77 33.51 5.97
C GLY A 109 -15.86 32.45 6.03
N GLY A 1 2.67 24.05 -17.74
CA GLY A 1 2.56 22.60 -17.64
C GLY A 1 3.25 22.05 -16.42
N SER A 2 2.72 22.40 -15.24
CA SER A 2 3.29 21.94 -13.97
C SER A 2 3.51 20.43 -13.99
N SER A 3 4.25 19.94 -13.01
CA SER A 3 4.53 18.51 -12.92
C SER A 3 3.33 17.68 -13.34
N GLY A 4 3.52 16.85 -14.35
CA GLY A 4 2.43 16.01 -14.84
C GLY A 4 2.90 14.62 -15.23
N SER A 5 3.29 13.83 -14.24
CA SER A 5 3.76 12.48 -14.48
C SER A 5 2.93 11.46 -13.71
N SER A 6 2.99 10.20 -14.14
CA SER A 6 2.24 9.14 -13.50
C SER A 6 3.09 8.42 -12.46
N GLY A 7 2.90 8.79 -11.19
CA GLY A 7 3.66 8.17 -10.12
C GLY A 7 2.81 7.27 -9.26
N LEU A 8 3.08 5.97 -9.31
CA LEU A 8 2.33 4.99 -8.53
C LEU A 8 3.00 4.75 -7.18
N ALA A 9 4.33 4.73 -7.18
CA ALA A 9 5.09 4.51 -5.95
C ALA A 9 4.85 5.64 -4.96
N GLU A 10 5.01 6.88 -5.43
CA GLU A 10 4.82 8.05 -4.58
C GLU A 10 3.60 7.88 -3.69
N LEU A 11 2.56 7.25 -4.22
CA LEU A 11 1.33 7.03 -3.47
C LEU A 11 1.47 5.82 -2.55
N PHE A 12 2.08 4.75 -3.06
CA PHE A 12 2.28 3.54 -2.28
C PHE A 12 2.88 3.86 -0.92
N GLU A 13 3.84 4.79 -0.91
CA GLU A 13 4.50 5.18 0.34
C GLU A 13 3.50 5.84 1.29
N LYS A 14 2.84 6.90 0.81
CA LYS A 14 1.87 7.62 1.61
C LYS A 14 0.79 6.68 2.15
N ALA A 15 0.11 5.99 1.23
CA ALA A 15 -0.94 5.05 1.61
C ALA A 15 -0.52 4.23 2.82
N ALA A 16 0.67 3.66 2.77
CA ALA A 16 1.19 2.85 3.86
C ALA A 16 0.96 3.54 5.21
N ALA A 17 1.30 4.82 5.27
CA ALA A 17 1.15 5.59 6.50
C ALA A 17 -0.33 5.71 6.88
N HIS A 18 -1.19 5.78 5.87
CA HIS A 18 -2.62 5.90 6.11
C HIS A 18 -3.20 4.59 6.65
N LEU A 19 -2.61 3.48 6.24
CA LEU A 19 -3.07 2.16 6.69
C LEU A 19 -3.29 2.15 8.19
N GLN A 20 -2.27 2.59 8.94
CA GLN A 20 -2.36 2.62 10.39
C GLN A 20 -3.59 3.41 10.85
N GLY A 21 -3.99 4.38 10.04
CA GLY A 21 -5.14 5.19 10.37
C GLY A 21 -6.45 4.59 9.88
N LEU A 22 -6.34 3.58 9.03
CA LEU A 22 -7.52 2.91 8.48
C LEU A 22 -7.67 1.51 9.08
N ILE A 23 -6.98 1.27 10.19
CA ILE A 23 -7.04 -0.02 10.86
C ILE A 23 -8.42 -0.25 11.49
N GLN A 24 -9.03 0.82 11.95
CA GLN A 24 -10.36 0.73 12.57
C GLN A 24 -11.43 0.49 11.52
N VAL A 25 -11.09 0.74 10.26
CA VAL A 25 -12.03 0.55 9.16
C VAL A 25 -11.65 -0.67 8.33
N ALA A 26 -10.41 -1.10 8.44
CA ALA A 26 -9.92 -2.26 7.70
C ALA A 26 -10.26 -3.55 8.42
N SER A 27 -10.47 -4.62 7.65
CA SER A 27 -10.81 -5.92 8.22
C SER A 27 -9.61 -6.86 8.18
N ARG A 28 -9.61 -7.82 9.10
CA ARG A 28 -8.51 -8.78 9.18
C ARG A 28 -7.97 -9.11 7.78
N GLU A 29 -8.88 -9.32 6.83
CA GLU A 29 -8.50 -9.64 5.47
C GLU A 29 -7.66 -8.52 4.86
N GLN A 30 -8.26 -7.35 4.72
CA GLN A 30 -7.57 -6.19 4.15
C GLN A 30 -6.16 -6.08 4.73
N LEU A 31 -6.06 -6.13 6.05
CA LEU A 31 -4.77 -6.02 6.72
C LEU A 31 -3.73 -6.92 6.05
N LEU A 32 -4.19 -8.06 5.56
CA LEU A 32 -3.30 -9.02 4.90
C LEU A 32 -3.11 -8.66 3.43
N TYR A 33 -4.22 -8.37 2.75
CA TYR A 33 -4.18 -8.00 1.33
C TYR A 33 -3.08 -6.97 1.07
N LEU A 34 -2.91 -6.04 2.02
CA LEU A 34 -1.90 -5.00 1.88
C LEU A 34 -0.53 -5.53 2.28
N TYR A 35 -0.51 -6.57 3.10
CA TYR A 35 0.75 -7.17 3.55
C TYR A 35 1.42 -7.94 2.43
N ALA A 36 0.63 -8.75 1.72
CA ALA A 36 1.16 -9.54 0.62
C ALA A 36 1.76 -8.65 -0.47
N ARG A 37 0.92 -7.85 -1.10
CA ARG A 37 1.36 -6.95 -2.16
C ARG A 37 2.58 -6.14 -1.71
N TYR A 38 2.54 -5.66 -0.47
CA TYR A 38 3.63 -4.87 0.08
C TYR A 38 4.94 -5.67 0.07
N LYS A 39 4.85 -6.93 0.50
CA LYS A 39 6.02 -7.81 0.54
C LYS A 39 6.45 -8.20 -0.86
N GLN A 40 5.57 -7.96 -1.84
CA GLN A 40 5.88 -8.29 -3.23
C GLN A 40 6.63 -7.16 -3.91
N VAL A 41 6.22 -5.92 -3.63
CA VAL A 41 6.86 -4.75 -4.21
C VAL A 41 8.25 -4.54 -3.64
N LYS A 42 8.46 -5.02 -2.42
CA LYS A 42 9.75 -4.89 -1.76
C LYS A 42 10.67 -6.06 -2.09
N VAL A 43 10.15 -7.27 -1.90
CA VAL A 43 10.92 -8.48 -2.18
C VAL A 43 10.76 -8.91 -3.64
N GLY A 44 9.55 -9.34 -4.00
CA GLY A 44 9.29 -9.77 -5.35
C GLY A 44 8.93 -11.24 -5.44
N ASN A 45 9.89 -12.06 -5.86
CA ASN A 45 9.67 -13.49 -5.99
C ASN A 45 9.82 -14.19 -4.64
N CYS A 46 8.70 -14.70 -4.13
CA CYS A 46 8.70 -15.39 -2.84
C CYS A 46 9.92 -16.30 -2.71
N ASN A 47 10.81 -15.95 -1.78
CA ASN A 47 12.02 -16.73 -1.56
C ASN A 47 12.13 -17.16 -0.10
N THR A 48 10.98 -17.49 0.50
CA THR A 48 10.95 -17.92 1.89
C THR A 48 10.34 -19.31 2.03
N PRO A 49 10.84 -20.08 3.01
CA PRO A 49 10.35 -21.45 3.26
C PRO A 49 8.94 -21.46 3.82
N LYS A 50 8.15 -22.44 3.40
CA LYS A 50 6.77 -22.58 3.86
C LYS A 50 6.71 -22.61 5.39
N PRO A 51 5.84 -21.77 5.96
CA PRO A 51 5.66 -21.69 7.42
C PRO A 51 5.00 -22.93 7.99
N SER A 52 5.25 -23.19 9.26
CA SER A 52 4.67 -24.35 9.94
C SER A 52 3.16 -24.37 9.80
N PHE A 53 2.56 -25.55 9.92
CA PHE A 53 1.11 -25.70 9.81
C PHE A 53 0.41 -25.03 11.00
N PHE A 54 0.95 -25.23 12.19
CA PHE A 54 0.37 -24.66 13.39
C PHE A 54 0.47 -23.13 13.37
N ASP A 55 1.54 -22.62 12.76
CA ASP A 55 1.76 -21.19 12.68
C ASP A 55 0.85 -20.58 11.61
N PHE A 56 -0.43 -20.42 11.95
CA PHE A 56 -1.40 -19.84 11.02
C PHE A 56 -1.08 -18.38 10.74
N GLU A 57 -1.03 -17.58 11.80
CA GLU A 57 -0.73 -16.15 11.67
C GLU A 57 0.33 -15.91 10.60
N GLY A 58 1.39 -16.70 10.63
CA GLY A 58 2.46 -16.55 9.66
C GLY A 58 2.15 -17.26 8.36
N LYS A 59 1.26 -18.23 8.41
CA LYS A 59 0.87 -18.98 7.22
C LYS A 59 0.12 -18.10 6.24
N GLN A 60 -1.07 -17.65 6.65
CA GLN A 60 -1.89 -16.79 5.80
C GLN A 60 -1.02 -15.78 5.05
N LYS A 61 -0.17 -15.08 5.78
CA LYS A 61 0.72 -14.08 5.18
C LYS A 61 1.58 -14.70 4.10
N TRP A 62 2.41 -15.66 4.48
CA TRP A 62 3.30 -16.34 3.53
C TRP A 62 2.54 -16.70 2.25
N GLU A 63 1.33 -17.21 2.41
CA GLU A 63 0.52 -17.60 1.27
C GLU A 63 0.23 -16.40 0.37
N ALA A 64 -0.58 -15.46 0.88
CA ALA A 64 -0.92 -14.26 0.14
C ALA A 64 0.23 -13.81 -0.74
N TRP A 65 1.40 -13.64 -0.13
CA TRP A 65 2.59 -13.20 -0.86
C TRP A 65 3.10 -14.31 -1.76
N LYS A 66 3.03 -15.54 -1.30
CA LYS A 66 3.49 -16.69 -2.07
C LYS A 66 2.79 -16.73 -3.43
N ALA A 67 1.50 -16.42 -3.45
CA ALA A 67 0.74 -16.42 -4.69
C ALA A 67 1.31 -15.43 -5.69
N LEU A 68 1.85 -14.33 -5.19
CA LEU A 68 2.43 -13.30 -6.05
C LEU A 68 3.84 -13.68 -6.47
N GLY A 69 3.97 -14.88 -7.04
CA GLY A 69 5.27 -15.36 -7.49
C GLY A 69 5.64 -14.81 -8.86
N ASP A 70 4.63 -14.50 -9.67
CA ASP A 70 4.85 -13.98 -11.01
C ASP A 70 4.17 -12.63 -11.18
N SER A 71 3.96 -11.92 -10.07
CA SER A 71 3.30 -10.62 -10.11
C SER A 71 4.32 -9.51 -10.27
N SER A 72 3.85 -8.26 -10.23
CA SER A 72 4.73 -7.10 -10.37
C SER A 72 4.59 -6.17 -9.16
N PRO A 73 5.62 -5.33 -8.94
CA PRO A 73 5.64 -4.38 -7.83
C PRO A 73 4.64 -3.25 -8.03
N SER A 74 4.67 -2.62 -9.19
CA SER A 74 3.76 -1.53 -9.49
C SER A 74 2.30 -2.00 -9.50
N GLN A 75 2.09 -3.21 -10.00
CA GLN A 75 0.75 -3.79 -10.06
C GLN A 75 0.24 -4.12 -8.66
N ALA A 76 1.16 -4.25 -7.71
CA ALA A 76 0.80 -4.56 -6.33
C ALA A 76 0.39 -3.31 -5.57
N MET A 77 0.97 -2.18 -5.96
CA MET A 77 0.68 -0.91 -5.31
C MET A 77 -0.69 -0.39 -5.73
N GLN A 78 -1.06 -0.65 -6.97
CA GLN A 78 -2.35 -0.21 -7.50
C GLN A 78 -3.49 -0.65 -6.58
N GLU A 79 -3.57 -1.96 -6.33
CA GLU A 79 -4.61 -2.51 -5.46
C GLU A 79 -4.36 -2.14 -4.01
N TYR A 80 -3.08 -2.10 -3.62
CA TYR A 80 -2.71 -1.76 -2.26
C TYR A 80 -3.21 -0.37 -1.88
N ILE A 81 -3.28 0.52 -2.86
CA ILE A 81 -3.74 1.88 -2.63
C ILE A 81 -5.27 1.96 -2.72
N ALA A 82 -5.79 1.70 -3.92
CA ALA A 82 -7.24 1.74 -4.14
C ALA A 82 -8.00 1.31 -2.88
N VAL A 83 -7.70 0.10 -2.42
CA VAL A 83 -8.36 -0.43 -1.23
C VAL A 83 -8.45 0.62 -0.13
N VAL A 84 -7.30 1.15 0.28
CA VAL A 84 -7.24 2.16 1.32
C VAL A 84 -8.21 3.31 1.01
N LYS A 85 -8.54 3.48 -0.26
CA LYS A 85 -9.45 4.53 -0.68
C LYS A 85 -10.89 4.17 -0.35
N LYS A 86 -11.23 2.89 -0.50
CA LYS A 86 -12.58 2.41 -0.22
C LYS A 86 -12.88 2.51 1.27
N LEU A 87 -11.85 2.36 2.09
CA LEU A 87 -12.01 2.43 3.54
C LEU A 87 -12.20 3.89 3.99
N ASP A 88 -11.36 4.77 3.47
CA ASP A 88 -11.43 6.19 3.83
C ASP A 88 -11.50 7.05 2.57
N PRO A 89 -12.71 7.53 2.24
CA PRO A 89 -12.94 8.38 1.07
C PRO A 89 -12.33 9.76 1.23
N GLY A 90 -12.04 10.14 2.47
CA GLY A 90 -11.46 11.44 2.73
C GLY A 90 -9.95 11.38 2.89
N TRP A 91 -9.28 10.75 1.93
CA TRP A 91 -7.83 10.62 1.98
C TRP A 91 -7.17 11.55 0.96
N ASN A 92 -6.26 12.39 1.43
CA ASN A 92 -5.56 13.33 0.55
C ASN A 92 -4.05 13.13 0.63
N PRO A 93 -3.53 12.23 -0.22
CA PRO A 93 -2.10 11.91 -0.25
C PRO A 93 -1.28 13.07 -0.82
N GLN A 94 -1.90 13.88 -1.67
CA GLN A 94 -1.22 15.01 -2.28
C GLN A 94 -1.54 16.30 -1.53
N ILE A 95 -0.79 16.57 -0.47
CA ILE A 95 -0.99 17.76 0.33
C ILE A 95 0.16 18.74 0.15
N PRO A 96 -0.16 19.99 -0.21
CA PRO A 96 0.82 21.05 -0.41
C PRO A 96 1.48 21.50 0.90
N GLU A 97 0.65 21.70 1.92
CA GLU A 97 1.14 22.12 3.23
C GLU A 97 2.43 21.39 3.59
N LYS A 98 3.29 22.05 4.36
CA LYS A 98 4.55 21.46 4.79
C LYS A 98 4.51 21.10 6.26
N LYS A 99 4.83 19.86 6.57
CA LYS A 99 4.84 19.38 7.96
C LYS A 99 3.71 20.02 8.75
N GLY A 100 2.50 20.00 8.19
CA GLY A 100 1.35 20.58 8.87
C GLY A 100 0.43 19.53 9.46
N LYS A 101 1.02 18.51 10.08
CA LYS A 101 0.25 17.43 10.69
C LYS A 101 0.66 17.22 12.14
N GLU A 102 -0.32 16.88 12.98
CA GLU A 102 -0.06 16.64 14.39
C GLU A 102 0.86 15.44 14.59
N ALA A 103 1.54 15.40 15.73
CA ALA A 103 2.45 14.31 16.04
C ALA A 103 2.80 14.29 17.52
N SER A 104 3.24 13.14 18.01
CA SER A 104 3.62 12.99 19.41
C SER A 104 4.87 12.13 19.56
N GLY A 105 5.43 12.11 20.76
CA GLY A 105 6.63 11.32 21.01
C GLY A 105 7.87 11.98 20.47
N PRO A 106 8.91 11.17 20.20
CA PRO A 106 10.19 11.66 19.68
C PRO A 106 10.07 12.15 18.23
N SER A 107 11.13 12.77 17.74
CA SER A 107 11.15 13.29 16.38
C SER A 107 12.44 12.91 15.66
N SER A 108 12.57 13.35 14.41
CA SER A 108 13.76 13.04 13.62
C SER A 108 14.49 14.33 13.24
N GLY A 109 15.81 14.32 13.41
CA GLY A 109 16.60 15.49 13.08
C GLY A 109 18.06 15.14 12.81
N GLY A 1 5.08 24.04 -18.98
CA GLY A 1 4.18 23.71 -17.89
C GLY A 1 4.13 22.22 -17.61
N SER A 2 4.04 21.87 -16.34
CA SER A 2 3.99 20.47 -15.93
C SER A 2 3.71 20.34 -14.45
N SER A 3 3.09 19.21 -14.07
CA SER A 3 2.75 18.97 -12.67
C SER A 3 3.20 17.58 -12.24
N GLY A 4 2.88 16.58 -13.04
CA GLY A 4 3.27 15.21 -12.73
C GLY A 4 2.14 14.23 -12.94
N SER A 5 2.28 13.35 -13.92
CA SER A 5 1.26 12.36 -14.22
C SER A 5 1.63 11.00 -13.62
N SER A 6 2.84 10.53 -13.93
CA SER A 6 3.30 9.24 -13.42
C SER A 6 3.96 9.41 -12.05
N GLY A 7 3.68 8.47 -11.15
CA GLY A 7 4.26 8.53 -9.82
C GLY A 7 3.53 7.63 -8.83
N LEU A 8 3.23 6.41 -9.27
CA LEU A 8 2.54 5.45 -8.42
C LEU A 8 3.26 5.27 -7.09
N ALA A 9 4.58 5.13 -7.15
CA ALA A 9 5.39 4.95 -5.95
C ALA A 9 5.04 5.99 -4.90
N GLU A 10 5.19 7.26 -5.23
CA GLU A 10 4.89 8.34 -4.31
C GLU A 10 3.69 7.99 -3.45
N LEU A 11 2.58 7.61 -4.09
CA LEU A 11 1.37 7.25 -3.38
C LEU A 11 1.58 6.01 -2.52
N PHE A 12 2.09 4.95 -3.14
CA PHE A 12 2.35 3.70 -2.43
C PHE A 12 2.83 3.98 -1.01
N GLU A 13 3.63 5.03 -0.86
CA GLU A 13 4.18 5.40 0.44
C GLU A 13 3.13 6.13 1.28
N LYS A 14 2.56 7.19 0.72
CA LYS A 14 1.55 7.97 1.41
C LYS A 14 0.47 7.07 1.99
N ALA A 15 -0.09 6.22 1.14
CA ALA A 15 -1.14 5.29 1.56
C ALA A 15 -0.69 4.47 2.77
N ALA A 16 0.49 3.87 2.65
CA ALA A 16 1.03 3.05 3.73
C ALA A 16 0.85 3.73 5.08
N ALA A 17 1.17 5.02 5.15
CA ALA A 17 1.04 5.78 6.37
C ALA A 17 -0.42 5.89 6.80
N HIS A 18 -1.31 5.88 5.82
CA HIS A 18 -2.75 5.98 6.09
C HIS A 18 -3.30 4.66 6.61
N LEU A 19 -2.68 3.56 6.19
CA LEU A 19 -3.12 2.23 6.61
C LEU A 19 -3.31 2.17 8.12
N GLN A 20 -2.34 2.70 8.87
CA GLN A 20 -2.40 2.71 10.31
C GLN A 20 -3.66 3.43 10.80
N GLY A 21 -4.14 4.37 9.98
CA GLY A 21 -5.33 5.11 10.33
C GLY A 21 -6.60 4.44 9.87
N LEU A 22 -6.47 3.43 9.01
CA LEU A 22 -7.62 2.71 8.49
C LEU A 22 -7.68 1.30 9.07
N ILE A 23 -6.91 1.06 10.13
CA ILE A 23 -6.88 -0.24 10.78
C ILE A 23 -8.24 -0.58 11.38
N GLN A 24 -8.93 0.44 11.87
CA GLN A 24 -10.25 0.25 12.46
C GLN A 24 -11.30 -0.07 11.40
N VAL A 25 -11.01 0.32 10.16
CA VAL A 25 -11.92 0.08 9.05
C VAL A 25 -11.44 -1.07 8.19
N ALA A 26 -10.19 -1.48 8.40
CA ALA A 26 -9.60 -2.59 7.63
C ALA A 26 -9.72 -3.89 8.39
N SER A 27 -10.34 -4.89 7.77
CA SER A 27 -10.52 -6.19 8.39
C SER A 27 -9.21 -6.98 8.40
N ARG A 28 -9.11 -7.93 9.31
CA ARG A 28 -7.90 -8.76 9.42
C ARG A 28 -7.42 -9.20 8.04
N GLU A 29 -8.37 -9.44 7.14
CA GLU A 29 -8.04 -9.87 5.79
C GLU A 29 -7.45 -8.72 4.97
N GLN A 30 -8.08 -7.55 5.08
CA GLN A 30 -7.61 -6.38 4.35
C GLN A 30 -6.18 -6.02 4.75
N LEU A 31 -5.85 -6.22 6.02
CA LEU A 31 -4.52 -5.92 6.53
C LEU A 31 -3.47 -6.78 5.83
N LEU A 32 -3.85 -8.02 5.51
CA LEU A 32 -2.94 -8.95 4.85
C LEU A 32 -2.83 -8.63 3.35
N TYR A 33 -3.98 -8.34 2.73
CA TYR A 33 -4.01 -8.03 1.31
C TYR A 33 -2.97 -6.97 0.96
N LEU A 34 -2.81 -5.99 1.85
CA LEU A 34 -1.85 -4.92 1.65
C LEU A 34 -0.45 -5.35 2.08
N TYR A 35 -0.38 -6.38 2.92
CA TYR A 35 0.89 -6.89 3.40
C TYR A 35 1.60 -7.72 2.32
N ALA A 36 0.86 -8.63 1.71
CA ALA A 36 1.41 -9.48 0.66
C ALA A 36 1.97 -8.65 -0.48
N ARG A 37 1.11 -7.87 -1.11
CA ARG A 37 1.52 -7.02 -2.23
C ARG A 37 2.71 -6.14 -1.84
N TYR A 38 2.62 -5.55 -0.65
CA TYR A 38 3.69 -4.68 -0.17
C TYR A 38 5.02 -5.42 -0.14
N LYS A 39 4.97 -6.71 0.14
CA LYS A 39 6.17 -7.53 0.20
C LYS A 39 6.61 -7.95 -1.20
N GLN A 40 5.68 -7.89 -2.15
CA GLN A 40 5.98 -8.26 -3.53
C GLN A 40 6.66 -7.12 -4.27
N VAL A 41 6.32 -5.89 -3.89
CA VAL A 41 6.90 -4.71 -4.52
C VAL A 41 8.26 -4.39 -3.92
N LYS A 42 8.50 -4.86 -2.70
CA LYS A 42 9.76 -4.62 -2.02
C LYS A 42 10.70 -5.82 -2.18
N VAL A 43 10.20 -7.01 -1.85
CA VAL A 43 10.99 -8.23 -1.96
C VAL A 43 10.90 -8.81 -3.37
N GLY A 44 9.71 -9.32 -3.71
CA GLY A 44 9.51 -9.91 -5.02
C GLY A 44 9.16 -11.38 -4.95
N ASN A 45 9.58 -12.14 -5.96
CA ASN A 45 9.30 -13.56 -6.00
C ASN A 45 9.53 -14.22 -4.65
N CYS A 46 8.52 -14.91 -4.14
CA CYS A 46 8.62 -15.58 -2.85
C CYS A 46 9.93 -16.35 -2.73
N ASN A 47 10.75 -15.97 -1.76
CA ASN A 47 12.03 -16.61 -1.54
C ASN A 47 12.17 -17.06 -0.08
N THR A 48 11.08 -17.58 0.48
CA THR A 48 11.09 -18.05 1.86
C THR A 48 10.36 -19.38 1.98
N PRO A 49 10.76 -20.18 3.00
CA PRO A 49 10.17 -21.49 3.25
C PRO A 49 8.72 -21.39 3.76
N LYS A 50 7.92 -22.38 3.41
CA LYS A 50 6.52 -22.41 3.83
C LYS A 50 6.40 -22.62 5.33
N PRO A 51 5.49 -21.88 5.97
CA PRO A 51 5.25 -21.97 7.41
C PRO A 51 4.61 -23.29 7.82
N SER A 52 4.64 -23.59 9.11
CA SER A 52 4.06 -24.83 9.62
C SER A 52 2.57 -24.66 9.89
N PHE A 53 1.81 -25.73 9.70
CA PHE A 53 0.37 -25.70 9.92
C PHE A 53 0.03 -25.01 11.23
N PHE A 54 0.83 -25.30 12.26
CA PHE A 54 0.62 -24.70 13.58
C PHE A 54 0.65 -23.18 13.50
N ASP A 55 1.74 -22.65 12.97
CA ASP A 55 1.90 -21.20 12.84
C ASP A 55 0.92 -20.64 11.81
N PHE A 56 -0.30 -20.38 12.27
CA PHE A 56 -1.35 -19.84 11.40
C PHE A 56 -1.02 -18.41 10.98
N GLU A 57 -0.89 -17.52 11.96
CA GLU A 57 -0.58 -16.13 11.69
C GLU A 57 0.40 -16.00 10.52
N GLY A 58 1.43 -16.84 10.53
CA GLY A 58 2.41 -16.81 9.47
C GLY A 58 1.93 -17.50 8.21
N LYS A 59 1.08 -18.51 8.37
CA LYS A 59 0.55 -19.25 7.24
C LYS A 59 -0.10 -18.31 6.23
N GLN A 60 -1.17 -17.64 6.65
CA GLN A 60 -1.88 -16.71 5.78
C GLN A 60 -0.92 -15.72 5.14
N LYS A 61 -0.03 -15.15 5.96
CA LYS A 61 0.95 -14.18 5.47
C LYS A 61 1.75 -14.76 4.30
N TRP A 62 2.45 -15.87 4.56
CA TRP A 62 3.25 -16.52 3.52
C TRP A 62 2.41 -16.80 2.29
N GLU A 63 1.20 -17.33 2.50
CA GLU A 63 0.31 -17.65 1.40
C GLU A 63 0.00 -16.42 0.56
N ALA A 64 -0.75 -15.50 1.14
CA ALA A 64 -1.12 -14.26 0.45
C ALA A 64 0.02 -13.77 -0.43
N TRP A 65 1.19 -13.64 0.16
CA TRP A 65 2.37 -13.17 -0.57
C TRP A 65 2.87 -14.25 -1.53
N LYS A 66 2.68 -15.51 -1.15
CA LYS A 66 3.11 -16.63 -1.99
C LYS A 66 2.39 -16.62 -3.32
N ALA A 67 1.09 -16.32 -3.28
CA ALA A 67 0.28 -16.29 -4.49
C ALA A 67 0.88 -15.36 -5.53
N LEU A 68 1.55 -14.32 -5.06
CA LEU A 68 2.18 -13.34 -5.95
C LEU A 68 3.56 -13.81 -6.39
N GLY A 69 3.62 -15.03 -6.91
CA GLY A 69 4.88 -15.59 -7.37
C GLY A 69 5.67 -14.59 -8.21
N ASP A 70 5.25 -14.41 -9.45
CA ASP A 70 5.93 -13.49 -10.36
C ASP A 70 5.04 -12.28 -10.67
N SER A 71 4.53 -11.64 -9.61
CA SER A 71 3.66 -10.49 -9.77
C SER A 71 4.48 -9.20 -9.77
N SER A 72 4.17 -8.30 -10.70
CA SER A 72 4.88 -7.03 -10.81
C SER A 72 4.67 -6.19 -9.56
N PRO A 73 5.64 -5.30 -9.28
CA PRO A 73 5.58 -4.41 -8.10
C PRO A 73 4.50 -3.34 -8.24
N SER A 74 4.50 -2.65 -9.37
CA SER A 74 3.51 -1.60 -9.62
C SER A 74 2.09 -2.15 -9.55
N GLN A 75 1.86 -3.27 -10.23
CA GLN A 75 0.54 -3.89 -10.24
C GLN A 75 0.08 -4.20 -8.83
N ALA A 76 1.03 -4.28 -7.90
CA ALA A 76 0.71 -4.58 -6.51
C ALA A 76 0.40 -3.30 -5.74
N MET A 77 1.02 -2.20 -6.15
CA MET A 77 0.81 -0.90 -5.50
C MET A 77 -0.56 -0.33 -5.87
N GLN A 78 -1.00 -0.62 -7.09
CA GLN A 78 -2.28 -0.11 -7.57
C GLN A 78 -3.41 -0.59 -6.67
N GLU A 79 -3.40 -1.88 -6.32
CA GLU A 79 -4.43 -2.44 -5.46
C GLU A 79 -4.19 -2.06 -4.00
N TYR A 80 -2.94 -2.13 -3.58
CA TYR A 80 -2.58 -1.79 -2.21
C TYR A 80 -3.08 -0.40 -1.84
N ILE A 81 -3.10 0.50 -2.83
CA ILE A 81 -3.55 1.86 -2.61
C ILE A 81 -5.07 1.97 -2.77
N ALA A 82 -5.55 1.74 -3.98
CA ALA A 82 -6.99 1.80 -4.27
C ALA A 82 -7.80 1.36 -3.06
N VAL A 83 -7.54 0.15 -2.58
CA VAL A 83 -8.25 -0.40 -1.43
C VAL A 83 -8.36 0.64 -0.32
N VAL A 84 -7.22 1.12 0.15
CA VAL A 84 -7.18 2.12 1.22
C VAL A 84 -8.15 3.26 0.92
N LYS A 85 -8.48 3.44 -0.35
CA LYS A 85 -9.39 4.51 -0.76
C LYS A 85 -10.85 4.10 -0.52
N LYS A 86 -11.14 2.81 -0.71
CA LYS A 86 -12.48 2.29 -0.51
C LYS A 86 -12.88 2.36 0.96
N LEU A 87 -11.88 2.26 1.84
CA LEU A 87 -12.13 2.31 3.27
C LEU A 87 -12.31 3.75 3.75
N ASP A 88 -11.50 4.66 3.19
CA ASP A 88 -11.57 6.07 3.55
C ASP A 88 -11.55 6.96 2.30
N PRO A 89 -12.76 7.28 1.79
CA PRO A 89 -12.90 8.12 0.60
C PRO A 89 -12.49 9.56 0.85
N GLY A 90 -12.03 9.84 2.06
CA GLY A 90 -11.62 11.19 2.41
C GLY A 90 -10.11 11.32 2.55
N TRP A 91 -9.39 10.56 1.75
CA TRP A 91 -7.93 10.60 1.79
C TRP A 91 -7.37 11.30 0.56
N ASN A 92 -6.38 12.16 0.77
CA ASN A 92 -5.76 12.91 -0.32
C ASN A 92 -4.24 12.97 -0.15
N PRO A 93 -3.51 12.42 -1.12
CA PRO A 93 -2.04 12.40 -1.10
C PRO A 93 -1.44 13.79 -1.28
N GLN A 94 -2.13 14.63 -2.05
CA GLN A 94 -1.67 15.99 -2.30
C GLN A 94 -2.09 16.93 -1.18
N ILE A 95 -1.29 16.98 -0.12
CA ILE A 95 -1.60 17.84 1.02
C ILE A 95 -0.41 18.75 1.35
N PRO A 96 -0.66 20.06 1.35
CA PRO A 96 0.37 21.06 1.65
C PRO A 96 0.80 21.03 3.12
N GLU A 97 -0.16 20.76 4.01
CA GLU A 97 0.12 20.72 5.44
C GLU A 97 1.37 19.88 5.71
N LYS A 98 1.99 20.12 6.86
CA LYS A 98 3.20 19.41 7.25
C LYS A 98 2.91 18.47 8.43
N LYS A 99 2.46 17.26 8.12
CA LYS A 99 2.16 16.27 9.16
C LYS A 99 2.64 14.89 8.75
N GLY A 100 3.51 14.31 9.57
CA GLY A 100 4.03 12.98 9.27
C GLY A 100 5.43 13.03 8.69
N LYS A 101 6.36 12.31 9.32
CA LYS A 101 7.74 12.27 8.87
C LYS A 101 7.89 11.35 7.66
N GLU A 102 7.67 10.06 7.89
CA GLU A 102 7.77 9.07 6.81
C GLU A 102 9.18 9.06 6.22
N ALA A 103 10.18 8.89 7.09
CA ALA A 103 11.57 8.85 6.66
C ALA A 103 11.75 7.94 5.45
N SER A 104 12.14 8.53 4.33
CA SER A 104 12.35 7.78 3.09
C SER A 104 13.48 6.77 3.26
N GLY A 105 13.53 5.78 2.37
CA GLY A 105 14.56 4.77 2.43
C GLY A 105 14.78 4.08 1.10
N PRO A 106 15.92 3.37 0.98
CA PRO A 106 16.26 2.65 -0.25
C PRO A 106 15.37 1.44 -0.49
N SER A 107 15.01 1.20 -1.75
CA SER A 107 14.16 0.07 -2.10
C SER A 107 14.53 -0.48 -3.48
N SER A 108 14.64 -1.80 -3.56
CA SER A 108 14.99 -2.45 -4.81
C SER A 108 13.85 -3.33 -5.31
N GLY A 109 14.03 -3.91 -6.50
CA GLY A 109 13.00 -4.77 -7.06
C GLY A 109 13.42 -5.39 -8.38
N GLY A 1 -9.18 9.00 -19.62
CA GLY A 1 -7.81 9.40 -19.89
C GLY A 1 -7.02 9.65 -18.62
N SER A 2 -5.92 10.38 -18.75
CA SER A 2 -5.07 10.70 -17.60
C SER A 2 -4.88 12.20 -17.47
N SER A 3 -5.11 12.72 -16.26
CA SER A 3 -4.95 14.14 -16.00
C SER A 3 -3.87 14.39 -14.96
N GLY A 4 -2.62 14.34 -15.41
CA GLY A 4 -1.50 14.57 -14.50
C GLY A 4 -1.56 13.67 -13.28
N SER A 5 -0.96 14.14 -12.19
CA SER A 5 -0.95 13.37 -10.94
C SER A 5 -0.64 11.90 -11.21
N SER A 6 0.41 11.66 -11.99
CA SER A 6 0.81 10.30 -12.32
C SER A 6 1.93 9.81 -11.41
N GLY A 7 1.56 9.35 -10.23
CA GLY A 7 2.55 8.86 -9.27
C GLY A 7 2.04 7.69 -8.47
N LEU A 8 2.47 6.49 -8.85
CA LEU A 8 2.05 5.28 -8.17
C LEU A 8 2.88 5.05 -6.90
N ALA A 9 4.17 4.81 -7.09
CA ALA A 9 5.08 4.57 -5.97
C ALA A 9 4.88 5.63 -4.89
N GLU A 10 4.95 6.90 -5.28
CA GLU A 10 4.77 8.00 -4.33
C GLU A 10 3.73 7.64 -3.28
N LEU A 11 2.51 7.34 -3.72
CA LEU A 11 1.43 6.99 -2.81
C LEU A 11 1.82 5.80 -1.94
N PHE A 12 2.22 4.71 -2.58
CA PHE A 12 2.63 3.50 -1.86
C PHE A 12 3.31 3.86 -0.55
N GLU A 13 4.07 4.94 -0.55
CA GLU A 13 4.78 5.39 0.64
C GLU A 13 3.83 6.07 1.61
N LYS A 14 3.00 6.96 1.08
CA LYS A 14 2.03 7.70 1.91
C LYS A 14 0.90 6.78 2.37
N ALA A 15 0.23 6.15 1.41
CA ALA A 15 -0.87 5.25 1.71
C ALA A 15 -0.52 4.35 2.90
N ALA A 16 0.71 3.86 2.93
CA ALA A 16 1.17 2.99 4.01
C ALA A 16 0.90 3.62 5.37
N ALA A 17 1.20 4.91 5.49
CA ALA A 17 0.98 5.63 6.75
C ALA A 17 -0.50 5.72 7.08
N HIS A 18 -1.33 5.79 6.05
CA HIS A 18 -2.78 5.88 6.23
C HIS A 18 -3.34 4.56 6.73
N LEU A 19 -2.74 3.45 6.30
CA LEU A 19 -3.19 2.13 6.70
C LEU A 19 -3.48 2.09 8.20
N GLN A 20 -2.50 2.50 8.99
CA GLN A 20 -2.65 2.52 10.44
C GLN A 20 -3.87 3.31 10.86
N GLY A 21 -4.26 4.28 10.03
CA GLY A 21 -5.41 5.10 10.33
C GLY A 21 -6.70 4.50 9.81
N LEU A 22 -6.58 3.48 8.98
CA LEU A 22 -7.74 2.81 8.41
C LEU A 22 -7.89 1.40 8.97
N ILE A 23 -7.20 1.13 10.06
CA ILE A 23 -7.25 -0.18 10.70
C ILE A 23 -8.65 -0.48 11.23
N GLN A 24 -9.35 0.56 11.67
CA GLN A 24 -10.69 0.42 12.20
C GLN A 24 -11.70 0.17 11.08
N VAL A 25 -11.32 0.56 9.86
CA VAL A 25 -12.18 0.38 8.70
C VAL A 25 -11.70 -0.79 7.84
N ALA A 26 -10.48 -1.23 8.07
CA ALA A 26 -9.90 -2.35 7.32
C ALA A 26 -10.16 -3.67 8.03
N SER A 27 -10.70 -4.64 7.28
CA SER A 27 -11.00 -5.95 7.83
C SER A 27 -9.73 -6.79 7.97
N ARG A 28 -9.68 -7.63 9.00
CA ARG A 28 -8.52 -8.48 9.24
C ARG A 28 -7.91 -8.95 7.92
N GLU A 29 -8.76 -9.31 6.97
CA GLU A 29 -8.30 -9.78 5.67
C GLU A 29 -7.59 -8.65 4.91
N GLN A 30 -8.25 -7.50 4.83
CA GLN A 30 -7.68 -6.35 4.13
C GLN A 30 -6.27 -6.05 4.64
N LEU A 31 -6.11 -6.09 5.95
CA LEU A 31 -4.81 -5.81 6.57
C LEU A 31 -3.71 -6.64 5.92
N LEU A 32 -4.02 -7.91 5.66
CA LEU A 32 -3.06 -8.82 5.04
C LEU A 32 -2.90 -8.52 3.55
N TYR A 33 -4.03 -8.34 2.87
CA TYR A 33 -4.01 -8.04 1.45
C TYR A 33 -2.96 -7.01 1.11
N LEU A 34 -2.81 -6.01 1.98
CA LEU A 34 -1.83 -4.95 1.77
C LEU A 34 -0.43 -5.44 2.13
N TYR A 35 -0.36 -6.39 3.05
CA TYR A 35 0.92 -6.93 3.48
C TYR A 35 1.59 -7.74 2.36
N ALA A 36 0.81 -8.63 1.75
CA ALA A 36 1.31 -9.45 0.66
C ALA A 36 1.91 -8.59 -0.45
N ARG A 37 1.05 -7.84 -1.12
CA ARG A 37 1.48 -6.96 -2.21
C ARG A 37 2.70 -6.16 -1.80
N TYR A 38 2.61 -5.49 -0.66
CA TYR A 38 3.71 -4.67 -0.15
C TYR A 38 5.01 -5.47 -0.11
N LYS A 39 4.91 -6.71 0.39
CA LYS A 39 6.08 -7.57 0.50
C LYS A 39 6.51 -8.07 -0.88
N GLN A 40 5.65 -7.87 -1.87
CA GLN A 40 5.94 -8.30 -3.24
C GLN A 40 6.68 -7.20 -4.00
N VAL A 41 6.24 -5.96 -3.81
CA VAL A 41 6.85 -4.82 -4.48
C VAL A 41 8.25 -4.54 -3.93
N LYS A 42 8.47 -4.94 -2.68
CA LYS A 42 9.77 -4.74 -2.04
C LYS A 42 10.69 -5.92 -2.29
N VAL A 43 10.18 -7.13 -2.07
CA VAL A 43 10.96 -8.34 -2.28
C VAL A 43 10.71 -8.93 -3.66
N GLY A 44 9.49 -9.37 -3.91
CA GLY A 44 9.14 -9.94 -5.20
C GLY A 44 8.72 -11.40 -5.09
N ASN A 45 9.34 -12.25 -5.89
CA ASN A 45 9.02 -13.67 -5.89
C ASN A 45 9.26 -14.28 -4.51
N CYS A 46 8.17 -14.72 -3.88
CA CYS A 46 8.26 -15.33 -2.55
C CYS A 46 9.21 -16.51 -2.55
N ASN A 47 10.45 -16.28 -2.13
CA ASN A 47 11.46 -17.32 -2.10
C ASN A 47 11.44 -18.05 -0.75
N THR A 48 11.22 -17.29 0.32
CA THR A 48 11.18 -17.84 1.66
C THR A 48 10.44 -19.17 1.68
N PRO A 49 10.88 -20.10 2.56
CA PRO A 49 10.27 -21.41 2.68
C PRO A 49 8.88 -21.36 3.30
N LYS A 50 8.06 -22.36 3.01
CA LYS A 50 6.70 -22.43 3.54
C LYS A 50 6.71 -22.52 5.06
N PRO A 51 5.86 -21.71 5.72
CA PRO A 51 5.76 -21.70 7.18
C PRO A 51 5.13 -22.96 7.73
N SER A 52 5.17 -23.11 9.06
CA SER A 52 4.61 -24.29 9.71
C SER A 52 3.08 -24.27 9.64
N PHE A 53 2.48 -25.46 9.68
CA PHE A 53 1.02 -25.57 9.63
C PHE A 53 0.38 -24.93 10.84
N PHE A 54 0.99 -25.13 12.01
CA PHE A 54 0.48 -24.57 13.26
C PHE A 54 0.59 -23.04 13.25
N ASP A 55 1.73 -22.54 12.77
CA ASP A 55 1.96 -21.10 12.71
C ASP A 55 1.02 -20.44 11.70
N PHE A 56 -0.21 -20.19 12.13
CA PHE A 56 -1.20 -19.56 11.26
C PHE A 56 -0.80 -18.13 10.93
N GLU A 57 -0.68 -17.30 11.95
CA GLU A 57 -0.31 -15.90 11.76
C GLU A 57 0.69 -15.76 10.61
N GLY A 58 1.75 -16.55 10.66
CA GLY A 58 2.76 -16.49 9.62
C GLY A 58 2.32 -17.18 8.35
N LYS A 59 1.54 -18.24 8.48
CA LYS A 59 1.05 -19.00 7.34
C LYS A 59 0.29 -18.09 6.37
N GLN A 60 -0.83 -17.54 6.84
CA GLN A 60 -1.64 -16.65 6.02
C GLN A 60 -0.77 -15.60 5.34
N LYS A 61 0.17 -15.04 6.08
CA LYS A 61 1.07 -14.03 5.55
C LYS A 61 1.87 -14.58 4.37
N TRP A 62 2.58 -15.67 4.59
CA TRP A 62 3.39 -16.29 3.54
C TRP A 62 2.53 -16.62 2.33
N GLU A 63 1.37 -17.21 2.56
CA GLU A 63 0.46 -17.58 1.49
C GLU A 63 0.12 -16.37 0.62
N ALA A 64 -0.62 -15.43 1.20
CA ALA A 64 -1.02 -14.22 0.48
C ALA A 64 0.12 -13.70 -0.38
N TRP A 65 1.30 -13.58 0.21
CA TRP A 65 2.48 -13.09 -0.51
C TRP A 65 3.03 -14.17 -1.44
N LYS A 66 2.75 -15.43 -1.11
CA LYS A 66 3.22 -16.54 -1.92
C LYS A 66 2.48 -16.60 -3.25
N ALA A 67 1.16 -16.44 -3.20
CA ALA A 67 0.33 -16.47 -4.40
C ALA A 67 0.85 -15.48 -5.45
N LEU A 68 1.63 -14.51 -5.00
CA LEU A 68 2.20 -13.51 -5.90
C LEU A 68 3.59 -13.93 -6.39
N GLY A 69 3.67 -15.15 -6.90
CA GLY A 69 4.94 -15.65 -7.39
C GLY A 69 5.42 -14.90 -8.63
N ASP A 70 4.53 -14.77 -9.61
CA ASP A 70 4.87 -14.08 -10.85
C ASP A 70 4.14 -12.73 -10.94
N SER A 71 4.07 -12.04 -9.81
CA SER A 71 3.39 -10.75 -9.75
C SER A 71 4.35 -9.61 -10.09
N SER A 72 3.86 -8.38 -10.03
CA SER A 72 4.67 -7.22 -10.33
C SER A 72 4.62 -6.21 -9.18
N PRO A 73 5.67 -5.37 -9.09
CA PRO A 73 5.76 -4.35 -8.03
C PRO A 73 4.74 -3.23 -8.22
N SER A 74 4.69 -2.68 -9.43
CA SER A 74 3.76 -1.59 -9.72
C SER A 74 2.32 -2.07 -9.65
N GLN A 75 2.08 -3.28 -10.16
CA GLN A 75 0.74 -3.86 -10.16
C GLN A 75 0.29 -4.18 -8.75
N ALA A 76 1.26 -4.39 -7.86
CA ALA A 76 0.96 -4.69 -6.46
C ALA A 76 0.63 -3.43 -5.67
N MET A 77 1.14 -2.30 -6.14
CA MET A 77 0.90 -1.02 -5.49
C MET A 77 -0.45 -0.44 -5.90
N GLN A 78 -0.89 -0.78 -7.10
CA GLN A 78 -2.17 -0.29 -7.62
C GLN A 78 -3.32 -0.74 -6.73
N GLU A 79 -3.39 -2.03 -6.46
CA GLU A 79 -4.44 -2.59 -5.61
C GLU A 79 -4.17 -2.29 -4.15
N TYR A 80 -2.90 -2.28 -3.77
CA TYR A 80 -2.50 -2.01 -2.39
C TYR A 80 -2.95 -0.62 -1.96
N ILE A 81 -2.89 0.33 -2.89
CA ILE A 81 -3.29 1.70 -2.59
C ILE A 81 -4.81 1.87 -2.72
N ALA A 82 -5.33 1.65 -3.92
CA ALA A 82 -6.75 1.78 -4.16
C ALA A 82 -7.56 1.38 -2.93
N VAL A 83 -7.36 0.14 -2.46
CA VAL A 83 -8.07 -0.35 -1.30
C VAL A 83 -8.19 0.72 -0.23
N VAL A 84 -7.06 1.22 0.24
CA VAL A 84 -7.04 2.26 1.26
C VAL A 84 -7.99 3.39 0.91
N LYS A 85 -8.13 3.66 -0.39
CA LYS A 85 -9.01 4.72 -0.87
C LYS A 85 -10.48 4.32 -0.74
N LYS A 86 -10.75 3.02 -0.94
CA LYS A 86 -12.11 2.51 -0.85
C LYS A 86 -12.65 2.65 0.57
N LEU A 87 -11.75 2.62 1.55
CA LEU A 87 -12.13 2.75 2.95
C LEU A 87 -12.24 4.23 3.35
N ASP A 88 -11.27 5.02 2.91
CA ASP A 88 -11.25 6.45 3.21
C ASP A 88 -10.95 7.26 1.96
N PRO A 89 -12.01 7.75 1.30
CA PRO A 89 -11.89 8.55 0.08
C PRO A 89 -11.31 9.94 0.36
N GLY A 90 -11.40 10.38 1.61
CA GLY A 90 -10.89 11.68 1.99
C GLY A 90 -9.42 11.64 2.33
N TRP A 91 -8.65 10.89 1.56
CA TRP A 91 -7.21 10.77 1.79
C TRP A 91 -6.43 11.59 0.78
N ASN A 92 -5.65 12.55 1.27
CA ASN A 92 -4.85 13.42 0.41
C ASN A 92 -3.37 13.22 0.67
N PRO A 93 -2.73 12.38 -0.15
CA PRO A 93 -1.30 12.09 -0.02
C PRO A 93 -0.42 13.28 -0.40
N GLN A 94 -0.82 13.97 -1.47
CA GLN A 94 -0.06 15.13 -1.94
C GLN A 94 -0.65 16.42 -1.37
N ILE A 95 0.01 16.97 -0.36
CA ILE A 95 -0.44 18.20 0.27
C ILE A 95 0.63 19.29 0.17
N PRO A 96 0.21 20.48 -0.28
CA PRO A 96 1.11 21.63 -0.43
C PRO A 96 1.55 22.20 0.91
N GLU A 97 0.61 22.29 1.85
CA GLU A 97 0.90 22.82 3.17
C GLU A 97 2.03 22.04 3.83
N LYS A 98 2.89 22.76 4.55
CA LYS A 98 4.02 22.14 5.23
C LYS A 98 3.58 21.51 6.56
N LYS A 99 4.07 20.31 6.83
CA LYS A 99 3.74 19.61 8.06
C LYS A 99 4.07 20.45 9.29
N GLY A 100 3.31 20.26 10.36
CA GLY A 100 3.54 21.02 11.58
C GLY A 100 2.54 22.14 11.75
N LYS A 101 1.72 22.04 12.80
CA LYS A 101 0.71 23.05 13.08
C LYS A 101 1.33 24.22 13.85
N GLU A 102 0.83 25.43 13.57
CA GLU A 102 1.32 26.62 14.23
C GLU A 102 2.85 26.66 14.21
N ALA A 103 3.44 26.04 13.20
CA ALA A 103 4.89 26.00 13.07
C ALA A 103 5.43 27.34 12.54
N SER A 104 4.85 27.82 11.46
CA SER A 104 5.28 29.08 10.86
C SER A 104 4.10 29.79 10.19
N GLY A 105 4.37 30.97 9.63
CA GLY A 105 3.32 31.72 8.97
C GLY A 105 3.72 32.15 7.57
N PRO A 106 2.72 32.46 6.73
CA PRO A 106 2.94 32.90 5.35
C PRO A 106 3.57 34.28 5.27
N SER A 107 2.99 35.23 5.99
CA SER A 107 3.48 36.60 6.01
C SER A 107 5.00 36.63 5.91
N SER A 108 5.53 37.54 5.09
CA SER A 108 6.97 37.67 4.89
C SER A 108 7.41 39.11 5.10
N GLY A 109 8.58 39.27 5.71
CA GLY A 109 9.11 40.61 5.96
C GLY A 109 9.13 40.96 7.42
N GLY A 1 1.11 16.42 -26.01
CA GLY A 1 0.95 15.99 -24.64
C GLY A 1 1.41 14.56 -24.43
N SER A 2 1.17 14.03 -23.23
CA SER A 2 1.58 12.67 -22.90
C SER A 2 0.65 12.05 -21.86
N SER A 3 0.73 10.74 -21.71
CA SER A 3 -0.11 10.03 -20.75
C SER A 3 0.21 10.45 -19.32
N GLY A 4 -0.80 10.90 -18.59
CA GLY A 4 -0.59 11.32 -17.21
C GLY A 4 -0.35 10.16 -16.28
N SER A 5 -1.20 10.02 -15.27
CA SER A 5 -1.07 8.94 -14.29
C SER A 5 0.40 8.66 -13.99
N SER A 6 1.16 9.72 -13.72
CA SER A 6 2.58 9.59 -13.42
C SER A 6 2.82 9.63 -11.91
N GLY A 7 3.72 8.77 -11.45
CA GLY A 7 4.02 8.73 -10.02
C GLY A 7 3.13 7.77 -9.27
N LEU A 8 3.37 6.48 -9.42
CA LEU A 8 2.57 5.47 -8.74
C LEU A 8 3.15 5.13 -7.37
N ALA A 9 4.46 4.91 -7.33
CA ALA A 9 5.15 4.59 -6.08
C ALA A 9 4.91 5.68 -5.02
N GLU A 10 5.21 6.92 -5.39
CA GLU A 10 5.04 8.04 -4.48
C GLU A 10 3.80 7.85 -3.60
N LEU A 11 2.74 7.32 -4.20
CA LEU A 11 1.50 7.08 -3.48
C LEU A 11 1.63 5.88 -2.55
N PHE A 12 2.18 4.79 -3.07
CA PHE A 12 2.37 3.57 -2.28
C PHE A 12 2.95 3.90 -0.91
N GLU A 13 3.84 4.87 -0.86
CA GLU A 13 4.46 5.28 0.39
C GLU A 13 3.45 5.95 1.31
N LYS A 14 2.80 7.00 0.80
CA LYS A 14 1.81 7.75 1.56
C LYS A 14 0.69 6.82 2.04
N ALA A 15 0.07 6.12 1.10
CA ALA A 15 -1.01 5.19 1.43
C ALA A 15 -0.66 4.35 2.64
N ALA A 16 0.51 3.73 2.63
CA ALA A 16 0.96 2.90 3.73
C ALA A 16 0.78 3.61 5.07
N ALA A 17 1.16 4.89 5.10
CA ALA A 17 1.04 5.69 6.31
C ALA A 17 -0.42 5.83 6.73
N HIS A 18 -1.31 5.88 5.76
CA HIS A 18 -2.74 6.01 6.03
C HIS A 18 -3.31 4.73 6.62
N LEU A 19 -2.79 3.59 6.16
CA LEU A 19 -3.24 2.29 6.63
C LEU A 19 -3.45 2.30 8.14
N GLN A 20 -2.42 2.74 8.87
CA GLN A 20 -2.50 2.80 10.33
C GLN A 20 -3.75 3.54 10.78
N GLY A 21 -4.16 4.54 10.00
CA GLY A 21 -5.34 5.32 10.33
C GLY A 21 -6.62 4.66 9.85
N LEU A 22 -6.48 3.67 8.97
CA LEU A 22 -7.64 2.95 8.43
C LEU A 22 -7.73 1.56 9.02
N ILE A 23 -6.98 1.31 10.09
CA ILE A 23 -6.98 0.02 10.76
C ILE A 23 -8.35 -0.28 11.36
N GLN A 24 -9.06 0.77 11.77
CA GLN A 24 -10.38 0.62 12.36
C GLN A 24 -11.43 0.33 11.29
N VAL A 25 -11.11 0.69 10.04
CA VAL A 25 -12.02 0.47 8.93
C VAL A 25 -11.62 -0.74 8.11
N ALA A 26 -10.37 -1.18 8.29
CA ALA A 26 -9.85 -2.34 7.57
C ALA A 26 -10.06 -3.62 8.37
N SER A 27 -10.59 -4.64 7.70
CA SER A 27 -10.85 -5.92 8.34
C SER A 27 -9.60 -6.79 8.35
N ARG A 28 -9.50 -7.66 9.35
CA ARG A 28 -8.35 -8.55 9.47
C ARG A 28 -7.87 -9.00 8.10
N GLU A 29 -8.80 -9.40 7.25
CA GLU A 29 -8.47 -9.86 5.91
C GLU A 29 -7.86 -8.73 5.08
N GLN A 30 -8.44 -7.54 5.18
CA GLN A 30 -7.94 -6.39 4.45
C GLN A 30 -6.52 -6.06 4.84
N LEU A 31 -6.19 -6.25 6.12
CA LEU A 31 -4.85 -5.98 6.62
C LEU A 31 -3.81 -6.81 5.88
N LEU A 32 -4.09 -8.10 5.74
CA LEU A 32 -3.18 -9.01 5.05
C LEU A 32 -3.03 -8.63 3.58
N TYR A 33 -4.15 -8.45 2.90
CA TYR A 33 -4.16 -8.07 1.50
C TYR A 33 -3.09 -7.02 1.22
N LEU A 34 -3.02 -6.00 2.07
CA LEU A 34 -2.06 -4.93 1.92
C LEU A 34 -0.65 -5.42 2.23
N TYR A 35 -0.56 -6.43 3.08
CA TYR A 35 0.73 -7.00 3.46
C TYR A 35 1.34 -7.80 2.31
N ALA A 36 0.56 -8.76 1.80
CA ALA A 36 1.02 -9.60 0.70
C ALA A 36 1.72 -8.77 -0.37
N ARG A 37 0.96 -7.94 -1.07
CA ARG A 37 1.51 -7.08 -2.12
C ARG A 37 2.72 -6.30 -1.61
N TYR A 38 2.54 -5.63 -0.48
CA TYR A 38 3.61 -4.84 0.12
C TYR A 38 4.92 -5.64 0.16
N LYS A 39 4.79 -6.95 0.30
CA LYS A 39 5.96 -7.83 0.36
C LYS A 39 6.46 -8.15 -1.04
N GLN A 40 5.55 -8.17 -2.00
CA GLN A 40 5.90 -8.47 -3.39
C GLN A 40 6.57 -7.27 -4.05
N VAL A 41 6.25 -6.08 -3.57
CA VAL A 41 6.83 -4.85 -4.10
C VAL A 41 8.13 -4.51 -3.41
N LYS A 42 8.28 -4.97 -2.18
CA LYS A 42 9.50 -4.71 -1.41
C LYS A 42 10.49 -5.85 -1.56
N VAL A 43 10.03 -7.07 -1.33
CA VAL A 43 10.88 -8.25 -1.44
C VAL A 43 10.98 -8.71 -2.90
N GLY A 44 9.89 -9.24 -3.42
CA GLY A 44 9.87 -9.71 -4.79
C GLY A 44 9.29 -11.10 -4.92
N ASN A 45 10.09 -12.04 -5.41
CA ASN A 45 9.65 -13.42 -5.58
C ASN A 45 9.69 -14.17 -4.25
N CYS A 46 8.55 -14.74 -3.87
CA CYS A 46 8.45 -15.49 -2.62
C CYS A 46 9.52 -16.59 -2.56
N ASN A 47 10.70 -16.23 -2.10
CA ASN A 47 11.80 -17.17 -2.00
C ASN A 47 11.95 -17.69 -0.57
N THR A 48 10.82 -17.75 0.15
CA THR A 48 10.83 -18.22 1.52
C THR A 48 10.13 -19.58 1.65
N PRO A 49 10.58 -20.39 2.60
CA PRO A 49 10.01 -21.73 2.85
C PRO A 49 8.60 -21.65 3.44
N LYS A 50 7.82 -22.71 3.22
CA LYS A 50 6.45 -22.76 3.73
C LYS A 50 6.45 -22.85 5.26
N PRO A 51 5.68 -21.96 5.89
CA PRO A 51 5.56 -21.91 7.35
C PRO A 51 4.81 -23.11 7.91
N SER A 52 5.34 -23.68 9.00
CA SER A 52 4.72 -24.83 9.63
C SER A 52 3.22 -24.59 9.84
N PHE A 53 2.43 -25.66 9.66
CA PHE A 53 0.98 -25.55 9.83
C PHE A 53 0.64 -24.91 11.17
N PHE A 54 1.42 -25.23 12.20
CA PHE A 54 1.19 -24.68 13.53
C PHE A 54 1.23 -23.16 13.51
N ASP A 55 2.20 -22.62 12.78
CA ASP A 55 2.35 -21.16 12.67
C ASP A 55 1.32 -20.58 11.70
N PHE A 56 0.11 -20.34 12.21
CA PHE A 56 -0.96 -19.79 11.39
C PHE A 56 -0.69 -18.33 11.06
N GLU A 57 -0.55 -17.51 12.10
CA GLU A 57 -0.28 -16.08 11.91
C GLU A 57 0.63 -15.85 10.72
N GLY A 58 1.67 -16.69 10.60
CA GLY A 58 2.60 -16.55 9.49
C GLY A 58 2.14 -17.27 8.25
N LYS A 59 1.35 -18.32 8.43
CA LYS A 59 0.83 -19.10 7.32
C LYS A 59 0.12 -18.20 6.31
N GLN A 60 -1.00 -17.62 6.72
CA GLN A 60 -1.77 -16.74 5.86
C GLN A 60 -0.86 -15.84 5.04
N LYS A 61 0.01 -15.11 5.73
CA LYS A 61 0.94 -14.20 5.07
C LYS A 61 1.68 -14.91 3.94
N TRP A 62 2.48 -15.91 4.30
CA TRP A 62 3.24 -16.67 3.31
C TRP A 62 2.38 -16.98 2.08
N GLU A 63 1.17 -17.46 2.32
CA GLU A 63 0.26 -17.81 1.24
C GLU A 63 -0.07 -16.57 0.40
N ALA A 64 -0.85 -15.66 0.98
CA ALA A 64 -1.23 -14.44 0.28
C ALA A 64 -0.08 -13.90 -0.57
N TRP A 65 1.08 -13.75 0.05
CA TRP A 65 2.25 -13.24 -0.64
C TRP A 65 2.79 -14.27 -1.63
N LYS A 66 2.65 -15.55 -1.28
CA LYS A 66 3.13 -16.63 -2.13
C LYS A 66 2.41 -16.60 -3.48
N ALA A 67 1.10 -16.41 -3.44
CA ALA A 67 0.30 -16.37 -4.66
C ALA A 67 0.90 -15.40 -5.68
N LEU A 68 1.57 -14.37 -5.18
CA LEU A 68 2.20 -13.37 -6.04
C LEU A 68 3.55 -13.87 -6.56
N GLY A 69 3.54 -15.06 -7.15
CA GLY A 69 4.78 -15.62 -7.67
C GLY A 69 5.51 -14.66 -8.58
N ASP A 70 5.02 -14.50 -9.80
CA ASP A 70 5.63 -13.60 -10.77
C ASP A 70 4.82 -12.31 -10.92
N SER A 71 4.54 -11.68 -9.79
CA SER A 71 3.76 -10.43 -9.79
C SER A 71 4.69 -9.22 -9.83
N SER A 72 4.22 -8.15 -10.47
CA SER A 72 5.00 -6.93 -10.57
C SER A 72 4.77 -6.03 -9.37
N PRO A 73 5.73 -5.12 -9.11
CA PRO A 73 5.65 -4.18 -8.00
C PRO A 73 4.58 -3.13 -8.20
N SER A 74 4.59 -2.47 -9.36
CA SER A 74 3.61 -1.44 -9.67
C SER A 74 2.20 -2.01 -9.65
N GLN A 75 2.06 -3.26 -10.07
CA GLN A 75 0.76 -3.92 -10.09
C GLN A 75 0.25 -4.19 -8.68
N ALA A 76 1.18 -4.26 -7.73
CA ALA A 76 0.84 -4.51 -6.33
C ALA A 76 0.50 -3.21 -5.61
N MET A 77 1.07 -2.11 -6.09
CA MET A 77 0.84 -0.81 -5.48
C MET A 77 -0.49 -0.23 -5.95
N GLN A 78 -0.84 -0.48 -7.21
CA GLN A 78 -2.09 0.01 -7.78
C GLN A 78 -3.27 -0.37 -6.90
N GLU A 79 -3.40 -1.66 -6.60
CA GLU A 79 -4.49 -2.15 -5.77
C GLU A 79 -4.25 -1.81 -4.31
N TYR A 80 -3.00 -1.91 -3.87
CA TYR A 80 -2.64 -1.61 -2.48
C TYR A 80 -3.20 -0.26 -2.06
N ILE A 81 -3.27 0.67 -3.01
CA ILE A 81 -3.78 2.01 -2.73
C ILE A 81 -5.30 2.05 -2.83
N ALA A 82 -5.82 1.73 -4.01
CA ALA A 82 -7.26 1.73 -4.24
C ALA A 82 -8.01 1.32 -2.98
N VAL A 83 -7.70 0.13 -2.47
CA VAL A 83 -8.35 -0.39 -1.27
C VAL A 83 -8.44 0.70 -0.19
N VAL A 84 -7.30 1.25 0.18
CA VAL A 84 -7.26 2.30 1.20
C VAL A 84 -8.26 3.40 0.90
N LYS A 85 -8.61 3.54 -0.38
CA LYS A 85 -9.57 4.56 -0.80
C LYS A 85 -11.01 4.09 -0.56
N LYS A 86 -11.23 2.78 -0.71
CA LYS A 86 -12.56 2.20 -0.51
C LYS A 86 -12.98 2.31 0.95
N LEU A 87 -11.99 2.39 1.84
CA LEU A 87 -12.26 2.50 3.27
C LEU A 87 -12.37 3.96 3.69
N ASP A 88 -11.49 4.79 3.15
CA ASP A 88 -11.48 6.21 3.47
C ASP A 88 -11.40 7.05 2.20
N PRO A 89 -12.57 7.44 1.66
CA PRO A 89 -12.65 8.25 0.44
C PRO A 89 -12.17 9.68 0.66
N GLY A 90 -12.29 10.15 1.90
CA GLY A 90 -11.86 11.50 2.21
C GLY A 90 -10.36 11.60 2.41
N TRP A 91 -9.61 10.97 1.53
CA TRP A 91 -8.15 10.99 1.61
C TRP A 91 -7.54 11.69 0.39
N ASN A 92 -6.76 12.74 0.65
CA ASN A 92 -6.13 13.50 -0.42
C ASN A 92 -4.62 13.53 -0.24
N PRO A 93 -3.93 12.55 -0.84
CA PRO A 93 -2.47 12.43 -0.75
C PRO A 93 -1.76 13.54 -1.54
N GLN A 94 -2.41 14.02 -2.60
CA GLN A 94 -1.84 15.07 -3.43
C GLN A 94 -2.92 16.08 -3.84
N ILE A 95 -2.76 17.32 -3.37
CA ILE A 95 -3.72 18.37 -3.69
C ILE A 95 -3.12 19.38 -4.67
N PRO A 96 -3.89 19.71 -5.71
CA PRO A 96 -3.46 20.66 -6.75
C PRO A 96 -3.38 22.09 -6.22
N GLU A 97 -4.45 22.53 -5.56
CA GLU A 97 -4.51 23.88 -5.01
C GLU A 97 -3.26 24.18 -4.18
N LYS A 98 -3.09 25.45 -3.84
CA LYS A 98 -1.93 25.87 -3.05
C LYS A 98 -2.32 26.94 -2.04
N LYS A 99 -1.85 26.79 -0.80
CA LYS A 99 -2.16 27.74 0.26
C LYS A 99 -1.54 29.10 -0.04
N GLY A 100 -2.37 30.03 -0.52
CA GLY A 100 -1.88 31.36 -0.83
C GLY A 100 -1.91 31.65 -2.31
N LYS A 101 -3.11 31.73 -2.88
CA LYS A 101 -3.27 32.00 -4.30
C LYS A 101 -4.20 33.19 -4.52
N GLU A 102 -3.61 34.38 -4.62
CA GLU A 102 -4.39 35.59 -4.82
C GLU A 102 -5.60 35.33 -5.73
N ALA A 103 -5.34 34.73 -6.88
CA ALA A 103 -6.41 34.41 -7.83
C ALA A 103 -5.91 33.46 -8.91
N SER A 104 -6.77 32.53 -9.32
CA SER A 104 -6.42 31.56 -10.35
C SER A 104 -7.42 31.60 -11.51
N GLY A 105 -7.21 32.54 -12.42
CA GLY A 105 -8.10 32.67 -13.57
C GLY A 105 -7.40 32.39 -14.89
N PRO A 106 -7.97 32.90 -15.98
CA PRO A 106 -7.41 32.72 -17.32
C PRO A 106 -6.11 33.49 -17.52
N SER A 107 -5.66 34.16 -16.48
CA SER A 107 -4.43 34.95 -16.54
C SER A 107 -3.39 34.23 -17.38
N SER A 108 -2.50 35.01 -17.99
CA SER A 108 -1.44 34.45 -18.82
C SER A 108 -0.84 33.20 -18.19
N GLY A 109 -0.47 33.31 -16.92
CA GLY A 109 0.12 32.19 -16.21
C GLY A 109 -0.67 31.82 -14.97
N GLY A 1 -6.98 1.99 -13.85
CA GLY A 1 -6.16 3.13 -14.23
C GLY A 1 -6.98 4.40 -14.41
N SER A 2 -6.56 5.48 -13.76
CA SER A 2 -7.26 6.75 -13.86
C SER A 2 -6.40 7.79 -14.56
N SER A 3 -7.05 8.70 -15.27
CA SER A 3 -6.34 9.76 -16.00
C SER A 3 -5.70 10.74 -15.04
N GLY A 4 -4.77 11.55 -15.55
CA GLY A 4 -4.09 12.53 -14.73
C GLY A 4 -3.37 11.89 -13.54
N SER A 5 -2.63 10.82 -13.81
CA SER A 5 -1.89 10.11 -12.77
C SER A 5 -0.52 9.70 -13.26
N SER A 6 0.44 9.63 -12.34
CA SER A 6 1.80 9.25 -12.69
C SER A 6 2.67 9.15 -11.44
N GLY A 7 3.28 7.98 -11.24
CA GLY A 7 4.13 7.76 -10.09
C GLY A 7 3.47 6.89 -9.04
N LEU A 8 2.89 5.77 -9.48
CA LEU A 8 2.23 4.84 -8.58
C LEU A 8 3.02 4.66 -7.30
N ALA A 9 4.35 4.55 -7.44
CA ALA A 9 5.23 4.39 -6.29
C ALA A 9 4.98 5.46 -5.24
N GLU A 10 5.20 6.71 -5.61
CA GLU A 10 5.00 7.84 -4.71
C GLU A 10 3.81 7.59 -3.78
N LEU A 11 2.64 7.36 -4.38
CA LEU A 11 1.43 7.10 -3.60
C LEU A 11 1.64 5.96 -2.62
N PHE A 12 2.09 4.82 -3.13
CA PHE A 12 2.34 3.65 -2.29
C PHE A 12 2.98 4.06 -0.97
N GLU A 13 3.75 5.14 -1.01
CA GLU A 13 4.43 5.64 0.19
C GLU A 13 3.44 6.32 1.13
N LYS A 14 2.64 7.23 0.59
CA LYS A 14 1.65 7.95 1.38
C LYS A 14 0.55 7.01 1.86
N ALA A 15 -0.07 6.29 0.94
CA ALA A 15 -1.13 5.35 1.28
C ALA A 15 -0.75 4.50 2.49
N ALA A 16 0.45 3.92 2.43
CA ALA A 16 0.93 3.08 3.53
C ALA A 16 0.72 3.76 4.87
N ALA A 17 1.14 5.02 4.97
CA ALA A 17 0.99 5.78 6.21
C ALA A 17 -0.47 5.86 6.64
N HIS A 18 -1.37 5.88 5.66
CA HIS A 18 -2.80 5.95 5.94
C HIS A 18 -3.30 4.64 6.54
N LEU A 19 -2.72 3.52 6.09
CA LEU A 19 -3.11 2.21 6.58
C LEU A 19 -3.29 2.22 8.09
N GLN A 20 -2.27 2.68 8.81
CA GLN A 20 -2.33 2.75 10.27
C GLN A 20 -3.56 3.52 10.73
N GLY A 21 -3.99 4.49 9.91
CA GLY A 21 -5.15 5.28 10.27
C GLY A 21 -6.44 4.64 9.80
N LEU A 22 -6.34 3.65 8.94
CA LEU A 22 -7.51 2.95 8.41
C LEU A 22 -7.62 1.55 9.01
N ILE A 23 -6.93 1.33 10.12
CA ILE A 23 -6.95 0.03 10.79
C ILE A 23 -8.32 -0.25 11.38
N GLN A 24 -8.94 0.77 11.97
CA GLN A 24 -10.25 0.64 12.57
C GLN A 24 -11.31 0.35 11.52
N VAL A 25 -10.98 0.65 10.26
CA VAL A 25 -11.90 0.42 9.16
C VAL A 25 -11.47 -0.79 8.32
N ALA A 26 -10.19 -1.15 8.43
CA ALA A 26 -9.65 -2.28 7.69
C ALA A 26 -9.90 -3.59 8.44
N SER A 27 -10.52 -4.54 7.76
CA SER A 27 -10.82 -5.84 8.37
C SER A 27 -9.56 -6.70 8.43
N ARG A 28 -9.51 -7.57 9.44
CA ARG A 28 -8.36 -8.46 9.62
C ARG A 28 -7.84 -8.95 8.27
N GLU A 29 -8.76 -9.29 7.37
CA GLU A 29 -8.38 -9.79 6.05
C GLU A 29 -7.78 -8.67 5.21
N GLN A 30 -8.39 -7.48 5.29
CA GLN A 30 -7.91 -6.33 4.53
C GLN A 30 -6.47 -5.99 4.90
N LEU A 31 -6.10 -6.30 6.14
CA LEU A 31 -4.74 -6.03 6.62
C LEU A 31 -3.73 -6.92 5.91
N LEU A 32 -4.08 -8.19 5.73
CA LEU A 32 -3.20 -9.15 5.07
C LEU A 32 -3.07 -8.82 3.58
N TYR A 33 -4.18 -8.46 2.96
CA TYR A 33 -4.19 -8.12 1.54
C TYR A 33 -3.09 -7.12 1.21
N LEU A 34 -2.94 -6.12 2.07
CA LEU A 34 -1.93 -5.08 1.87
C LEU A 34 -0.56 -5.58 2.33
N TYR A 35 -0.55 -6.66 3.10
CA TYR A 35 0.70 -7.23 3.60
C TYR A 35 1.41 -8.02 2.52
N ALA A 36 0.65 -8.78 1.74
CA ALA A 36 1.21 -9.58 0.66
C ALA A 36 1.79 -8.70 -0.44
N ARG A 37 0.93 -7.91 -1.07
CA ARG A 37 1.36 -7.01 -2.14
C ARG A 37 2.54 -6.16 -1.69
N TYR A 38 2.43 -5.59 -0.50
CA TYR A 38 3.49 -4.74 0.04
C TYR A 38 4.80 -5.52 0.17
N LYS A 39 4.68 -6.77 0.58
CA LYS A 39 5.85 -7.63 0.75
C LYS A 39 6.40 -8.07 -0.60
N GLN A 40 5.63 -7.84 -1.65
CA GLN A 40 6.04 -8.21 -3.00
C GLN A 40 6.77 -7.06 -3.69
N VAL A 41 6.19 -5.87 -3.59
CA VAL A 41 6.79 -4.68 -4.20
C VAL A 41 8.12 -4.34 -3.54
N LYS A 42 8.32 -4.83 -2.33
CA LYS A 42 9.56 -4.58 -1.59
C LYS A 42 10.55 -5.73 -1.79
N VAL A 43 10.08 -6.95 -1.55
CA VAL A 43 10.92 -8.13 -1.71
C VAL A 43 10.82 -8.70 -3.11
N GLY A 44 9.61 -9.09 -3.50
CA GLY A 44 9.40 -9.66 -4.82
C GLY A 44 8.84 -11.06 -4.77
N ASN A 45 9.33 -11.93 -5.65
CA ASN A 45 8.87 -13.31 -5.70
C ASN A 45 9.18 -14.05 -4.40
N CYS A 46 8.13 -14.45 -3.69
CA CYS A 46 8.29 -15.17 -2.42
C CYS A 46 9.52 -16.08 -2.47
N ASN A 47 10.47 -15.85 -1.58
CA ASN A 47 11.68 -16.64 -1.52
C ASN A 47 11.83 -17.29 -0.14
N THR A 48 10.72 -17.73 0.44
CA THR A 48 10.73 -18.36 1.75
C THR A 48 9.96 -19.68 1.74
N PRO A 49 10.45 -20.66 2.51
CA PRO A 49 9.82 -21.98 2.59
C PRO A 49 8.48 -21.93 3.33
N LYS A 50 7.55 -22.80 2.93
CA LYS A 50 6.24 -22.86 3.55
C LYS A 50 6.36 -23.01 5.07
N PRO A 51 5.67 -22.12 5.81
CA PRO A 51 5.68 -22.14 7.27
C PRO A 51 4.94 -23.34 7.84
N SER A 52 5.25 -23.68 9.10
CA SER A 52 4.61 -24.81 9.75
C SER A 52 3.09 -24.71 9.68
N PHE A 53 2.42 -25.85 9.79
CA PHE A 53 0.97 -25.90 9.72
C PHE A 53 0.35 -25.27 10.97
N PHE A 54 1.14 -25.16 12.03
CA PHE A 54 0.68 -24.58 13.28
C PHE A 54 0.68 -23.06 13.20
N ASP A 55 1.84 -22.49 12.92
CA ASP A 55 1.98 -21.03 12.82
C ASP A 55 1.05 -20.48 11.75
N PHE A 56 -0.19 -20.18 12.15
CA PHE A 56 -1.18 -19.65 11.22
C PHE A 56 -0.80 -18.23 10.79
N GLU A 57 -0.63 -17.35 11.77
CA GLU A 57 -0.27 -15.97 11.49
C GLU A 57 0.70 -15.88 10.31
N GLY A 58 1.74 -16.72 10.35
CA GLY A 58 2.72 -16.72 9.28
C GLY A 58 2.22 -17.44 8.04
N LYS A 59 1.39 -18.46 8.24
CA LYS A 59 0.85 -19.23 7.13
C LYS A 59 0.09 -18.34 6.16
N GLN A 60 -1.03 -17.78 6.62
CA GLN A 60 -1.83 -16.90 5.80
C GLN A 60 -0.97 -15.90 5.04
N LYS A 61 -0.05 -15.27 5.75
CA LYS A 61 0.85 -14.29 5.15
C LYS A 61 1.68 -14.93 4.03
N TRP A 62 2.41 -15.98 4.37
CA TRP A 62 3.25 -16.69 3.40
C TRP A 62 2.48 -16.91 2.10
N GLU A 63 1.29 -17.48 2.21
CA GLU A 63 0.46 -17.76 1.03
C GLU A 63 0.16 -16.47 0.27
N ALA A 64 -0.61 -15.58 0.91
CA ALA A 64 -0.97 -14.31 0.29
C ALA A 64 0.19 -13.76 -0.54
N TRP A 65 1.35 -13.64 0.08
CA TRP A 65 2.53 -13.12 -0.61
C TRP A 65 3.07 -14.12 -1.61
N LYS A 66 2.89 -15.41 -1.32
CA LYS A 66 3.35 -16.47 -2.20
C LYS A 66 2.64 -16.41 -3.54
N ALA A 67 1.32 -16.28 -3.51
CA ALA A 67 0.53 -16.21 -4.74
C ALA A 67 1.16 -15.25 -5.74
N LEU A 68 1.82 -14.22 -5.23
CA LEU A 68 2.48 -13.23 -6.09
C LEU A 68 3.87 -13.70 -6.51
N GLY A 69 3.93 -14.94 -7.00
CA GLY A 69 5.20 -15.49 -7.45
C GLY A 69 5.94 -14.57 -8.40
N ASP A 70 5.45 -14.51 -9.64
CA ASP A 70 6.06 -13.66 -10.66
C ASP A 70 5.21 -12.43 -10.93
N SER A 71 4.84 -11.72 -9.87
CA SER A 71 4.01 -10.52 -10.00
C SER A 71 4.87 -9.26 -9.94
N SER A 72 4.42 -8.21 -10.63
CA SER A 72 5.15 -6.96 -10.67
C SER A 72 4.88 -6.14 -9.41
N PRO A 73 5.80 -5.21 -9.10
CA PRO A 73 5.68 -4.35 -7.92
C PRO A 73 4.56 -3.32 -8.08
N SER A 74 4.56 -2.61 -9.19
CA SER A 74 3.55 -1.59 -9.45
C SER A 74 2.14 -2.20 -9.42
N GLN A 75 2.00 -3.35 -10.06
CA GLN A 75 0.71 -4.03 -10.11
C GLN A 75 0.22 -4.37 -8.70
N ALA A 76 1.15 -4.45 -7.76
CA ALA A 76 0.82 -4.76 -6.38
C ALA A 76 0.46 -3.49 -5.60
N MET A 77 1.01 -2.36 -6.03
CA MET A 77 0.75 -1.08 -5.38
C MET A 77 -0.58 -0.51 -5.83
N GLN A 78 -1.02 -0.89 -7.03
CA GLN A 78 -2.28 -0.41 -7.57
C GLN A 78 -3.45 -0.80 -6.67
N GLU A 79 -3.46 -2.06 -6.25
CA GLU A 79 -4.53 -2.56 -5.38
C GLU A 79 -4.29 -2.13 -3.93
N TYR A 80 -3.05 -2.21 -3.49
CA TYR A 80 -2.69 -1.83 -2.12
C TYR A 80 -3.20 -0.43 -1.80
N ILE A 81 -3.21 0.43 -2.80
CA ILE A 81 -3.67 1.80 -2.62
C ILE A 81 -5.18 1.90 -2.77
N ALA A 82 -5.67 1.59 -3.96
CA ALA A 82 -7.12 1.63 -4.23
C ALA A 82 -7.91 1.26 -2.99
N VAL A 83 -7.65 0.08 -2.44
CA VAL A 83 -8.35 -0.39 -1.25
C VAL A 83 -8.45 0.72 -0.21
N VAL A 84 -7.30 1.25 0.20
CA VAL A 84 -7.27 2.32 1.20
C VAL A 84 -8.23 3.44 0.84
N LYS A 85 -8.54 3.54 -0.45
CA LYS A 85 -9.45 4.58 -0.93
C LYS A 85 -10.90 4.20 -0.64
N LYS A 86 -11.21 2.92 -0.75
CA LYS A 86 -12.55 2.43 -0.49
C LYS A 86 -12.92 2.58 0.98
N LEU A 87 -11.91 2.53 1.84
CA LEU A 87 -12.13 2.66 3.27
C LEU A 87 -12.25 4.12 3.68
N ASP A 88 -11.39 4.96 3.12
CA ASP A 88 -11.40 6.39 3.42
C ASP A 88 -11.35 7.21 2.13
N PRO A 89 -12.53 7.65 1.67
CA PRO A 89 -12.64 8.45 0.45
C PRO A 89 -12.08 9.86 0.62
N GLY A 90 -11.94 10.28 1.87
CA GLY A 90 -11.40 11.61 2.15
C GLY A 90 -9.89 11.63 2.17
N TRP A 91 -9.27 10.93 1.22
CA TRP A 91 -7.82 10.87 1.14
C TRP A 91 -7.32 11.40 -0.19
N ASN A 92 -6.43 12.38 -0.14
CA ASN A 92 -5.88 12.98 -1.35
C ASN A 92 -4.37 13.15 -1.24
N PRO A 93 -3.62 12.12 -1.67
CA PRO A 93 -2.16 12.13 -1.62
C PRO A 93 -1.55 13.12 -2.62
N GLN A 94 -2.31 13.42 -3.67
CA GLN A 94 -1.84 14.36 -4.70
C GLN A 94 -3.00 15.22 -5.21
N ILE A 95 -2.90 16.53 -4.97
CA ILE A 95 -3.93 17.46 -5.42
C ILE A 95 -3.45 18.29 -6.59
N PRO A 96 -4.24 18.30 -7.69
CA PRO A 96 -3.92 19.05 -8.90
C PRO A 96 -4.03 20.56 -8.69
N GLU A 97 -5.12 20.98 -8.06
CA GLU A 97 -5.35 22.40 -7.80
C GLU A 97 -4.13 23.03 -7.13
N LYS A 98 -4.00 24.34 -7.26
CA LYS A 98 -2.90 25.08 -6.66
C LYS A 98 -3.39 26.04 -5.58
N LYS A 99 -2.45 26.55 -4.78
CA LYS A 99 -2.79 27.48 -3.73
C LYS A 99 -2.84 28.91 -4.25
N GLY A 100 -3.32 29.07 -5.48
CA GLY A 100 -3.41 30.39 -6.08
C GLY A 100 -4.76 31.03 -5.83
N LYS A 101 -4.76 32.14 -5.11
CA LYS A 101 -5.99 32.87 -4.80
C LYS A 101 -6.63 33.42 -6.07
N GLU A 102 -7.78 32.86 -6.44
CA GLU A 102 -8.49 33.30 -7.64
C GLU A 102 -7.52 33.48 -8.81
N ALA A 103 -6.60 32.53 -8.96
CA ALA A 103 -5.62 32.59 -10.03
C ALA A 103 -6.24 32.16 -11.36
N SER A 104 -6.75 33.13 -12.11
CA SER A 104 -7.37 32.85 -13.40
C SER A 104 -6.88 33.84 -14.47
N GLY A 105 -6.70 33.33 -15.68
CA GLY A 105 -6.24 34.18 -16.77
C GLY A 105 -6.37 33.51 -18.12
N PRO A 106 -7.62 33.34 -18.59
CA PRO A 106 -7.90 32.71 -19.88
C PRO A 106 -7.47 33.57 -21.05
N SER A 107 -6.24 33.37 -21.52
CA SER A 107 -5.72 34.13 -22.64
C SER A 107 -5.74 35.64 -22.34
N SER A 108 -5.36 35.99 -21.11
CA SER A 108 -5.34 37.39 -20.70
C SER A 108 -3.91 37.87 -20.46
N GLY A 109 -3.37 38.60 -21.42
CA GLY A 109 -2.01 39.11 -21.29
C GLY A 109 -1.97 40.53 -20.77
N GLY A 1 -5.56 19.55 -16.02
CA GLY A 1 -4.86 18.59 -16.86
C GLY A 1 -3.50 18.22 -16.30
N SER A 2 -3.30 16.94 -15.98
CA SER A 2 -2.04 16.47 -15.43
C SER A 2 -0.87 16.95 -16.27
N SER A 3 0.34 16.74 -15.77
CA SER A 3 1.55 17.15 -16.48
C SER A 3 2.50 15.98 -16.66
N GLY A 4 2.66 15.53 -17.91
CA GLY A 4 3.54 14.42 -18.19
C GLY A 4 3.01 13.11 -17.64
N SER A 5 3.76 12.52 -16.71
CA SER A 5 3.37 11.26 -16.10
C SER A 5 3.06 11.44 -14.62
N SER A 6 2.54 10.39 -13.99
CA SER A 6 2.20 10.43 -12.58
C SER A 6 2.96 9.36 -11.81
N GLY A 7 3.55 9.75 -10.68
CA GLY A 7 4.30 8.81 -9.87
C GLY A 7 3.40 7.85 -9.11
N LEU A 8 3.69 6.56 -9.21
CA LEU A 8 2.90 5.54 -8.52
C LEU A 8 3.49 5.22 -7.15
N ALA A 9 4.81 5.03 -7.11
CA ALA A 9 5.50 4.72 -5.86
C ALA A 9 5.19 5.77 -4.80
N GLU A 10 5.22 7.04 -5.19
CA GLU A 10 4.95 8.13 -4.27
C GLU A 10 3.70 7.84 -3.43
N LEU A 11 2.67 7.32 -4.07
CA LEU A 11 1.42 7.00 -3.39
C LEU A 11 1.61 5.82 -2.43
N PHE A 12 2.24 4.76 -2.92
CA PHE A 12 2.49 3.58 -2.12
C PHE A 12 2.99 3.96 -0.72
N GLU A 13 3.85 4.98 -0.67
CA GLU A 13 4.40 5.43 0.59
C GLU A 13 3.34 6.11 1.44
N LYS A 14 2.70 7.13 0.88
CA LYS A 14 1.65 7.86 1.58
C LYS A 14 0.57 6.90 2.09
N ALA A 15 -0.01 6.14 1.18
CA ALA A 15 -1.06 5.18 1.54
C ALA A 15 -0.68 4.40 2.78
N ALA A 16 0.56 3.93 2.82
CA ALA A 16 1.05 3.16 3.97
C ALA A 16 0.77 3.89 5.27
N ALA A 17 1.08 5.18 5.30
CA ALA A 17 0.87 5.99 6.49
C ALA A 17 -0.61 6.05 6.85
N HIS A 18 -1.47 6.00 5.84
CA HIS A 18 -2.92 6.05 6.06
C HIS A 18 -3.42 4.72 6.62
N LEU A 19 -2.77 3.63 6.23
CA LEU A 19 -3.16 2.30 6.69
C LEU A 19 -3.42 2.30 8.20
N GLN A 20 -2.46 2.82 8.96
CA GLN A 20 -2.59 2.89 10.41
C GLN A 20 -3.87 3.62 10.81
N GLY A 21 -4.33 4.52 9.95
CA GLY A 21 -5.54 5.27 10.23
C GLY A 21 -6.79 4.54 9.77
N LEU A 22 -6.61 3.53 8.92
CA LEU A 22 -7.73 2.76 8.40
C LEU A 22 -7.77 1.37 9.03
N ILE A 23 -7.12 1.22 10.17
CA ILE A 23 -7.08 -0.05 10.88
C ILE A 23 -8.45 -0.41 11.43
N GLN A 24 -9.19 0.61 11.87
CA GLN A 24 -10.52 0.41 12.43
C GLN A 24 -11.54 0.13 11.33
N VAL A 25 -11.18 0.51 10.11
CA VAL A 25 -12.06 0.30 8.95
C VAL A 25 -11.60 -0.88 8.12
N ALA A 26 -10.35 -1.29 8.31
CA ALA A 26 -9.79 -2.41 7.56
C ALA A 26 -10.05 -3.73 8.28
N SER A 27 -10.64 -4.67 7.56
CA SER A 27 -10.96 -5.98 8.12
C SER A 27 -9.70 -6.82 8.28
N ARG A 28 -9.69 -7.68 9.30
CA ARG A 28 -8.54 -8.55 9.55
C ARG A 28 -7.94 -9.05 8.24
N GLU A 29 -8.79 -9.30 7.25
CA GLU A 29 -8.34 -9.79 5.95
C GLU A 29 -7.67 -8.67 5.16
N GLN A 30 -8.28 -7.48 5.18
CA GLN A 30 -7.75 -6.33 4.46
C GLN A 30 -6.35 -5.99 4.96
N LEU A 31 -6.10 -6.22 6.25
CA LEU A 31 -4.80 -5.93 6.85
C LEU A 31 -3.71 -6.77 6.19
N LEU A 32 -4.04 -8.01 5.85
CA LEU A 32 -3.09 -8.91 5.21
C LEU A 32 -2.90 -8.56 3.74
N TYR A 33 -4.02 -8.46 3.02
CA TYR A 33 -3.98 -8.13 1.60
C TYR A 33 -2.89 -7.11 1.31
N LEU A 34 -2.90 -6.01 2.03
CA LEU A 34 -1.92 -4.95 1.86
C LEU A 34 -0.51 -5.48 2.07
N TYR A 35 -0.36 -6.40 3.03
CA TYR A 35 0.93 -6.99 3.33
C TYR A 35 1.44 -7.82 2.17
N ALA A 36 0.61 -8.75 1.71
CA ALA A 36 0.97 -9.63 0.60
C ALA A 36 1.71 -8.85 -0.49
N ARG A 37 0.97 -7.99 -1.20
CA ARG A 37 1.55 -7.20 -2.27
C ARG A 37 2.67 -6.31 -1.74
N TYR A 38 2.40 -5.61 -0.64
CA TYR A 38 3.39 -4.73 -0.03
C TYR A 38 4.73 -5.42 0.10
N LYS A 39 4.70 -6.72 0.32
CA LYS A 39 5.92 -7.51 0.46
C LYS A 39 6.48 -7.89 -0.90
N GLN A 40 5.59 -8.08 -1.87
CA GLN A 40 6.00 -8.44 -3.23
C GLN A 40 6.71 -7.28 -3.92
N VAL A 41 6.31 -6.06 -3.56
CA VAL A 41 6.91 -4.87 -4.15
C VAL A 41 8.28 -4.58 -3.55
N LYS A 42 8.51 -5.10 -2.35
CA LYS A 42 9.78 -4.90 -1.66
C LYS A 42 10.74 -6.05 -1.95
N VAL A 43 10.26 -7.27 -1.76
CA VAL A 43 11.07 -8.46 -2.00
C VAL A 43 10.91 -8.95 -3.44
N GLY A 44 9.74 -9.49 -3.75
CA GLY A 44 9.48 -10.00 -5.08
C GLY A 44 9.06 -11.45 -5.09
N ASN A 45 9.78 -12.27 -5.85
CA ASN A 45 9.48 -13.69 -5.95
C ASN A 45 9.64 -14.37 -4.59
N CYS A 46 8.53 -14.83 -4.03
CA CYS A 46 8.56 -15.50 -2.73
C CYS A 46 9.66 -16.55 -2.68
N ASN A 47 10.81 -16.16 -2.13
CA ASN A 47 11.95 -17.06 -2.02
C ASN A 47 12.12 -17.55 -0.59
N THR A 48 11.00 -17.80 0.09
CA THR A 48 11.02 -18.27 1.47
C THR A 48 10.28 -19.60 1.60
N PRO A 49 10.71 -20.40 2.58
CA PRO A 49 10.10 -21.72 2.83
C PRO A 49 8.71 -21.60 3.41
N LYS A 50 7.88 -22.60 3.15
CA LYS A 50 6.50 -22.62 3.65
C LYS A 50 6.48 -22.69 5.18
N PRO A 51 5.62 -21.85 5.79
CA PRO A 51 5.47 -21.81 7.25
C PRO A 51 4.82 -23.07 7.81
N SER A 52 5.17 -23.40 9.04
CA SER A 52 4.61 -24.59 9.69
C SER A 52 3.11 -24.42 9.92
N PHE A 53 2.41 -25.55 10.03
CA PHE A 53 0.97 -25.54 10.25
C PHE A 53 0.61 -24.75 11.50
N PHE A 54 1.32 -25.03 12.60
CA PHE A 54 1.07 -24.36 13.86
C PHE A 54 1.07 -22.84 13.67
N ASP A 55 2.10 -22.33 13.00
CA ASP A 55 2.22 -20.90 12.75
C ASP A 55 1.16 -20.43 11.77
N PHE A 56 -0.08 -20.31 12.25
CA PHE A 56 -1.19 -19.87 11.42
C PHE A 56 -0.97 -18.44 10.92
N GLU A 57 -0.74 -17.53 11.88
CA GLU A 57 -0.53 -16.13 11.55
C GLU A 57 0.38 -15.99 10.33
N GLY A 58 1.58 -16.57 10.43
CA GLY A 58 2.53 -16.50 9.34
C GLY A 58 2.08 -17.28 8.12
N LYS A 59 1.29 -18.32 8.36
CA LYS A 59 0.79 -19.17 7.28
C LYS A 59 0.04 -18.33 6.24
N GLN A 60 -1.00 -17.64 6.69
CA GLN A 60 -1.80 -16.80 5.79
C GLN A 60 -0.91 -15.81 5.04
N LYS A 61 -0.02 -15.13 5.78
CA LYS A 61 0.88 -14.17 5.18
C LYS A 61 1.67 -14.78 4.03
N TRP A 62 2.44 -15.83 4.34
CA TRP A 62 3.25 -16.51 3.33
C TRP A 62 2.41 -16.87 2.12
N GLU A 63 1.19 -17.35 2.37
CA GLU A 63 0.28 -17.73 1.29
C GLU A 63 -0.02 -16.54 0.40
N ALA A 64 -0.73 -15.55 0.95
CA ALA A 64 -1.10 -14.36 0.19
C ALA A 64 0.07 -13.89 -0.67
N TRP A 65 1.23 -13.69 -0.04
CA TRP A 65 2.41 -13.24 -0.76
C TRP A 65 2.92 -14.30 -1.72
N LYS A 66 2.77 -15.57 -1.32
CA LYS A 66 3.21 -16.68 -2.15
C LYS A 66 2.48 -16.69 -3.49
N ALA A 67 1.18 -16.37 -3.46
CA ALA A 67 0.37 -16.34 -4.66
C ALA A 67 0.94 -15.35 -5.68
N LEU A 68 1.63 -14.32 -5.18
CA LEU A 68 2.23 -13.32 -6.05
C LEU A 68 3.62 -13.73 -6.49
N GLY A 69 3.73 -14.92 -7.07
CA GLY A 69 5.02 -15.41 -7.53
C GLY A 69 5.45 -14.77 -8.83
N ASP A 70 4.49 -14.56 -9.73
CA ASP A 70 4.79 -13.95 -11.02
C ASP A 70 4.13 -12.58 -11.15
N SER A 71 4.07 -11.86 -10.02
CA SER A 71 3.46 -10.54 -10.01
C SER A 71 4.52 -9.45 -10.18
N SER A 72 4.08 -8.20 -10.16
CA SER A 72 4.99 -7.07 -10.31
C SER A 72 4.83 -6.08 -9.16
N PRO A 73 5.84 -5.23 -8.97
CA PRO A 73 5.84 -4.22 -7.90
C PRO A 73 4.83 -3.11 -8.15
N SER A 74 4.87 -2.53 -9.35
CA SER A 74 3.96 -1.46 -9.71
C SER A 74 2.51 -1.95 -9.70
N GLN A 75 2.31 -3.19 -10.16
CA GLN A 75 0.97 -3.78 -10.20
C GLN A 75 0.47 -4.09 -8.80
N ALA A 76 1.40 -4.23 -7.86
CA ALA A 76 1.05 -4.52 -6.47
C ALA A 76 0.64 -3.26 -5.73
N MET A 77 1.19 -2.13 -6.15
CA MET A 77 0.90 -0.84 -5.52
C MET A 77 -0.49 -0.35 -5.92
N GLN A 78 -0.85 -0.59 -7.18
CA GLN A 78 -2.14 -0.17 -7.69
C GLN A 78 -3.27 -0.66 -6.80
N GLU A 79 -3.19 -1.93 -6.39
CA GLU A 79 -4.21 -2.53 -5.54
C GLU A 79 -3.99 -2.15 -4.08
N TYR A 80 -2.72 -2.06 -3.68
CA TYR A 80 -2.38 -1.70 -2.31
C TYR A 80 -2.90 -0.31 -1.96
N ILE A 81 -3.01 0.54 -2.97
CA ILE A 81 -3.50 1.90 -2.76
C ILE A 81 -5.02 1.96 -2.88
N ALA A 82 -5.52 1.69 -4.08
CA ALA A 82 -6.96 1.71 -4.31
C ALA A 82 -7.73 1.27 -3.08
N VAL A 83 -7.45 0.06 -2.60
CA VAL A 83 -8.11 -0.47 -1.41
C VAL A 83 -8.33 0.62 -0.37
N VAL A 84 -7.23 1.21 0.10
CA VAL A 84 -7.31 2.27 1.10
C VAL A 84 -8.32 3.34 0.70
N LYS A 85 -8.47 3.54 -0.61
CA LYS A 85 -9.41 4.53 -1.12
C LYS A 85 -10.85 4.12 -0.83
N LYS A 86 -11.10 2.81 -0.86
CA LYS A 86 -12.42 2.28 -0.60
C LYS A 86 -12.80 2.43 0.87
N LEU A 87 -11.82 2.24 1.75
CA LEU A 87 -12.04 2.36 3.18
C LEU A 87 -12.35 3.80 3.57
N ASP A 88 -11.49 4.71 3.13
CA ASP A 88 -11.67 6.13 3.44
C ASP A 88 -11.87 6.94 2.16
N PRO A 89 -13.14 7.18 1.80
CA PRO A 89 -13.49 7.94 0.60
C PRO A 89 -13.13 9.42 0.72
N GLY A 90 -12.55 9.79 1.86
CA GLY A 90 -12.17 11.18 2.07
C GLY A 90 -10.67 11.38 2.04
N TRP A 91 -9.95 10.45 1.40
CA TRP A 91 -8.51 10.53 1.30
C TRP A 91 -8.09 11.33 0.07
N ASN A 92 -7.16 12.26 0.25
CA ASN A 92 -6.68 13.09 -0.84
C ASN A 92 -5.16 13.18 -0.83
N PRO A 93 -4.50 12.18 -1.44
CA PRO A 93 -3.03 12.13 -1.51
C PRO A 93 -2.45 13.20 -2.43
N GLN A 94 -3.04 13.33 -3.61
CA GLN A 94 -2.58 14.33 -4.58
C GLN A 94 -3.76 15.08 -5.19
N ILE A 95 -4.36 15.95 -4.40
CA ILE A 95 -5.50 16.74 -4.86
C ILE A 95 -5.35 18.21 -4.49
N PRO A 96 -5.39 19.09 -5.51
CA PRO A 96 -5.26 20.53 -5.31
C PRO A 96 -6.46 21.14 -4.60
N GLU A 97 -7.62 20.52 -4.80
CA GLU A 97 -8.86 21.00 -4.20
C GLU A 97 -8.76 20.97 -2.67
N LYS A 98 -9.50 21.87 -2.02
CA LYS A 98 -9.50 21.93 -0.57
C LYS A 98 -10.67 21.16 0.01
N LYS A 99 -10.45 19.87 0.31
CA LYS A 99 -11.49 19.03 0.87
C LYS A 99 -10.94 17.65 1.21
N GLY A 100 -11.28 17.16 2.40
CA GLY A 100 -10.82 15.85 2.83
C GLY A 100 -10.00 15.92 4.11
N LYS A 101 -8.68 15.83 3.97
CA LYS A 101 -7.78 15.89 5.12
C LYS A 101 -6.41 16.43 4.72
N GLU A 102 -5.92 17.41 5.48
CA GLU A 102 -4.63 18.01 5.20
C GLU A 102 -4.18 18.92 6.34
N ALA A 103 -2.88 19.09 6.49
CA ALA A 103 -2.33 19.93 7.55
C ALA A 103 -2.60 21.41 7.26
N SER A 104 -2.99 22.14 8.30
CA SER A 104 -3.28 23.56 8.15
C SER A 104 -1.99 24.37 8.06
N GLY A 105 -1.94 25.27 7.07
CA GLY A 105 -0.76 26.10 6.90
C GLY A 105 -1.08 27.41 6.18
N PRO A 106 -1.15 28.50 6.95
CA PRO A 106 -1.45 29.84 6.41
C PRO A 106 -0.29 30.38 5.56
N SER A 107 0.75 29.57 5.41
CA SER A 107 1.92 29.99 4.63
C SER A 107 1.50 30.85 3.45
N SER A 108 2.24 31.93 3.23
CA SER A 108 1.95 32.84 2.12
C SER A 108 3.23 33.48 1.58
N GLY A 109 3.12 34.17 0.46
CA GLY A 109 4.27 34.82 -0.14
C GLY A 109 4.14 34.96 -1.64
N GLY A 1 0.04 8.77 -18.68
CA GLY A 1 -0.71 9.96 -18.36
C GLY A 1 0.16 11.20 -18.28
N SER A 2 -0.38 12.28 -17.72
CA SER A 2 0.35 13.53 -17.60
C SER A 2 0.48 13.94 -16.13
N SER A 3 -0.65 14.00 -15.45
CA SER A 3 -0.68 14.38 -14.04
C SER A 3 -0.06 13.30 -13.17
N GLY A 4 1.13 13.57 -12.64
CA GLY A 4 1.80 12.60 -11.79
C GLY A 4 2.54 11.55 -12.59
N SER A 5 3.31 12.00 -13.58
CA SER A 5 4.08 11.09 -14.43
C SER A 5 4.79 10.03 -13.59
N SER A 6 4.59 8.76 -13.95
CA SER A 6 5.19 7.66 -13.22
C SER A 6 5.22 7.93 -11.72
N GLY A 7 4.12 8.48 -11.21
CA GLY A 7 4.03 8.79 -9.80
C GLY A 7 3.25 7.74 -9.03
N LEU A 8 3.60 6.47 -9.23
CA LEU A 8 2.92 5.38 -8.55
C LEU A 8 3.50 5.15 -7.16
N ALA A 9 4.82 5.01 -7.09
CA ALA A 9 5.50 4.79 -5.83
C ALA A 9 5.12 5.87 -4.81
N GLU A 10 5.32 7.13 -5.17
CA GLU A 10 4.99 8.24 -4.29
C GLU A 10 3.73 7.93 -3.47
N LEU A 11 2.67 7.51 -4.15
CA LEU A 11 1.42 7.19 -3.48
C LEU A 11 1.59 6.02 -2.53
N PHE A 12 2.10 4.90 -3.06
CA PHE A 12 2.32 3.70 -2.26
C PHE A 12 2.96 4.06 -0.92
N GLU A 13 3.87 5.03 -0.95
CA GLU A 13 4.56 5.45 0.26
C GLU A 13 3.59 6.08 1.25
N LYS A 14 2.83 7.07 0.79
CA LYS A 14 1.85 7.75 1.64
C LYS A 14 0.80 6.77 2.14
N ALA A 15 0.14 6.10 1.22
CA ALA A 15 -0.89 5.13 1.57
C ALA A 15 -0.49 4.33 2.80
N ALA A 16 0.70 3.76 2.77
CA ALA A 16 1.21 2.97 3.88
C ALA A 16 0.98 3.68 5.21
N ALA A 17 1.29 4.97 5.25
CA ALA A 17 1.12 5.77 6.45
C ALA A 17 -0.35 5.86 6.84
N HIS A 18 -1.23 5.71 5.85
CA HIS A 18 -2.67 5.79 6.09
C HIS A 18 -3.20 4.47 6.64
N LEU A 19 -2.59 3.36 6.22
CA LEU A 19 -3.00 2.04 6.68
C LEU A 19 -3.22 2.04 8.19
N GLN A 20 -2.28 2.62 8.92
CA GLN A 20 -2.38 2.68 10.38
C GLN A 20 -3.60 3.48 10.81
N GLY A 21 -3.99 4.44 9.98
CA GLY A 21 -5.15 5.27 10.31
C GLY A 21 -6.45 4.66 9.80
N LEU A 22 -6.33 3.60 9.00
CA LEU A 22 -7.50 2.94 8.43
C LEU A 22 -7.67 1.54 9.03
N ILE A 23 -6.94 1.28 10.11
CA ILE A 23 -7.00 -0.02 10.77
C ILE A 23 -8.39 -0.28 11.33
N GLN A 24 -9.03 0.78 11.81
CA GLN A 24 -10.38 0.67 12.38
C GLN A 24 -11.41 0.38 11.29
N VAL A 25 -11.06 0.70 10.05
CA VAL A 25 -11.95 0.48 8.92
C VAL A 25 -11.50 -0.73 8.09
N ALA A 26 -10.25 -1.13 8.26
CA ALA A 26 -9.70 -2.27 7.54
C ALA A 26 -10.04 -3.57 8.25
N SER A 27 -10.64 -4.50 7.52
CA SER A 27 -11.02 -5.79 8.07
C SER A 27 -9.82 -6.73 8.13
N ARG A 28 -9.89 -7.72 9.02
CA ARG A 28 -8.81 -8.68 9.18
C ARG A 28 -8.14 -8.98 7.84
N GLU A 29 -8.95 -9.32 6.84
CA GLU A 29 -8.42 -9.62 5.51
C GLU A 29 -7.58 -8.46 4.98
N GLN A 30 -8.20 -7.30 4.85
CA GLN A 30 -7.51 -6.11 4.35
C GLN A 30 -6.09 -6.05 4.91
N LEU A 31 -5.97 -6.07 6.23
CA LEU A 31 -4.68 -6.01 6.89
C LEU A 31 -3.67 -6.92 6.19
N LEU A 32 -4.13 -8.09 5.77
CA LEU A 32 -3.26 -9.05 5.09
C LEU A 32 -3.14 -8.71 3.60
N TYR A 33 -4.28 -8.53 2.94
CA TYR A 33 -4.29 -8.21 1.52
C TYR A 33 -3.20 -7.20 1.19
N LEU A 34 -2.98 -6.25 2.08
CA LEU A 34 -1.97 -5.22 1.89
C LEU A 34 -0.57 -5.79 2.12
N TYR A 35 -0.46 -6.73 3.06
CA TYR A 35 0.81 -7.35 3.39
C TYR A 35 1.35 -8.13 2.19
N ALA A 36 0.48 -8.88 1.53
CA ALA A 36 0.88 -9.67 0.37
C ALA A 36 1.52 -8.79 -0.70
N ARG A 37 0.74 -7.86 -1.24
CA ARG A 37 1.23 -6.96 -2.27
C ARG A 37 2.42 -6.14 -1.76
N TYR A 38 2.25 -5.52 -0.60
CA TYR A 38 3.30 -4.71 -0.01
C TYR A 38 4.61 -5.48 0.06
N LYS A 39 4.53 -6.74 0.47
CA LYS A 39 5.70 -7.59 0.59
C LYS A 39 6.20 -8.01 -0.80
N GLN A 40 5.31 -7.92 -1.78
CA GLN A 40 5.66 -8.30 -3.15
C GLN A 40 6.41 -7.17 -3.85
N VAL A 41 6.07 -5.93 -3.51
CA VAL A 41 6.71 -4.76 -4.11
C VAL A 41 8.08 -4.52 -3.50
N LYS A 42 8.27 -4.98 -2.27
CA LYS A 42 9.54 -4.82 -1.58
C LYS A 42 10.48 -5.98 -1.88
N VAL A 43 9.98 -7.20 -1.75
CA VAL A 43 10.77 -8.39 -2.01
C VAL A 43 10.65 -8.81 -3.48
N GLY A 44 9.44 -9.23 -3.86
CA GLY A 44 9.21 -9.66 -5.23
C GLY A 44 8.83 -11.12 -5.32
N ASN A 45 9.66 -11.91 -5.98
CA ASN A 45 9.40 -13.33 -6.14
C ASN A 45 9.61 -14.08 -4.83
N CYS A 46 8.52 -14.45 -4.18
CA CYS A 46 8.58 -15.17 -2.91
C CYS A 46 9.73 -16.17 -2.92
N ASN A 47 10.74 -15.92 -2.09
CA ASN A 47 11.90 -16.81 -2.00
C ASN A 47 12.11 -17.27 -0.57
N THR A 48 11.02 -17.50 0.14
CA THR A 48 11.09 -17.95 1.53
C THR A 48 10.47 -19.33 1.68
N PRO A 49 10.97 -20.10 2.67
CA PRO A 49 10.48 -21.45 2.95
C PRO A 49 9.07 -21.45 3.54
N LYS A 50 8.28 -22.44 3.16
CA LYS A 50 6.90 -22.55 3.65
C LYS A 50 6.87 -22.58 5.17
N PRO A 51 5.94 -21.82 5.76
CA PRO A 51 5.79 -21.75 7.22
C PRO A 51 5.24 -23.04 7.82
N SER A 52 5.16 -23.09 9.13
CA SER A 52 4.66 -24.28 9.83
C SER A 52 3.14 -24.38 9.71
N PHE A 53 2.61 -25.56 10.00
CA PHE A 53 1.17 -25.80 9.93
C PHE A 53 0.48 -25.25 11.17
N PHE A 54 1.18 -25.27 12.30
CA PHE A 54 0.62 -24.79 13.56
C PHE A 54 0.72 -23.27 13.64
N ASP A 55 1.54 -22.68 12.77
CA ASP A 55 1.72 -21.24 12.74
C ASP A 55 0.84 -20.60 11.67
N PHE A 56 -0.42 -20.38 12.01
CA PHE A 56 -1.36 -19.77 11.07
C PHE A 56 -0.99 -18.32 10.77
N GLU A 57 -0.90 -17.51 11.82
CA GLU A 57 -0.55 -16.11 11.68
C GLU A 57 0.49 -15.92 10.57
N GLY A 58 1.52 -16.76 10.59
CA GLY A 58 2.56 -16.68 9.59
C GLY A 58 2.22 -17.43 8.31
N LYS A 59 1.32 -18.40 8.44
CA LYS A 59 0.91 -19.20 7.28
C LYS A 59 0.14 -18.35 6.28
N GLN A 60 -0.97 -17.78 6.72
CA GLN A 60 -1.80 -16.94 5.87
C GLN A 60 -0.95 -15.89 5.15
N LYS A 61 -0.19 -15.13 5.93
CA LYS A 61 0.67 -14.09 5.37
C LYS A 61 1.55 -14.64 4.27
N TRP A 62 2.32 -15.68 4.59
CA TRP A 62 3.21 -16.31 3.62
C TRP A 62 2.45 -16.70 2.36
N GLU A 63 1.26 -17.27 2.54
CA GLU A 63 0.43 -17.69 1.42
C GLU A 63 0.11 -16.51 0.51
N ALA A 64 -0.73 -15.61 0.99
CA ALA A 64 -1.13 -14.44 0.22
C ALA A 64 0.03 -13.94 -0.65
N TRP A 65 1.16 -13.69 -0.02
CA TRP A 65 2.35 -13.20 -0.73
C TRP A 65 2.91 -14.29 -1.64
N LYS A 66 2.83 -15.54 -1.18
CA LYS A 66 3.33 -16.67 -1.95
C LYS A 66 2.66 -16.75 -3.31
N ALA A 67 1.34 -16.56 -3.33
CA ALA A 67 0.58 -16.62 -4.57
C ALA A 67 1.10 -15.58 -5.57
N LEU A 68 1.78 -14.55 -5.06
CA LEU A 68 2.32 -13.50 -5.90
C LEU A 68 3.75 -13.83 -6.33
N GLY A 69 3.96 -15.04 -6.84
CA GLY A 69 5.28 -15.45 -7.27
C GLY A 69 5.70 -14.78 -8.57
N ASP A 70 4.75 -14.63 -9.48
CA ASP A 70 5.03 -13.99 -10.76
C ASP A 70 4.32 -12.65 -10.88
N SER A 71 4.15 -11.98 -9.74
CA SER A 71 3.48 -10.68 -9.71
C SER A 71 4.47 -9.55 -9.98
N SER A 72 3.97 -8.32 -9.97
CA SER A 72 4.80 -7.15 -10.21
C SER A 72 4.69 -6.15 -9.08
N PRO A 73 5.72 -5.31 -8.91
CA PRO A 73 5.75 -4.29 -7.86
C PRO A 73 4.76 -3.16 -8.12
N SER A 74 4.79 -2.62 -9.33
CA SER A 74 3.89 -1.53 -9.70
C SER A 74 2.44 -2.01 -9.72
N GLN A 75 2.24 -3.26 -10.11
CA GLN A 75 0.90 -3.84 -10.17
C GLN A 75 0.41 -4.20 -8.78
N ALA A 76 1.32 -4.27 -7.83
CA ALA A 76 0.97 -4.61 -6.45
C ALA A 76 0.63 -3.36 -5.64
N MET A 77 1.13 -2.22 -6.11
CA MET A 77 0.87 -0.95 -5.43
C MET A 77 -0.52 -0.42 -5.76
N GLN A 78 -0.90 -0.53 -7.03
CA GLN A 78 -2.20 -0.06 -7.48
C GLN A 78 -3.32 -0.60 -6.57
N GLU A 79 -3.34 -1.92 -6.41
CA GLU A 79 -4.35 -2.55 -5.57
C GLU A 79 -4.15 -2.20 -4.11
N TYR A 80 -2.90 -2.23 -3.66
CA TYR A 80 -2.58 -1.91 -2.28
C TYR A 80 -3.11 -0.53 -1.89
N ILE A 81 -3.12 0.38 -2.86
CA ILE A 81 -3.61 1.74 -2.62
C ILE A 81 -5.13 1.80 -2.74
N ALA A 82 -5.63 1.49 -3.94
CA ALA A 82 -7.08 1.51 -4.18
C ALA A 82 -7.85 1.10 -2.93
N VAL A 83 -7.51 -0.06 -2.38
CA VAL A 83 -8.18 -0.56 -1.18
C VAL A 83 -8.29 0.53 -0.12
N VAL A 84 -7.16 1.10 0.26
CA VAL A 84 -7.13 2.16 1.26
C VAL A 84 -8.15 3.26 0.94
N LYS A 85 -8.45 3.40 -0.35
CA LYS A 85 -9.41 4.41 -0.79
C LYS A 85 -10.84 3.93 -0.57
N LYS A 86 -11.05 2.63 -0.71
CA LYS A 86 -12.37 2.05 -0.53
C LYS A 86 -12.83 2.17 0.93
N LEU A 87 -11.87 2.24 1.84
CA LEU A 87 -12.16 2.37 3.26
C LEU A 87 -12.32 3.83 3.66
N ASP A 88 -11.39 4.66 3.18
CA ASP A 88 -11.43 6.09 3.49
C ASP A 88 -11.34 6.92 2.21
N PRO A 89 -12.51 7.22 1.61
CA PRO A 89 -12.60 8.00 0.38
C PRO A 89 -12.24 9.47 0.60
N GLY A 90 -12.00 9.83 1.86
CA GLY A 90 -11.64 11.20 2.18
C GLY A 90 -10.15 11.38 2.37
N TRP A 91 -9.36 10.63 1.61
CA TRP A 91 -7.91 10.71 1.70
C TRP A 91 -7.33 11.47 0.52
N ASN A 92 -6.78 12.65 0.79
CA ASN A 92 -6.19 13.47 -0.27
C ASN A 92 -4.67 13.49 -0.15
N PRO A 93 -4.02 12.52 -0.80
CA PRO A 93 -2.55 12.40 -0.80
C PRO A 93 -1.88 13.53 -1.58
N GLN A 94 -2.67 14.28 -2.33
CA GLN A 94 -2.15 15.38 -3.13
C GLN A 94 -2.99 16.63 -2.94
N ILE A 95 -2.61 17.46 -1.96
CA ILE A 95 -3.33 18.69 -1.68
C ILE A 95 -2.78 19.85 -2.50
N PRO A 96 -3.68 20.52 -3.24
CA PRO A 96 -3.30 21.66 -4.08
C PRO A 96 -2.92 22.89 -3.27
N GLU A 97 -3.50 23.01 -2.07
CA GLU A 97 -3.20 24.14 -1.20
C GLU A 97 -1.70 24.27 -0.95
N LYS A 98 -1.26 25.49 -0.69
CA LYS A 98 0.15 25.74 -0.44
C LYS A 98 0.33 26.78 0.67
N LYS A 99 1.53 26.83 1.23
CA LYS A 99 1.84 27.78 2.30
C LYS A 99 1.52 29.21 1.87
N GLY A 100 0.77 29.93 2.69
CA GLY A 100 0.41 31.30 2.38
C GLY A 100 1.48 32.28 2.79
N LYS A 101 1.80 32.28 4.08
CA LYS A 101 2.82 33.19 4.62
C LYS A 101 4.20 32.84 4.06
N GLU A 102 4.73 33.72 3.21
CA GLU A 102 6.04 33.50 2.61
C GLU A 102 7.08 34.43 3.23
N ALA A 103 7.99 33.86 4.02
CA ALA A 103 9.03 34.63 4.67
C ALA A 103 9.86 35.39 3.65
N SER A 104 9.50 36.66 3.42
CA SER A 104 10.21 37.49 2.46
C SER A 104 9.89 37.07 1.03
N GLY A 105 8.66 36.64 0.80
CA GLY A 105 8.25 36.22 -0.52
C GLY A 105 7.15 37.08 -1.11
N PRO A 106 7.54 38.08 -1.92
CA PRO A 106 6.59 39.00 -2.55
C PRO A 106 5.75 38.32 -3.62
N SER A 107 6.05 37.05 -3.89
CA SER A 107 5.32 36.29 -4.90
C SER A 107 3.84 36.18 -4.53
N SER A 108 3.00 35.91 -5.53
CA SER A 108 1.57 35.78 -5.31
C SER A 108 1.28 34.75 -4.23
N GLY A 109 0.19 34.95 -3.51
CA GLY A 109 -0.20 34.02 -2.45
C GLY A 109 -1.31 33.08 -2.87
N GLY A 1 -11.07 8.64 -13.02
CA GLY A 1 -10.66 8.16 -14.32
C GLY A 1 -9.59 9.03 -14.95
N SER A 2 -8.42 8.44 -15.19
CA SER A 2 -7.31 9.18 -15.79
C SER A 2 -6.47 8.27 -16.69
N SER A 3 -6.19 8.74 -17.90
CA SER A 3 -5.41 7.97 -18.86
C SER A 3 -4.30 7.20 -18.15
N GLY A 4 -3.48 7.92 -17.38
CA GLY A 4 -2.40 7.28 -16.66
C GLY A 4 -1.87 8.14 -15.53
N SER A 5 -2.33 7.86 -14.31
CA SER A 5 -1.91 8.63 -13.14
C SER A 5 -0.40 8.48 -12.91
N SER A 6 0.32 9.59 -13.05
CA SER A 6 1.77 9.59 -12.87
C SER A 6 2.12 9.58 -11.38
N GLY A 7 3.35 9.18 -11.08
CA GLY A 7 3.80 9.13 -9.70
C GLY A 7 3.03 8.11 -8.87
N LEU A 8 3.30 6.84 -9.09
CA LEU A 8 2.63 5.77 -8.37
C LEU A 8 3.36 5.46 -7.06
N ALA A 9 4.57 4.93 -7.19
CA ALA A 9 5.37 4.58 -6.03
C ALA A 9 5.17 5.59 -4.90
N GLU A 10 5.45 6.86 -5.18
CA GLU A 10 5.30 7.92 -4.20
C GLU A 10 4.10 7.65 -3.30
N LEU A 11 2.97 7.32 -3.91
CA LEU A 11 1.74 7.04 -3.17
C LEU A 11 1.90 5.79 -2.32
N PHE A 12 2.31 4.70 -2.95
CA PHE A 12 2.51 3.43 -2.26
C PHE A 12 3.12 3.65 -0.87
N GLU A 13 4.04 4.61 -0.79
CA GLU A 13 4.70 4.92 0.47
C GLU A 13 3.74 5.63 1.43
N LYS A 14 3.19 6.75 0.98
CA LYS A 14 2.25 7.52 1.79
C LYS A 14 1.12 6.64 2.31
N ALA A 15 0.44 5.96 1.38
CA ALA A 15 -0.66 5.07 1.74
C ALA A 15 -0.29 4.18 2.91
N ALA A 16 0.89 3.57 2.84
CA ALA A 16 1.37 2.69 3.90
C ALA A 16 1.17 3.32 5.27
N ALA A 17 1.57 4.57 5.41
CA ALA A 17 1.43 5.29 6.66
C ALA A 17 -0.03 5.42 7.07
N HIS A 18 -0.91 5.46 6.07
CA HIS A 18 -2.34 5.58 6.32
C HIS A 18 -2.93 4.26 6.81
N LEU A 19 -2.33 3.16 6.38
CA LEU A 19 -2.78 1.83 6.78
C LEU A 19 -3.02 1.77 8.28
N GLN A 20 -2.02 2.17 9.05
CA GLN A 20 -2.12 2.16 10.51
C GLN A 20 -3.30 3.02 10.98
N GLY A 21 -3.71 3.96 10.14
CA GLY A 21 -4.82 4.83 10.49
C GLY A 21 -6.15 4.27 10.02
N LEU A 22 -6.10 3.22 9.20
CA LEU A 22 -7.32 2.60 8.68
C LEU A 22 -7.48 1.19 9.24
N ILE A 23 -6.80 0.92 10.35
CA ILE A 23 -6.87 -0.40 10.98
C ILE A 23 -8.25 -0.63 11.57
N GLN A 24 -8.88 0.43 12.06
CA GLN A 24 -10.21 0.33 12.65
C GLN A 24 -11.27 0.11 11.58
N VAL A 25 -10.91 0.40 10.34
CA VAL A 25 -11.83 0.23 9.21
C VAL A 25 -11.41 -0.92 8.32
N ALA A 26 -10.17 -1.38 8.49
CA ALA A 26 -9.64 -2.49 7.71
C ALA A 26 -9.95 -3.82 8.37
N SER A 27 -10.46 -4.76 7.58
CA SER A 27 -10.80 -6.09 8.10
C SER A 27 -9.57 -6.98 8.14
N ARG A 28 -9.57 -7.93 9.08
CA ARG A 28 -8.46 -8.85 9.23
C ARG A 28 -7.93 -9.30 7.87
N GLU A 29 -8.83 -9.46 6.91
CA GLU A 29 -8.46 -9.88 5.56
C GLU A 29 -7.81 -8.72 4.79
N GLN A 30 -8.43 -7.55 4.87
CA GLN A 30 -7.92 -6.37 4.19
C GLN A 30 -6.48 -6.08 4.60
N LEU A 31 -6.18 -6.31 5.88
CA LEU A 31 -4.84 -6.07 6.41
C LEU A 31 -3.81 -6.92 5.68
N LEU A 32 -4.16 -8.18 5.44
CA LEU A 32 -3.26 -9.10 4.75
C LEU A 32 -3.17 -8.78 3.26
N TYR A 33 -4.32 -8.50 2.66
CA TYR A 33 -4.38 -8.16 1.24
C TYR A 33 -3.29 -7.15 0.87
N LEU A 34 -3.04 -6.21 1.77
CA LEU A 34 -2.04 -5.18 1.55
C LEU A 34 -0.64 -5.72 1.86
N TYR A 35 -0.57 -6.68 2.77
CA TYR A 35 0.70 -7.28 3.17
C TYR A 35 1.31 -8.07 2.01
N ALA A 36 0.51 -8.95 1.43
CA ALA A 36 0.97 -9.77 0.31
C ALA A 36 1.54 -8.90 -0.81
N ARG A 37 0.69 -8.09 -1.41
CA ARG A 37 1.11 -7.21 -2.49
C ARG A 37 2.31 -6.37 -2.08
N TYR A 38 2.21 -5.74 -0.91
CA TYR A 38 3.29 -4.90 -0.40
C TYR A 38 4.57 -5.70 -0.23
N LYS A 39 4.43 -6.98 0.10
CA LYS A 39 5.58 -7.85 0.28
C LYS A 39 6.12 -8.33 -1.06
N GLN A 40 5.33 -8.13 -2.12
CA GLN A 40 5.73 -8.54 -3.46
C GLN A 40 6.38 -7.38 -4.21
N VAL A 41 6.07 -6.16 -3.80
CA VAL A 41 6.63 -4.97 -4.43
C VAL A 41 7.94 -4.57 -3.78
N LYS A 42 8.09 -4.91 -2.50
CA LYS A 42 9.31 -4.58 -1.77
C LYS A 42 10.37 -5.68 -1.96
N VAL A 43 9.98 -6.91 -1.68
CA VAL A 43 10.90 -8.04 -1.82
C VAL A 43 10.85 -8.61 -3.24
N GLY A 44 9.72 -9.18 -3.62
CA GLY A 44 9.57 -9.75 -4.94
C GLY A 44 9.19 -11.22 -4.90
N ASN A 45 9.71 -11.99 -5.84
CA ASN A 45 9.42 -13.42 -5.92
C ASN A 45 9.60 -14.08 -4.56
N CYS A 46 8.50 -14.52 -3.97
CA CYS A 46 8.52 -15.17 -2.67
C CYS A 46 9.63 -16.22 -2.61
N ASN A 47 10.50 -16.10 -1.62
CA ASN A 47 11.61 -17.04 -1.46
C ASN A 47 11.63 -17.62 -0.04
N THR A 48 11.30 -16.79 0.94
CA THR A 48 11.28 -17.23 2.32
C THR A 48 10.68 -18.62 2.46
N PRO A 49 11.06 -19.33 3.53
CA PRO A 49 10.58 -20.69 3.80
C PRO A 49 9.10 -20.70 4.20
N LYS A 50 8.41 -21.76 3.81
CA LYS A 50 6.99 -21.90 4.13
C LYS A 50 6.78 -22.07 5.63
N PRO A 51 5.79 -21.33 6.17
CA PRO A 51 5.47 -21.38 7.61
C PRO A 51 4.84 -22.70 8.02
N SER A 52 5.02 -23.07 9.27
CA SER A 52 4.48 -24.32 9.79
C SER A 52 2.96 -24.25 9.91
N PHE A 53 2.32 -25.40 9.94
CA PHE A 53 0.86 -25.47 10.04
C PHE A 53 0.38 -24.75 11.31
N PHE A 54 1.04 -25.02 12.42
CA PHE A 54 0.68 -24.39 13.69
C PHE A 54 0.65 -22.87 13.57
N ASP A 55 1.69 -22.32 12.96
CA ASP A 55 1.80 -20.88 12.77
C ASP A 55 0.81 -20.39 11.72
N PHE A 56 -0.47 -20.32 12.10
CA PHE A 56 -1.51 -19.88 11.18
C PHE A 56 -1.30 -18.43 10.77
N GLU A 57 -1.26 -17.53 11.75
CA GLU A 57 -1.06 -16.11 11.49
C GLU A 57 -0.06 -15.91 10.36
N GLY A 58 1.14 -16.44 10.54
CA GLY A 58 2.17 -16.31 9.53
C GLY A 58 1.84 -17.06 8.25
N LYS A 59 1.08 -18.13 8.39
CA LYS A 59 0.69 -18.96 7.25
C LYS A 59 -0.02 -18.11 6.19
N GLN A 60 -1.09 -17.43 6.60
CA GLN A 60 -1.85 -16.59 5.69
C GLN A 60 -0.96 -15.53 5.06
N LYS A 61 -0.13 -14.89 5.87
CA LYS A 61 0.77 -13.85 5.39
C LYS A 61 1.67 -14.40 4.29
N TRP A 62 2.47 -15.41 4.62
CA TRP A 62 3.38 -16.02 3.65
C TRP A 62 2.63 -16.47 2.40
N GLU A 63 1.52 -17.18 2.60
CA GLU A 63 0.72 -17.67 1.50
C GLU A 63 0.32 -16.53 0.57
N ALA A 64 -0.58 -15.67 1.03
CA ALA A 64 -1.04 -14.53 0.24
C ALA A 64 0.08 -13.98 -0.63
N TRP A 65 1.23 -13.70 0.00
CA TRP A 65 2.38 -13.15 -0.72
C TRP A 65 2.92 -14.17 -1.71
N LYS A 66 2.95 -15.45 -1.30
CA LYS A 66 3.45 -16.51 -2.16
C LYS A 66 2.68 -16.55 -3.48
N ALA A 67 1.36 -16.47 -3.39
CA ALA A 67 0.52 -16.50 -4.59
C ALA A 67 1.02 -15.52 -5.64
N LEU A 68 1.63 -14.43 -5.19
CA LEU A 68 2.16 -13.41 -6.09
C LEU A 68 3.58 -13.76 -6.52
N GLY A 69 3.75 -14.95 -7.08
CA GLY A 69 5.06 -15.39 -7.53
C GLY A 69 5.78 -14.33 -8.34
N ASP A 70 5.41 -14.19 -9.60
CA ASP A 70 6.01 -13.20 -10.48
C ASP A 70 5.04 -12.07 -10.80
N SER A 71 4.49 -11.45 -9.75
CA SER A 71 3.54 -10.37 -9.91
C SER A 71 4.26 -9.01 -9.91
N SER A 72 4.03 -8.24 -10.96
CA SER A 72 4.66 -6.93 -11.09
C SER A 72 4.41 -6.09 -9.84
N PRO A 73 5.35 -5.18 -9.54
CA PRO A 73 5.26 -4.30 -8.37
C PRO A 73 4.16 -3.25 -8.52
N SER A 74 4.16 -2.54 -9.64
CA SER A 74 3.17 -1.51 -9.90
C SER A 74 1.76 -2.09 -9.84
N GLN A 75 1.59 -3.28 -10.39
CA GLN A 75 0.30 -3.94 -10.39
C GLN A 75 -0.14 -4.30 -8.97
N ALA A 76 0.82 -4.35 -8.05
CA ALA A 76 0.54 -4.68 -6.67
C ALA A 76 0.35 -3.41 -5.83
N MET A 77 0.86 -2.29 -6.34
CA MET A 77 0.74 -1.02 -5.64
C MET A 77 -0.56 -0.32 -6.00
N GLN A 78 -0.95 -0.41 -7.27
CA GLN A 78 -2.18 0.22 -7.73
C GLN A 78 -3.37 -0.21 -6.88
N GLU A 79 -3.49 -1.52 -6.67
CA GLU A 79 -4.59 -2.06 -5.87
C GLU A 79 -4.35 -1.84 -4.39
N TYR A 80 -3.12 -2.06 -3.95
CA TYR A 80 -2.75 -1.89 -2.55
C TYR A 80 -3.16 -0.52 -2.06
N ILE A 81 -3.15 0.46 -2.95
CA ILE A 81 -3.53 1.83 -2.61
C ILE A 81 -5.03 2.02 -2.68
N ALA A 82 -5.58 1.86 -3.88
CA ALA A 82 -7.02 2.00 -4.09
C ALA A 82 -7.80 1.57 -2.85
N VAL A 83 -7.58 0.33 -2.41
CA VAL A 83 -8.26 -0.20 -1.24
C VAL A 83 -8.29 0.83 -0.11
N VAL A 84 -7.11 1.27 0.30
CA VAL A 84 -6.99 2.25 1.39
C VAL A 84 -7.92 3.44 1.14
N LYS A 85 -8.24 3.68 -0.13
CA LYS A 85 -9.12 4.78 -0.49
C LYS A 85 -10.59 4.41 -0.29
N LYS A 86 -10.91 3.15 -0.55
CA LYS A 86 -12.28 2.66 -0.39
C LYS A 86 -12.72 2.74 1.06
N LEU A 87 -11.75 2.68 1.98
CA LEU A 87 -12.03 2.75 3.40
C LEU A 87 -12.12 4.19 3.87
N ASP A 88 -11.13 5.00 3.48
CA ASP A 88 -11.07 6.40 3.86
C ASP A 88 -10.99 7.30 2.63
N PRO A 89 -12.15 7.75 2.15
CA PRO A 89 -12.23 8.62 0.97
C PRO A 89 -11.69 10.01 1.25
N GLY A 90 -11.43 10.31 2.52
CA GLY A 90 -10.90 11.61 2.89
C GLY A 90 -9.40 11.59 3.14
N TRP A 91 -8.66 11.03 2.18
CA TRP A 91 -7.21 10.95 2.31
C TRP A 91 -6.52 11.75 1.19
N ASN A 92 -5.69 12.71 1.59
CA ASN A 92 -4.97 13.53 0.63
C ASN A 92 -3.46 13.37 0.79
N PRO A 93 -2.81 12.84 -0.25
CA PRO A 93 -1.35 12.62 -0.24
C PRO A 93 -0.58 13.93 -0.30
N GLN A 94 -1.05 14.86 -1.12
CA GLN A 94 -0.40 16.15 -1.27
C GLN A 94 -1.05 17.20 -0.37
N ILE A 95 -0.45 17.44 0.79
CA ILE A 95 -0.97 18.41 1.74
C ILE A 95 -0.29 19.76 1.58
N PRO A 96 -1.09 20.81 1.33
CA PRO A 96 -0.58 22.17 1.14
C PRO A 96 -0.04 22.76 2.45
N GLU A 97 -0.83 22.66 3.51
CA GLU A 97 -0.44 23.19 4.81
C GLU A 97 0.78 22.44 5.36
N LYS A 98 1.34 22.95 6.45
CA LYS A 98 2.50 22.34 7.07
C LYS A 98 3.60 22.09 6.04
N LYS A 99 4.00 23.14 5.34
CA LYS A 99 5.04 23.05 4.33
C LYS A 99 6.33 23.72 4.81
N GLY A 100 6.18 24.90 5.40
CA GLY A 100 7.34 25.63 5.89
C GLY A 100 7.01 27.06 6.26
N LYS A 101 8.02 27.80 6.73
CA LYS A 101 7.84 29.18 7.11
C LYS A 101 8.85 30.09 6.41
N GLU A 102 8.59 31.39 6.44
CA GLU A 102 9.49 32.35 5.82
C GLU A 102 10.66 32.70 6.74
N ALA A 103 10.34 33.28 7.89
CA ALA A 103 11.36 33.65 8.87
C ALA A 103 10.84 33.49 10.30
N SER A 104 11.73 33.63 11.26
CA SER A 104 11.37 33.49 12.67
C SER A 104 10.95 34.83 13.26
N GLY A 105 9.64 35.02 13.39
CA GLY A 105 9.13 36.26 13.96
C GLY A 105 9.02 37.36 12.91
N PRO A 106 8.63 38.57 13.36
CA PRO A 106 8.48 39.72 12.47
C PRO A 106 9.82 40.24 11.95
N SER A 107 9.77 41.06 10.90
CA SER A 107 10.98 41.61 10.31
C SER A 107 11.87 42.23 11.38
N SER A 108 11.27 43.01 12.27
CA SER A 108 12.01 43.66 13.34
C SER A 108 11.06 44.26 14.38
N GLY A 109 11.09 43.70 15.59
CA GLY A 109 10.23 44.20 16.65
C GLY A 109 11.01 44.75 17.83
N GLY A 1 -4.86 4.11 -27.57
CA GLY A 1 -4.50 4.99 -26.48
C GLY A 1 -4.96 4.47 -25.14
N SER A 2 -4.59 5.17 -24.07
CA SER A 2 -4.97 4.77 -22.72
C SER A 2 -4.56 5.83 -21.70
N SER A 3 -5.11 5.72 -20.49
CA SER A 3 -4.81 6.68 -19.43
C SER A 3 -3.51 6.31 -18.73
N GLY A 4 -2.94 7.28 -18.02
CA GLY A 4 -1.70 7.04 -17.31
C GLY A 4 -1.60 7.86 -16.04
N SER A 5 -0.56 7.59 -15.25
CA SER A 5 -0.36 8.31 -13.99
C SER A 5 1.02 8.96 -13.97
N SER A 6 1.16 10.00 -13.14
CA SER A 6 2.42 10.72 -13.03
C SER A 6 3.37 10.01 -12.06
N GLY A 7 2.81 9.20 -11.18
CA GLY A 7 3.61 8.48 -10.22
C GLY A 7 2.79 7.52 -9.37
N LEU A 8 3.08 6.23 -9.47
CA LEU A 8 2.36 5.22 -8.71
C LEU A 8 3.08 4.92 -7.40
N ALA A 9 4.40 4.84 -7.45
CA ALA A 9 5.20 4.57 -6.26
C ALA A 9 4.97 5.62 -5.19
N GLU A 10 5.31 6.86 -5.50
CA GLU A 10 5.13 7.97 -4.55
C GLU A 10 3.87 7.78 -3.73
N LEU A 11 2.81 7.31 -4.39
CA LEU A 11 1.53 7.09 -3.72
C LEU A 11 1.61 5.92 -2.74
N PHE A 12 2.19 4.81 -3.22
CA PHE A 12 2.34 3.63 -2.38
C PHE A 12 2.92 3.98 -1.02
N GLU A 13 3.83 4.95 -1.00
CA GLU A 13 4.47 5.38 0.23
C GLU A 13 3.47 6.12 1.13
N LYS A 14 2.75 7.07 0.54
CA LYS A 14 1.76 7.85 1.29
C LYS A 14 0.67 6.95 1.84
N ALA A 15 0.05 6.16 0.96
CA ALA A 15 -1.01 5.25 1.35
C ALA A 15 -0.61 4.42 2.57
N ALA A 16 0.59 3.85 2.51
CA ALA A 16 1.10 3.04 3.61
C ALA A 16 0.89 3.74 4.96
N ALA A 17 1.26 5.02 5.02
CA ALA A 17 1.10 5.79 6.25
C ALA A 17 -0.37 5.92 6.63
N HIS A 18 -1.24 5.91 5.64
CA HIS A 18 -2.68 6.03 5.88
C HIS A 18 -3.24 4.71 6.42
N LEU A 19 -2.63 3.61 6.02
CA LEU A 19 -3.07 2.29 6.46
C LEU A 19 -3.30 2.26 7.97
N GLN A 20 -2.29 2.70 8.72
CA GLN A 20 -2.40 2.74 10.18
C GLN A 20 -3.60 3.55 10.62
N GLY A 21 -4.02 4.48 9.78
CA GLY A 21 -5.17 5.31 10.11
C GLY A 21 -6.48 4.70 9.68
N LEU A 22 -6.40 3.64 8.87
CA LEU A 22 -7.59 2.95 8.40
C LEU A 22 -7.71 1.57 9.02
N ILE A 23 -6.98 1.34 10.11
CA ILE A 23 -7.02 0.06 10.79
C ILE A 23 -8.39 -0.22 11.39
N GLN A 24 -9.01 0.83 11.95
CA GLN A 24 -10.33 0.69 12.55
C GLN A 24 -11.39 0.43 11.48
N VAL A 25 -11.05 0.72 10.23
CA VAL A 25 -11.98 0.51 9.12
C VAL A 25 -11.57 -0.69 8.30
N ALA A 26 -10.31 -1.13 8.46
CA ALA A 26 -9.80 -2.27 7.72
C ALA A 26 -10.05 -3.58 8.48
N SER A 27 -10.63 -4.55 7.79
CA SER A 27 -10.93 -5.84 8.40
C SER A 27 -9.69 -6.73 8.43
N ARG A 28 -9.58 -7.56 9.47
CA ARG A 28 -8.44 -8.45 9.61
C ARG A 28 -7.99 -8.98 8.26
N GLU A 29 -8.93 -9.11 7.33
CA GLU A 29 -8.62 -9.60 5.99
C GLU A 29 -7.92 -8.52 5.17
N GLN A 30 -8.49 -7.33 5.15
CA GLN A 30 -7.91 -6.22 4.40
C GLN A 30 -6.45 -6.02 4.75
N LEU A 31 -6.14 -6.00 6.04
CA LEU A 31 -4.77 -5.82 6.51
C LEU A 31 -3.81 -6.73 5.74
N LEU A 32 -4.12 -8.03 5.74
CA LEU A 32 -3.28 -9.01 5.04
C LEU A 32 -3.19 -8.67 3.55
N TYR A 33 -4.34 -8.41 2.94
CA TYR A 33 -4.39 -8.07 1.52
C TYR A 33 -3.28 -7.10 1.14
N LEU A 34 -3.06 -6.10 2.00
CA LEU A 34 -2.03 -5.10 1.76
C LEU A 34 -0.65 -5.65 2.11
N TYR A 35 -0.62 -6.62 3.02
CA TYR A 35 0.64 -7.24 3.44
C TYR A 35 1.29 -7.99 2.29
N ALA A 36 0.53 -8.88 1.66
CA ALA A 36 1.03 -9.67 0.54
C ALA A 36 1.63 -8.77 -0.54
N ARG A 37 0.78 -7.96 -1.16
CA ARG A 37 1.22 -7.05 -2.21
C ARG A 37 2.37 -6.17 -1.72
N TYR A 38 2.25 -5.70 -0.48
CA TYR A 38 3.28 -4.84 0.10
C TYR A 38 4.61 -5.58 0.22
N LYS A 39 4.53 -6.88 0.50
CA LYS A 39 5.73 -7.70 0.64
C LYS A 39 6.30 -8.05 -0.73
N GLN A 40 5.48 -7.95 -1.76
CA GLN A 40 5.91 -8.26 -3.12
C GLN A 40 6.60 -7.06 -3.76
N VAL A 41 6.19 -5.85 -3.35
CA VAL A 41 6.77 -4.63 -3.88
C VAL A 41 8.10 -4.31 -3.19
N LYS A 42 8.24 -4.77 -1.95
CA LYS A 42 9.46 -4.53 -1.19
C LYS A 42 10.46 -5.68 -1.39
N VAL A 43 9.98 -6.91 -1.28
CA VAL A 43 10.82 -8.07 -1.45
C VAL A 43 10.72 -8.62 -2.86
N GLY A 44 9.55 -9.14 -3.22
CA GLY A 44 9.35 -9.69 -4.55
C GLY A 44 8.88 -11.13 -4.51
N ASN A 45 9.22 -11.89 -5.55
CA ASN A 45 8.83 -13.29 -5.64
C ASN A 45 9.17 -14.02 -4.35
N CYS A 46 8.14 -14.49 -3.65
CA CYS A 46 8.33 -15.21 -2.39
C CYS A 46 9.58 -16.09 -2.47
N ASN A 47 10.48 -15.90 -1.51
CA ASN A 47 11.71 -16.67 -1.46
C ASN A 47 11.89 -17.34 -0.09
N THR A 48 10.78 -17.77 0.49
CA THR A 48 10.81 -18.42 1.80
C THR A 48 10.09 -19.77 1.76
N PRO A 49 10.62 -20.75 2.52
CA PRO A 49 10.03 -22.08 2.58
C PRO A 49 8.71 -22.10 3.32
N LYS A 50 7.79 -22.97 2.87
CA LYS A 50 6.48 -23.08 3.49
C LYS A 50 6.60 -23.13 5.01
N PRO A 51 5.83 -22.26 5.69
CA PRO A 51 5.82 -22.17 7.15
C PRO A 51 5.19 -23.40 7.80
N SER A 52 5.28 -23.49 9.12
CA SER A 52 4.71 -24.61 9.85
C SER A 52 3.20 -24.51 9.93
N PHE A 53 2.52 -25.62 9.69
CA PHE A 53 1.06 -25.66 9.73
C PHE A 53 0.53 -24.95 10.98
N PHE A 54 1.23 -25.13 12.09
CA PHE A 54 0.83 -24.51 13.35
C PHE A 54 0.88 -22.99 13.25
N ASP A 55 2.00 -22.48 12.74
CA ASP A 55 2.18 -21.04 12.59
C ASP A 55 1.17 -20.47 11.60
N PHE A 56 -0.04 -20.20 12.08
CA PHE A 56 -1.09 -19.66 11.24
C PHE A 56 -0.76 -18.23 10.81
N GLU A 57 -0.38 -17.40 11.78
CA GLU A 57 -0.04 -16.01 11.50
C GLU A 57 0.91 -15.91 10.31
N GLY A 58 1.91 -16.79 10.28
CA GLY A 58 2.87 -16.79 9.19
C GLY A 58 2.38 -17.56 7.98
N LYS A 59 1.44 -18.48 8.21
CA LYS A 59 0.89 -19.29 7.13
C LYS A 59 0.15 -18.42 6.13
N GLN A 60 -0.94 -17.80 6.57
CA GLN A 60 -1.74 -16.95 5.71
C GLN A 60 -0.85 -16.00 4.90
N LYS A 61 -0.02 -15.23 5.60
CA LYS A 61 0.88 -14.30 4.95
C LYS A 61 1.70 -14.99 3.86
N TRP A 62 2.54 -15.93 4.27
CA TRP A 62 3.37 -16.66 3.33
C TRP A 62 2.61 -16.98 2.05
N GLU A 63 1.40 -17.52 2.22
CA GLU A 63 0.56 -17.88 1.08
C GLU A 63 0.21 -16.65 0.25
N ALA A 64 -0.55 -15.73 0.86
CA ALA A 64 -0.96 -14.51 0.17
C ALA A 64 0.18 -13.94 -0.66
N TRP A 65 1.34 -13.77 -0.03
CA TRP A 65 2.51 -13.24 -0.73
C TRP A 65 3.09 -14.26 -1.68
N LYS A 66 2.91 -15.54 -1.36
CA LYS A 66 3.42 -16.62 -2.20
C LYS A 66 2.72 -16.64 -3.55
N ALA A 67 1.40 -16.57 -3.53
CA ALA A 67 0.61 -16.57 -4.75
C ALA A 67 1.12 -15.53 -5.74
N LEU A 68 1.82 -14.53 -5.22
CA LEU A 68 2.37 -13.46 -6.06
C LEU A 68 3.81 -13.77 -6.46
N GLY A 69 4.01 -14.96 -7.02
CA GLY A 69 5.35 -15.36 -7.44
C GLY A 69 5.77 -14.69 -8.73
N ASP A 70 4.83 -14.53 -9.65
CA ASP A 70 5.12 -13.90 -10.94
C ASP A 70 4.41 -12.56 -11.04
N SER A 71 4.26 -11.88 -9.91
CA SER A 71 3.61 -10.57 -9.88
C SER A 71 4.62 -9.44 -10.04
N SER A 72 4.13 -8.20 -9.97
CA SER A 72 5.00 -7.04 -10.11
C SER A 72 4.78 -6.06 -8.96
N PRO A 73 5.76 -5.18 -8.74
CA PRO A 73 5.70 -4.17 -7.68
C PRO A 73 4.67 -3.09 -7.97
N SER A 74 4.74 -2.51 -9.16
CA SER A 74 3.80 -1.46 -9.55
C SER A 74 2.37 -1.99 -9.60
N GLN A 75 2.23 -3.27 -9.95
CA GLN A 75 0.93 -3.90 -10.04
C GLN A 75 0.37 -4.20 -8.64
N ALA A 76 1.26 -4.24 -7.66
CA ALA A 76 0.88 -4.52 -6.29
C ALA A 76 0.51 -3.23 -5.54
N MET A 77 1.05 -2.12 -6.02
CA MET A 77 0.78 -0.82 -5.40
C MET A 77 -0.58 -0.29 -5.82
N GLN A 78 -1.03 -0.70 -7.00
CA GLN A 78 -2.33 -0.26 -7.51
C GLN A 78 -3.45 -0.73 -6.61
N GLU A 79 -3.41 -2.01 -6.23
CA GLU A 79 -4.44 -2.58 -5.36
C GLU A 79 -4.21 -2.19 -3.91
N TYR A 80 -2.94 -2.11 -3.51
CA TYR A 80 -2.60 -1.74 -2.14
C TYR A 80 -3.07 -0.33 -1.82
N ILE A 81 -3.19 0.51 -2.85
CA ILE A 81 -3.63 1.87 -2.68
C ILE A 81 -5.15 1.98 -2.81
N ALA A 82 -5.64 1.73 -4.02
CA ALA A 82 -7.08 1.80 -4.28
C ALA A 82 -7.88 1.37 -3.06
N VAL A 83 -7.62 0.16 -2.57
CA VAL A 83 -8.31 -0.36 -1.40
C VAL A 83 -8.43 0.70 -0.31
N VAL A 84 -7.28 1.22 0.12
CA VAL A 84 -7.24 2.24 1.16
C VAL A 84 -8.20 3.38 0.85
N LYS A 85 -8.50 3.55 -0.44
CA LYS A 85 -9.40 4.61 -0.89
C LYS A 85 -10.85 4.24 -0.59
N LYS A 86 -11.16 2.95 -0.69
CA LYS A 86 -12.52 2.47 -0.44
C LYS A 86 -12.86 2.57 1.05
N LEU A 87 -11.86 2.41 1.90
CA LEU A 87 -12.05 2.49 3.34
C LEU A 87 -12.21 3.95 3.79
N ASP A 88 -11.45 4.84 3.17
CA ASP A 88 -11.51 6.26 3.51
C ASP A 88 -11.55 7.11 2.24
N PRO A 89 -12.78 7.45 1.80
CA PRO A 89 -12.99 8.27 0.60
C PRO A 89 -12.56 9.71 0.80
N GLY A 90 -12.05 10.01 1.99
CA GLY A 90 -11.61 11.36 2.29
C GLY A 90 -10.09 11.48 2.34
N TRP A 91 -9.42 10.82 1.40
CA TRP A 91 -7.96 10.85 1.35
C TRP A 91 -7.48 11.53 0.07
N ASN A 92 -6.48 12.40 0.21
CA ASN A 92 -5.93 13.12 -0.92
C ASN A 92 -4.41 13.23 -0.82
N PRO A 93 -3.70 12.67 -1.81
CA PRO A 93 -2.23 12.70 -1.84
C PRO A 93 -1.68 14.10 -2.11
N GLN A 94 -2.53 14.96 -2.67
CA GLN A 94 -2.13 16.33 -2.97
C GLN A 94 -2.62 17.29 -1.89
N ILE A 95 -1.88 17.37 -0.80
CA ILE A 95 -2.24 18.26 0.30
C ILE A 95 -1.27 19.43 0.40
N PRO A 96 -1.83 20.65 0.47
CA PRO A 96 -1.03 21.88 0.58
C PRO A 96 -0.35 22.00 1.93
N GLU A 97 -1.06 21.66 2.99
CA GLU A 97 -0.52 21.73 4.34
C GLU A 97 0.87 21.11 4.41
N LYS A 98 1.60 21.43 5.47
CA LYS A 98 2.95 20.89 5.66
C LYS A 98 2.92 19.62 6.50
N LYS A 99 3.33 18.50 5.90
CA LYS A 99 3.35 17.22 6.59
C LYS A 99 4.57 16.40 6.18
N GLY A 100 4.97 15.47 7.03
CA GLY A 100 6.10 14.63 6.74
C GLY A 100 7.26 14.85 7.70
N LYS A 101 8.09 13.83 7.88
CA LYS A 101 9.22 13.92 8.78
C LYS A 101 10.26 14.91 8.25
N GLU A 102 10.33 15.03 6.93
CA GLU A 102 11.27 15.94 6.30
C GLU A 102 10.57 16.82 5.27
N ALA A 103 11.01 18.07 5.18
CA ALA A 103 10.42 19.03 4.24
C ALA A 103 10.72 18.62 2.80
N SER A 104 12.00 18.62 2.45
CA SER A 104 12.42 18.25 1.11
C SER A 104 13.61 17.29 1.14
N GLY A 105 13.86 16.64 0.01
CA GLY A 105 14.97 15.70 -0.06
C GLY A 105 16.30 16.39 -0.26
N PRO A 106 17.31 15.97 0.53
CA PRO A 106 18.66 16.54 0.46
C PRO A 106 19.38 16.17 -0.82
N SER A 107 18.94 15.09 -1.45
CA SER A 107 19.55 14.61 -2.69
C SER A 107 20.01 15.79 -3.54
N SER A 108 19.10 16.72 -3.80
CA SER A 108 19.42 17.89 -4.61
C SER A 108 20.42 18.79 -3.90
N GLY A 109 21.28 19.44 -4.68
CA GLY A 109 22.28 20.32 -4.11
C GLY A 109 21.69 21.64 -3.64
#